data_1UCV
#
_entry.id   1UCV
#
_cell.length_a   1.000
_cell.length_b   1.000
_cell.length_c   1.000
_cell.angle_alpha   90.00
_cell.angle_beta   90.00
_cell.angle_gamma   90.00
#
_symmetry.space_group_name_H-M   'P 1'
#
_entity_poly.entity_id   1
_entity_poly.type   'polypeptide(L)'
_entity_poly.pdbx_seq_one_letter_code
;GSSGSSGLTVGDWLDSIRMGRYRDHFAAGGYSSLGMVLRMNAQDVRALGITLMGHQKKILGSIQTMRAQLTSTQGSGPSS
G
;
_entity_poly.pdbx_strand_id   A
#
# COMPACT_ATOMS: atom_id res chain seq x y z
N GLY A 1 -5.08 -5.51 15.43
CA GLY A 1 -5.71 -5.32 14.14
C GLY A 1 -5.64 -6.56 13.27
N SER A 2 -6.76 -7.24 13.11
CA SER A 2 -6.82 -8.45 12.30
C SER A 2 -7.13 -8.12 10.85
N SER A 3 -8.17 -7.32 10.64
CA SER A 3 -8.58 -6.93 9.29
C SER A 3 -7.53 -6.02 8.65
N GLY A 4 -7.26 -4.90 9.30
CA GLY A 4 -6.28 -3.95 8.78
C GLY A 4 -6.20 -2.69 9.61
N SER A 5 -5.02 -2.42 10.16
CA SER A 5 -4.80 -1.24 10.99
C SER A 5 -4.26 -0.09 10.15
N SER A 6 -4.80 1.11 10.39
CA SER A 6 -4.37 2.29 9.65
C SER A 6 -3.54 3.21 10.54
N GLY A 7 -2.57 3.88 9.94
CA GLY A 7 -1.73 4.79 10.69
C GLY A 7 -1.22 5.95 9.86
N LEU A 8 -0.78 5.66 8.64
CA LEU A 8 -0.28 6.69 7.74
C LEU A 8 -1.24 6.91 6.58
N THR A 9 -0.88 7.83 5.69
CA THR A 9 -1.71 8.14 4.53
C THR A 9 -1.12 7.54 3.25
N VAL A 10 -1.99 7.19 2.32
CA VAL A 10 -1.57 6.61 1.05
C VAL A 10 -0.30 7.30 0.53
N GLY A 11 -0.12 8.56 0.93
CA GLY A 11 1.03 9.31 0.50
C GLY A 11 2.30 8.90 1.22
N ASP A 12 2.25 8.89 2.55
CA ASP A 12 3.40 8.52 3.37
C ASP A 12 4.02 7.23 2.85
N TRP A 13 3.22 6.17 2.82
CA TRP A 13 3.69 4.87 2.36
C TRP A 13 4.25 4.95 0.94
N LEU A 14 3.39 5.30 -0.01
CA LEU A 14 3.80 5.43 -1.40
C LEU A 14 5.12 6.19 -1.51
N ASP A 15 5.26 7.24 -0.72
CA ASP A 15 6.47 8.06 -0.73
C ASP A 15 7.70 7.19 -0.52
N SER A 16 7.59 6.21 0.38
CA SER A 16 8.70 5.31 0.69
C SER A 16 9.27 4.71 -0.60
N ILE A 17 8.38 4.33 -1.51
CA ILE A 17 8.80 3.74 -2.78
C ILE A 17 8.82 4.77 -3.89
N ARG A 18 8.72 6.05 -3.51
CA ARG A 18 8.73 7.14 -4.48
C ARG A 18 7.55 7.01 -5.44
N MET A 19 6.40 6.60 -4.92
CA MET A 19 5.20 6.44 -5.74
C MET A 19 4.08 7.36 -5.25
N GLY A 20 4.37 8.10 -4.17
CA GLY A 20 3.37 9.01 -3.62
C GLY A 20 2.77 9.91 -4.68
N ARG A 21 3.47 10.06 -5.80
CA ARG A 21 2.99 10.91 -6.89
C ARG A 21 1.63 10.43 -7.40
N TYR A 22 1.36 9.15 -7.21
CA TYR A 22 0.10 8.56 -7.64
C TYR A 22 -0.95 8.64 -6.54
N ARG A 23 -0.50 8.98 -5.33
CA ARG A 23 -1.40 9.08 -4.19
C ARG A 23 -2.77 9.60 -4.62
N ASP A 24 -2.79 10.83 -5.12
CA ASP A 24 -4.04 11.45 -5.57
C ASP A 24 -4.94 10.43 -6.22
N HIS A 25 -4.36 9.56 -7.04
CA HIS A 25 -5.11 8.52 -7.74
C HIS A 25 -5.88 7.65 -6.75
N PHE A 26 -5.16 7.03 -5.81
CA PHE A 26 -5.76 6.17 -4.81
C PHE A 26 -7.01 6.82 -4.22
N ALA A 27 -6.87 8.08 -3.79
CA ALA A 27 -7.97 8.81 -3.20
C ALA A 27 -9.19 8.80 -4.12
N ALA A 28 -8.94 8.77 -5.43
CA ALA A 28 -10.01 8.75 -6.40
C ALA A 28 -10.63 7.36 -6.53
N GLY A 29 -9.78 6.33 -6.42
CA GLY A 29 -10.26 4.96 -6.52
C GLY A 29 -10.97 4.51 -5.27
N GLY A 30 -11.15 5.43 -4.32
CA GLY A 30 -11.83 5.09 -3.08
C GLY A 30 -10.86 4.68 -1.99
N TYR A 31 -9.59 5.06 -2.15
CA TYR A 31 -8.57 4.71 -1.17
C TYR A 31 -7.90 5.97 -0.62
N SER A 32 -8.22 6.31 0.63
CA SER A 32 -7.66 7.48 1.28
C SER A 32 -6.73 7.09 2.42
N SER A 33 -6.77 5.81 2.80
CA SER A 33 -5.94 5.31 3.88
C SER A 33 -5.26 4.00 3.47
N LEU A 34 -4.39 3.50 4.35
CA LEU A 34 -3.68 2.26 4.08
C LEU A 34 -4.55 1.05 4.38
N GLY A 35 -5.37 1.15 5.43
CA GLY A 35 -6.24 0.06 5.80
C GLY A 35 -6.88 -0.62 4.60
N MET A 36 -7.19 0.17 3.58
CA MET A 36 -7.80 -0.37 2.37
C MET A 36 -6.73 -0.70 1.33
N VAL A 37 -5.67 0.08 1.29
CA VAL A 37 -4.58 -0.14 0.35
C VAL A 37 -3.95 -1.52 0.55
N LEU A 38 -3.90 -1.96 1.80
CA LEU A 38 -3.32 -3.26 2.12
C LEU A 38 -4.17 -4.39 1.55
N ARG A 39 -5.45 -4.10 1.32
CA ARG A 39 -6.38 -5.09 0.78
C ARG A 39 -6.63 -4.84 -0.70
N MET A 40 -5.72 -4.11 -1.34
CA MET A 40 -5.84 -3.79 -2.76
C MET A 40 -5.03 -4.78 -3.60
N ASN A 41 -5.16 -4.66 -4.92
CA ASN A 41 -4.45 -5.54 -5.84
C ASN A 41 -4.38 -4.95 -7.23
N ALA A 42 -3.58 -5.55 -8.10
CA ALA A 42 -3.43 -5.08 -9.47
C ALA A 42 -4.76 -4.57 -10.02
N GLN A 43 -5.82 -5.33 -9.80
CA GLN A 43 -7.14 -4.95 -10.27
C GLN A 43 -7.53 -3.56 -9.77
N ASP A 44 -7.24 -3.30 -8.50
CA ASP A 44 -7.56 -2.01 -7.91
C ASP A 44 -6.53 -0.95 -8.32
N VAL A 45 -5.25 -1.27 -8.15
CA VAL A 45 -4.18 -0.36 -8.51
C VAL A 45 -4.33 0.13 -9.95
N ARG A 46 -4.42 -0.81 -10.88
CA ARG A 46 -4.57 -0.48 -12.29
C ARG A 46 -5.65 0.59 -12.49
N ALA A 47 -6.77 0.43 -11.79
CA ALA A 47 -7.87 1.38 -11.89
C ALA A 47 -7.41 2.79 -11.54
N LEU A 48 -6.51 2.88 -10.56
CA LEU A 48 -6.00 4.18 -10.13
C LEU A 48 -5.28 4.89 -11.27
N GLY A 49 -4.83 4.12 -12.26
CA GLY A 49 -4.15 4.70 -13.41
C GLY A 49 -2.74 4.18 -13.55
N ILE A 50 -2.13 3.77 -12.44
CA ILE A 50 -0.77 3.25 -12.45
C ILE A 50 -0.71 1.90 -13.13
N THR A 51 -0.24 1.88 -14.37
CA THR A 51 -0.13 0.65 -15.14
C THR A 51 1.33 0.35 -15.49
N LEU A 52 2.13 1.40 -15.60
CA LEU A 52 3.54 1.26 -15.95
C LEU A 52 4.21 0.21 -15.05
N MET A 53 4.60 -0.90 -15.66
CA MET A 53 5.26 -1.97 -14.92
C MET A 53 6.29 -1.41 -13.94
N GLY A 54 7.09 -0.46 -14.42
CA GLY A 54 8.11 0.14 -13.57
C GLY A 54 7.55 0.66 -12.27
N HIS A 55 6.31 1.17 -12.32
CA HIS A 55 5.67 1.71 -11.13
C HIS A 55 4.75 0.67 -10.50
N GLN A 56 3.78 0.19 -11.27
CA GLN A 56 2.83 -0.80 -10.78
C GLN A 56 3.52 -1.80 -9.85
N LYS A 57 4.73 -2.20 -10.22
CA LYS A 57 5.50 -3.15 -9.41
C LYS A 57 5.81 -2.56 -8.03
N LYS A 58 6.21 -1.30 -8.00
CA LYS A 58 6.54 -0.62 -6.76
C LYS A 58 5.33 -0.63 -5.82
N ILE A 59 4.27 0.06 -6.21
CA ILE A 59 3.06 0.14 -5.40
C ILE A 59 2.62 -1.24 -4.94
N LEU A 60 2.26 -2.09 -5.89
CA LEU A 60 1.81 -3.44 -5.59
C LEU A 60 2.83 -4.16 -4.71
N GLY A 61 4.06 -4.26 -5.20
CA GLY A 61 5.11 -4.93 -4.45
C GLY A 61 5.30 -4.33 -3.08
N SER A 62 5.01 -3.04 -2.94
CA SER A 62 5.16 -2.34 -1.67
C SER A 62 4.01 -2.69 -0.73
N ILE A 63 2.86 -3.02 -1.30
CA ILE A 63 1.69 -3.36 -0.51
C ILE A 63 1.72 -4.83 -0.11
N GLN A 64 1.97 -5.70 -1.08
CA GLN A 64 2.03 -7.14 -0.84
C GLN A 64 2.91 -7.45 0.36
N THR A 65 3.91 -6.60 0.59
CA THR A 65 4.83 -6.79 1.71
C THR A 65 4.33 -6.08 2.96
N MET A 66 3.60 -4.99 2.77
CA MET A 66 3.05 -4.22 3.88
C MET A 66 2.01 -5.03 4.64
N ARG A 67 1.27 -5.87 3.91
CA ARG A 67 0.24 -6.69 4.51
C ARG A 67 0.80 -8.05 4.91
N ALA A 68 1.77 -8.53 4.16
CA ALA A 68 2.40 -9.83 4.43
C ALA A 68 2.90 -9.90 5.87
N GLN A 69 3.28 -8.75 6.42
CA GLN A 69 3.78 -8.68 7.79
C GLN A 69 2.63 -8.80 8.78
N LEU A 70 1.53 -8.13 8.49
CA LEU A 70 0.36 -8.16 9.37
C LEU A 70 0.08 -9.58 9.85
N THR A 71 0.29 -10.55 8.98
CA THR A 71 0.05 -11.95 9.31
C THR A 71 0.92 -12.87 8.47
N SER A 72 2.02 -13.34 9.05
CA SER A 72 2.94 -14.24 8.35
C SER A 72 2.28 -15.59 8.08
N THR A 73 3.00 -16.46 7.37
CA THR A 73 2.49 -17.78 7.04
C THR A 73 3.63 -18.73 6.69
N GLN A 74 3.85 -19.73 7.55
CA GLN A 74 4.91 -20.70 7.33
C GLN A 74 6.27 -20.03 7.29
N GLY A 75 6.51 -19.14 8.25
CA GLY A 75 7.78 -18.44 8.31
C GLY A 75 7.65 -17.04 8.88
N SER A 76 8.77 -16.31 8.94
CA SER A 76 8.76 -14.96 9.47
C SER A 76 8.47 -13.94 8.36
N GLY A 77 8.05 -12.75 8.76
CA GLY A 77 7.74 -11.71 7.79
C GLY A 77 8.33 -10.36 8.19
N PRO A 78 7.80 -9.79 9.27
CA PRO A 78 8.25 -8.48 9.77
C PRO A 78 9.77 -8.44 9.97
N SER A 79 10.36 -9.60 10.20
CA SER A 79 11.80 -9.69 10.42
C SER A 79 12.56 -9.07 9.25
N SER A 80 13.43 -8.12 9.57
CA SER A 80 14.22 -7.43 8.54
C SER A 80 15.61 -8.04 8.44
N GLY A 81 15.81 -8.88 7.43
CA GLY A 81 17.10 -9.52 7.24
C GLY A 81 17.86 -8.94 6.07
N GLY A 1 -7.81 -4.48 16.16
CA GLY A 1 -8.66 -5.66 16.30
C GLY A 1 -8.81 -6.40 14.98
N SER A 2 -9.98 -6.25 14.35
CA SER A 2 -10.24 -6.93 13.09
C SER A 2 -10.00 -5.99 11.91
N SER A 3 -10.64 -4.83 11.95
CA SER A 3 -10.50 -3.85 10.88
C SER A 3 -9.08 -3.31 10.82
N GLY A 4 -8.55 -2.91 11.98
CA GLY A 4 -7.20 -2.38 12.04
C GLY A 4 -7.18 -0.91 12.39
N SER A 5 -6.01 -0.42 12.80
CA SER A 5 -5.85 0.97 13.18
C SER A 5 -5.11 1.74 12.10
N SER A 6 -5.55 2.97 11.85
CA SER A 6 -4.93 3.82 10.84
C SER A 6 -3.60 4.39 11.33
N GLY A 7 -2.66 4.54 10.43
CA GLY A 7 -1.35 5.08 10.78
C GLY A 7 -0.92 6.22 9.89
N LEU A 8 -0.49 5.90 8.68
CA LEU A 8 -0.04 6.91 7.74
C LEU A 8 -1.04 7.07 6.59
N THR A 9 -0.74 7.96 5.66
CA THR A 9 -1.61 8.20 4.52
C THR A 9 -1.03 7.60 3.25
N VAL A 10 -1.91 7.18 2.35
CA VAL A 10 -1.48 6.58 1.09
C VAL A 10 -0.27 7.31 0.52
N GLY A 11 -0.13 8.58 0.88
CA GLY A 11 0.99 9.37 0.40
C GLY A 11 2.29 9.03 1.11
N ASP A 12 2.25 9.00 2.43
CA ASP A 12 3.43 8.69 3.23
C ASP A 12 4.08 7.40 2.74
N TRP A 13 3.32 6.31 2.74
CA TRP A 13 3.83 5.02 2.29
C TRP A 13 4.34 5.09 0.86
N LEU A 14 3.43 5.39 -0.07
CA LEU A 14 3.78 5.49 -1.48
C LEU A 14 5.07 6.29 -1.66
N ASP A 15 5.15 7.44 -0.98
CA ASP A 15 6.33 8.29 -1.06
C ASP A 15 7.61 7.48 -0.87
N SER A 16 7.59 6.60 0.13
CA SER A 16 8.76 5.77 0.42
C SER A 16 9.24 5.04 -0.84
N ILE A 17 8.30 4.50 -1.60
CA ILE A 17 8.64 3.79 -2.83
C ILE A 17 8.64 4.73 -4.03
N ARG A 18 8.64 6.03 -3.75
CA ARG A 18 8.65 7.03 -4.80
C ARG A 18 7.40 6.92 -5.67
N MET A 19 6.29 6.54 -5.05
CA MET A 19 5.03 6.39 -5.78
C MET A 19 3.97 7.33 -5.20
N GLY A 20 4.34 8.08 -4.17
CA GLY A 20 3.41 9.00 -3.56
C GLY A 20 2.76 9.94 -4.56
N ARG A 21 3.41 10.11 -5.71
CA ARG A 21 2.90 10.98 -6.76
C ARG A 21 1.57 10.48 -7.28
N TYR A 22 1.32 9.18 -7.10
CA TYR A 22 0.07 8.58 -7.56
C TYR A 22 -0.98 8.60 -6.46
N ARG A 23 -0.57 8.96 -5.25
CA ARG A 23 -1.48 9.02 -4.12
C ARG A 23 -2.84 9.57 -4.55
N ASP A 24 -2.84 10.79 -5.08
CA ASP A 24 -4.07 11.43 -5.53
C ASP A 24 -4.98 10.41 -6.22
N HIS A 25 -4.38 9.51 -6.99
CA HIS A 25 -5.14 8.49 -7.71
C HIS A 25 -5.92 7.61 -6.74
N PHE A 26 -5.20 6.95 -5.84
CA PHE A 26 -5.83 6.07 -4.87
C PHE A 26 -7.04 6.73 -4.23
N ALA A 27 -6.87 7.99 -3.82
CA ALA A 27 -7.96 8.74 -3.19
C ALA A 27 -9.19 8.76 -4.09
N ALA A 28 -8.96 8.72 -5.40
CA ALA A 28 -10.07 8.73 -6.37
C ALA A 28 -10.74 7.37 -6.45
N GLY A 29 -9.94 6.31 -6.35
CA GLY A 29 -10.48 4.96 -6.41
C GLY A 29 -11.14 4.54 -5.12
N GLY A 30 -11.25 5.47 -4.18
CA GLY A 30 -11.87 5.16 -2.89
C GLY A 30 -10.86 4.70 -1.86
N TYR A 31 -9.58 4.92 -2.15
CA TYR A 31 -8.51 4.52 -1.24
C TYR A 31 -7.70 5.72 -0.78
N SER A 32 -7.94 6.17 0.44
CA SER A 32 -7.23 7.32 0.99
C SER A 32 -6.45 6.93 2.24
N SER A 33 -6.51 5.64 2.59
CA SER A 33 -5.82 5.15 3.77
C SER A 33 -5.05 3.86 3.45
N LEU A 34 -4.18 3.45 4.36
CA LEU A 34 -3.39 2.25 4.17
C LEU A 34 -4.20 1.00 4.51
N GLY A 35 -4.98 1.07 5.58
CA GLY A 35 -5.81 -0.05 5.98
C GLY A 35 -6.61 -0.62 4.83
N MET A 36 -7.07 0.26 3.95
CA MET A 36 -7.87 -0.16 2.79
C MET A 36 -6.97 -0.49 1.61
N VAL A 37 -5.85 0.20 1.50
CA VAL A 37 -4.90 -0.02 0.41
C VAL A 37 -4.32 -1.42 0.47
N LEU A 38 -4.09 -1.91 1.70
CA LEU A 38 -3.53 -3.24 1.89
C LEU A 38 -4.45 -4.31 1.31
N ARG A 39 -5.69 -3.92 1.02
CA ARG A 39 -6.66 -4.85 0.47
C ARG A 39 -6.76 -4.68 -1.05
N MET A 40 -6.06 -3.69 -1.58
CA MET A 40 -6.08 -3.43 -3.01
C MET A 40 -5.19 -4.44 -3.75
N ASN A 41 -5.25 -4.40 -5.08
CA ASN A 41 -4.46 -5.31 -5.90
C ASN A 41 -4.35 -4.79 -7.33
N ALA A 42 -3.46 -5.40 -8.11
CA ALA A 42 -3.26 -5.01 -9.50
C ALA A 42 -4.57 -4.54 -10.13
N GLN A 43 -5.63 -5.31 -9.90
CA GLN A 43 -6.94 -4.96 -10.46
C GLN A 43 -7.36 -3.56 -10.04
N ASP A 44 -7.35 -3.31 -8.74
CA ASP A 44 -7.72 -2.00 -8.20
C ASP A 44 -6.68 -0.95 -8.56
N VAL A 45 -5.42 -1.21 -8.22
CA VAL A 45 -4.33 -0.29 -8.50
C VAL A 45 -4.39 0.20 -9.94
N ARG A 46 -4.43 -0.74 -10.88
CA ARG A 46 -4.48 -0.42 -12.30
C ARG A 46 -5.54 0.65 -12.57
N ALA A 47 -6.72 0.47 -11.97
CA ALA A 47 -7.81 1.42 -12.14
C ALA A 47 -7.39 2.82 -11.74
N LEU A 48 -6.51 2.92 -10.74
CA LEU A 48 -6.03 4.20 -10.26
C LEU A 48 -5.26 4.94 -11.36
N GLY A 49 -4.73 4.18 -12.31
CA GLY A 49 -3.98 4.78 -13.40
C GLY A 49 -2.56 4.24 -13.48
N ILE A 50 -2.02 3.83 -12.34
CA ILE A 50 -0.67 3.30 -12.28
C ILE A 50 -0.57 1.97 -13.00
N THR A 51 -0.02 2.00 -14.23
CA THR A 51 0.13 0.78 -15.02
C THR A 51 1.60 0.51 -15.33
N LEU A 52 2.41 1.56 -15.30
CA LEU A 52 3.83 1.44 -15.58
C LEU A 52 4.46 0.32 -14.77
N MET A 53 4.91 -0.73 -15.46
CA MET A 53 5.52 -1.87 -14.79
C MET A 53 6.34 -1.43 -13.59
N GLY A 54 7.25 -0.47 -13.82
CA GLY A 54 8.09 0.02 -12.75
C GLY A 54 7.29 0.53 -11.57
N HIS A 55 6.28 1.35 -11.85
CA HIS A 55 5.43 1.90 -10.81
C HIS A 55 4.55 0.82 -10.20
N GLN A 56 3.71 0.22 -11.02
CA GLN A 56 2.80 -0.84 -10.56
C GLN A 56 3.54 -1.84 -9.69
N LYS A 57 4.76 -2.19 -10.10
CA LYS A 57 5.56 -3.15 -9.36
C LYS A 57 5.88 -2.63 -7.96
N LYS A 58 6.34 -1.38 -7.89
CA LYS A 58 6.67 -0.76 -6.61
C LYS A 58 5.47 -0.74 -5.69
N ILE A 59 4.40 -0.09 -6.12
CA ILE A 59 3.18 0.00 -5.33
C ILE A 59 2.69 -1.38 -4.92
N LEU A 60 2.30 -2.18 -5.89
CA LEU A 60 1.80 -3.54 -5.64
C LEU A 60 2.81 -4.32 -4.79
N GLY A 61 4.02 -4.47 -5.30
CA GLY A 61 5.04 -5.20 -4.58
C GLY A 61 5.26 -4.67 -3.18
N SER A 62 5.02 -3.37 -3.00
CA SER A 62 5.20 -2.73 -1.70
C SER A 62 4.00 -3.00 -0.80
N ILE A 63 2.84 -3.22 -1.41
CA ILE A 63 1.62 -3.49 -0.66
C ILE A 63 1.56 -4.96 -0.22
N GLN A 64 1.79 -5.86 -1.17
CA GLN A 64 1.76 -7.29 -0.88
C GLN A 64 2.62 -7.62 0.33
N THR A 65 3.75 -6.92 0.47
CA THR A 65 4.65 -7.15 1.59
C THR A 65 4.22 -6.35 2.81
N MET A 66 3.60 -5.19 2.57
CA MET A 66 3.14 -4.33 3.65
C MET A 66 2.01 -5.00 4.42
N ARG A 67 1.24 -5.84 3.74
CA ARG A 67 0.13 -6.54 4.37
C ARG A 67 0.56 -7.93 4.84
N ALA A 68 1.45 -8.56 4.08
CA ALA A 68 1.95 -9.89 4.43
C ALA A 68 2.65 -9.87 5.79
N GLN A 69 3.35 -8.79 6.08
CA GLN A 69 4.07 -8.66 7.34
C GLN A 69 3.11 -8.76 8.53
N LEU A 70 1.93 -8.16 8.38
CA LEU A 70 0.93 -8.18 9.44
C LEU A 70 0.55 -9.62 9.80
N THR A 71 0.08 -10.37 8.80
CA THR A 71 -0.32 -11.76 9.03
C THR A 71 0.78 -12.54 9.72
N SER A 72 2.02 -12.39 9.23
CA SER A 72 3.16 -13.08 9.80
C SER A 72 4.14 -12.10 10.42
N THR A 73 4.12 -12.00 11.75
CA THR A 73 5.00 -11.09 12.47
C THR A 73 5.45 -11.69 13.80
N GLN A 74 6.64 -11.31 14.25
CA GLN A 74 7.18 -11.80 15.50
C GLN A 74 6.46 -11.17 16.70
N GLY A 75 6.68 -11.74 17.88
CA GLY A 75 6.05 -11.21 19.07
C GLY A 75 5.98 -9.70 19.08
N SER A 76 4.76 -9.16 19.13
CA SER A 76 4.56 -7.72 19.13
C SER A 76 4.50 -7.17 20.56
N GLY A 77 4.49 -5.85 20.69
CA GLY A 77 4.44 -5.23 21.99
C GLY A 77 3.82 -3.84 21.95
N PRO A 78 4.51 -2.90 21.29
CA PRO A 78 4.03 -1.52 21.18
C PRO A 78 2.60 -1.44 20.64
N SER A 79 1.92 -0.35 20.96
CA SER A 79 0.55 -0.15 20.52
C SER A 79 0.20 1.34 20.45
N SER A 80 -1.02 1.64 20.05
CA SER A 80 -1.47 3.03 19.93
C SER A 80 -2.10 3.50 21.24
N GLY A 81 -1.86 4.76 21.58
CA GLY A 81 -2.41 5.31 22.81
C GLY A 81 -1.96 4.56 24.04
N GLY A 1 -13.57 -4.68 16.94
CA GLY A 1 -12.23 -4.29 16.55
C GLY A 1 -12.10 -4.07 15.05
N SER A 2 -11.38 -3.02 14.67
CA SER A 2 -11.20 -2.69 13.26
C SER A 2 -10.13 -3.59 12.64
N SER A 3 -10.54 -4.42 11.69
CA SER A 3 -9.63 -5.33 11.02
C SER A 3 -8.26 -4.68 10.81
N GLY A 4 -8.27 -3.54 10.13
CA GLY A 4 -7.04 -2.83 9.86
C GLY A 4 -6.92 -1.54 10.65
N SER A 5 -5.70 -1.17 11.01
CA SER A 5 -5.46 0.04 11.78
C SER A 5 -4.84 1.13 10.91
N SER A 6 -5.57 2.22 10.72
CA SER A 6 -5.10 3.33 9.91
C SER A 6 -4.02 4.12 10.64
N GLY A 7 -2.78 4.00 10.16
CA GLY A 7 -1.67 4.70 10.78
C GLY A 7 -1.17 5.86 9.94
N LEU A 8 -0.79 5.57 8.71
CA LEU A 8 -0.29 6.60 7.80
C LEU A 8 -1.26 6.82 6.64
N THR A 9 -0.91 7.74 5.75
CA THR A 9 -1.75 8.04 4.60
C THR A 9 -1.16 7.46 3.32
N VAL A 10 -2.04 7.07 2.40
CA VAL A 10 -1.60 6.49 1.13
C VAL A 10 -0.35 7.18 0.62
N GLY A 11 -0.24 8.47 0.89
CA GLY A 11 0.91 9.24 0.44
C GLY A 11 2.19 8.82 1.15
N ASP A 12 2.16 8.86 2.49
CA ASP A 12 3.32 8.49 3.28
C ASP A 12 3.94 7.19 2.77
N TRP A 13 3.18 6.12 2.82
CA TRP A 13 3.66 4.82 2.35
C TRP A 13 4.22 4.92 0.94
N LEU A 14 3.37 5.28 -0.01
CA LEU A 14 3.78 5.41 -1.40
C LEU A 14 5.08 6.21 -1.51
N ASP A 15 5.23 7.21 -0.65
CA ASP A 15 6.42 8.05 -0.65
C ASP A 15 7.67 7.21 -0.46
N SER A 16 7.57 6.18 0.37
CA SER A 16 8.71 5.30 0.64
C SER A 16 9.24 4.68 -0.64
N ILE A 17 8.31 4.29 -1.53
CA ILE A 17 8.69 3.68 -2.80
C ILE A 17 8.73 4.72 -3.90
N ARG A 18 8.83 5.99 -3.52
CA ARG A 18 8.88 7.09 -4.48
C ARG A 18 7.70 7.02 -5.45
N MET A 19 6.55 6.59 -4.94
CA MET A 19 5.35 6.49 -5.75
C MET A 19 4.24 7.37 -5.21
N GLY A 20 4.55 8.12 -4.15
CA GLY A 20 3.57 9.00 -3.55
C GLY A 20 2.89 9.91 -4.57
N ARG A 21 3.51 10.04 -5.74
CA ARG A 21 2.97 10.88 -6.80
C ARG A 21 1.62 10.36 -7.27
N TYR A 22 1.40 9.06 -7.09
CA TYR A 22 0.15 8.44 -7.50
C TYR A 22 -0.87 8.44 -6.35
N ARG A 23 -0.40 8.83 -5.18
CA ARG A 23 -1.27 8.87 -4.00
C ARG A 23 -2.60 9.55 -4.33
N ASP A 24 -2.53 10.63 -5.08
CA ASP A 24 -3.73 11.36 -5.47
C ASP A 24 -4.71 10.46 -6.21
N HIS A 25 -4.17 9.48 -6.94
CA HIS A 25 -5.00 8.55 -7.70
C HIS A 25 -5.81 7.66 -6.76
N PHE A 26 -5.13 6.99 -5.84
CA PHE A 26 -5.79 6.11 -4.89
C PHE A 26 -7.01 6.80 -4.26
N ALA A 27 -6.83 8.04 -3.86
CA ALA A 27 -7.91 8.81 -3.25
C ALA A 27 -9.12 8.88 -4.18
N ALA A 28 -8.86 8.83 -5.49
CA ALA A 28 -9.93 8.90 -6.48
C ALA A 28 -10.61 7.53 -6.62
N GLY A 29 -9.83 6.47 -6.49
CA GLY A 29 -10.38 5.13 -6.62
C GLY A 29 -11.08 4.67 -5.36
N GLY A 30 -11.25 5.58 -4.40
CA GLY A 30 -11.89 5.23 -3.16
C GLY A 30 -10.92 4.75 -2.11
N TYR A 31 -9.63 5.00 -2.34
CA TYR A 31 -8.59 4.58 -1.40
C TYR A 31 -7.78 5.79 -0.92
N SER A 32 -8.03 6.19 0.32
CA SER A 32 -7.33 7.33 0.92
C SER A 32 -6.51 6.89 2.12
N SER A 33 -6.76 5.68 2.60
CA SER A 33 -6.04 5.14 3.75
C SER A 33 -5.30 3.87 3.39
N LEU A 34 -4.45 3.40 4.29
CA LEU A 34 -3.67 2.19 4.07
C LEU A 34 -4.51 0.94 4.36
N GLY A 35 -5.27 0.99 5.44
CA GLY A 35 -6.11 -0.13 5.81
C GLY A 35 -6.90 -0.67 4.63
N MET A 36 -7.25 0.20 3.69
CA MET A 36 -8.01 -0.19 2.52
C MET A 36 -7.08 -0.50 1.35
N VAL A 37 -5.87 0.06 1.39
CA VAL A 37 -4.89 -0.15 0.34
C VAL A 37 -4.32 -1.57 0.39
N LEU A 38 -4.23 -2.11 1.60
CA LEU A 38 -3.70 -3.46 1.79
C LEU A 38 -4.62 -4.50 1.17
N ARG A 39 -5.89 -4.12 0.98
CA ARG A 39 -6.87 -5.02 0.39
C ARG A 39 -7.04 -4.75 -1.10
N MET A 40 -6.05 -4.09 -1.69
CA MET A 40 -6.09 -3.76 -3.11
C MET A 40 -5.19 -4.69 -3.91
N ASN A 41 -5.39 -4.73 -5.22
CA ASN A 41 -4.60 -5.58 -6.10
C ASN A 41 -4.44 -4.94 -7.47
N ALA A 42 -3.74 -5.63 -8.36
CA ALA A 42 -3.51 -5.14 -9.71
C ALA A 42 -4.79 -4.54 -10.30
N GLN A 43 -5.90 -5.23 -10.10
CA GLN A 43 -7.19 -4.76 -10.61
C GLN A 43 -7.51 -3.38 -10.06
N ASP A 44 -7.36 -3.22 -8.75
CA ASP A 44 -7.63 -1.94 -8.10
C ASP A 44 -6.60 -0.89 -8.49
N VAL A 45 -5.32 -1.19 -8.20
CA VAL A 45 -4.24 -0.28 -8.52
C VAL A 45 -4.31 0.18 -9.97
N ARG A 46 -4.37 -0.77 -10.89
CA ARG A 46 -4.45 -0.46 -12.32
C ARG A 46 -5.54 0.57 -12.59
N ALA A 47 -6.67 0.40 -11.92
CA ALA A 47 -7.80 1.31 -12.09
C ALA A 47 -7.40 2.75 -11.75
N LEU A 48 -6.56 2.90 -10.74
CA LEU A 48 -6.10 4.23 -10.32
C LEU A 48 -5.40 4.94 -11.46
N GLY A 49 -4.84 4.17 -12.39
CA GLY A 49 -4.14 4.74 -13.52
C GLY A 49 -2.71 4.23 -13.64
N ILE A 50 -2.15 3.77 -12.52
CA ILE A 50 -0.79 3.25 -12.51
C ILE A 50 -0.71 1.90 -13.21
N THR A 51 -0.20 1.89 -14.43
CA THR A 51 -0.06 0.67 -15.20
C THR A 51 1.40 0.37 -15.53
N LEU A 52 2.21 1.43 -15.62
CA LEU A 52 3.62 1.29 -15.92
C LEU A 52 4.28 0.27 -14.99
N MET A 53 4.65 -0.88 -15.54
CA MET A 53 5.28 -1.94 -14.76
C MET A 53 6.21 -1.35 -13.71
N GLY A 54 7.18 -0.54 -14.16
CA GLY A 54 8.11 0.07 -13.25
C GLY A 54 7.45 0.60 -12.00
N HIS A 55 6.28 1.21 -12.16
CA HIS A 55 5.54 1.76 -11.03
C HIS A 55 4.61 0.70 -10.43
N GLN A 56 3.69 0.18 -11.25
CA GLN A 56 2.75 -0.83 -10.80
C GLN A 56 3.43 -1.82 -9.85
N LYS A 57 4.64 -2.21 -10.18
CA LYS A 57 5.40 -3.15 -9.36
C LYS A 57 5.72 -2.56 -8.00
N LYS A 58 6.03 -1.26 -7.99
CA LYS A 58 6.36 -0.57 -6.75
C LYS A 58 5.17 -0.53 -5.81
N ILE A 59 4.09 0.12 -6.26
CA ILE A 59 2.88 0.23 -5.45
C ILE A 59 2.42 -1.14 -4.96
N LEU A 60 2.16 -2.05 -5.91
CA LEU A 60 1.72 -3.40 -5.59
C LEU A 60 2.75 -4.11 -4.71
N GLY A 61 3.97 -4.23 -5.23
CA GLY A 61 5.02 -4.90 -4.48
C GLY A 61 5.23 -4.30 -3.10
N SER A 62 4.92 -3.01 -2.97
CA SER A 62 5.07 -2.33 -1.69
C SER A 62 3.95 -2.70 -0.73
N ILE A 63 2.82 -3.09 -1.29
CA ILE A 63 1.66 -3.48 -0.48
C ILE A 63 1.74 -4.94 -0.08
N GLN A 64 1.97 -5.81 -1.06
CA GLN A 64 2.08 -7.24 -0.81
C GLN A 64 2.96 -7.52 0.40
N THR A 65 3.94 -6.65 0.63
CA THR A 65 4.85 -6.80 1.75
C THR A 65 4.30 -6.12 3.00
N MET A 66 3.55 -5.05 2.81
CA MET A 66 2.96 -4.31 3.92
C MET A 66 1.94 -5.16 4.66
N ARG A 67 1.19 -5.98 3.91
CA ARG A 67 0.18 -6.85 4.50
C ARG A 67 0.79 -8.17 4.93
N ALA A 68 1.75 -8.67 4.15
CA ALA A 68 2.41 -9.93 4.47
C ALA A 68 3.04 -9.89 5.85
N GLN A 69 3.52 -8.72 6.25
CA GLN A 69 4.16 -8.55 7.54
C GLN A 69 3.11 -8.41 8.64
N LEU A 70 1.90 -8.02 8.26
CA LEU A 70 0.81 -7.84 9.21
C LEU A 70 0.30 -9.19 9.69
N THR A 71 0.66 -10.26 8.99
CA THR A 71 0.24 -11.60 9.35
C THR A 71 1.41 -12.44 9.82
N SER A 72 2.49 -11.78 10.20
CA SER A 72 3.69 -12.47 10.66
C SER A 72 3.40 -13.31 11.90
N THR A 73 4.27 -14.26 12.19
CA THR A 73 4.10 -15.13 13.36
C THR A 73 4.64 -14.48 14.62
N GLN A 74 5.77 -13.78 14.48
CA GLN A 74 6.39 -13.11 15.61
C GLN A 74 7.42 -12.08 15.13
N GLY A 75 7.44 -10.92 15.79
CA GLY A 75 8.37 -9.88 15.43
C GLY A 75 7.68 -8.69 14.80
N SER A 76 6.92 -7.94 15.61
CA SER A 76 6.21 -6.77 15.12
C SER A 76 6.20 -5.66 16.18
N GLY A 77 5.91 -4.44 15.75
CA GLY A 77 5.89 -3.32 16.66
C GLY A 77 7.25 -2.67 16.83
N PRO A 78 7.73 -2.00 15.78
CA PRO A 78 9.02 -1.32 15.78
C PRO A 78 9.18 -0.39 16.98
N SER A 79 8.15 0.43 17.22
CA SER A 79 8.17 1.37 18.32
C SER A 79 6.82 1.40 19.04
N SER A 80 6.80 0.85 20.25
CA SER A 80 5.57 0.81 21.04
C SER A 80 5.60 1.86 22.15
N GLY A 81 4.55 2.69 22.20
CA GLY A 81 4.48 3.72 23.20
C GLY A 81 3.45 3.42 24.28
N GLY A 1 -8.97 -2.45 7.11
CA GLY A 1 -8.42 -2.13 8.41
C GLY A 1 -9.49 -1.82 9.44
N SER A 2 -9.08 -1.48 10.65
CA SER A 2 -10.01 -1.17 11.72
C SER A 2 -9.43 -0.10 12.66
N SER A 3 -10.30 0.63 13.32
CA SER A 3 -9.88 1.68 14.25
C SER A 3 -9.24 2.85 13.49
N GLY A 4 -9.85 3.22 12.36
CA GLY A 4 -9.34 4.32 11.57
C GLY A 4 -8.16 3.90 10.71
N SER A 5 -7.41 4.88 10.22
CA SER A 5 -6.25 4.61 9.37
C SER A 5 -5.19 3.83 10.13
N SER A 6 -4.48 2.96 9.42
CA SER A 6 -3.43 2.15 10.03
C SER A 6 -2.47 3.02 10.83
N GLY A 7 -1.99 4.09 10.20
CA GLY A 7 -1.07 4.99 10.87
C GLY A 7 -0.65 6.16 9.99
N LEU A 8 -0.43 5.89 8.71
CA LEU A 8 -0.03 6.92 7.77
C LEU A 8 -1.05 7.05 6.64
N THR A 9 -0.77 7.94 5.70
CA THR A 9 -1.66 8.17 4.56
C THR A 9 -1.08 7.58 3.29
N VAL A 10 -1.96 7.12 2.40
CA VAL A 10 -1.53 6.53 1.13
C VAL A 10 -0.29 7.24 0.60
N GLY A 11 -0.15 8.52 0.93
CA GLY A 11 1.00 9.29 0.47
C GLY A 11 2.28 8.88 1.17
N ASP A 12 2.25 8.87 2.49
CA ASP A 12 3.42 8.50 3.28
C ASP A 12 4.05 7.23 2.75
N TRP A 13 3.30 6.13 2.85
CA TRP A 13 3.80 4.82 2.38
C TRP A 13 4.32 4.93 0.95
N LEU A 14 3.44 5.25 0.02
CA LEU A 14 3.81 5.38 -1.37
C LEU A 14 5.10 6.17 -1.53
N ASP A 15 5.23 7.23 -0.75
CA ASP A 15 6.42 8.07 -0.80
C ASP A 15 7.69 7.24 -0.61
N SER A 16 7.61 6.25 0.30
CA SER A 16 8.75 5.39 0.57
C SER A 16 9.29 4.79 -0.72
N ILE A 17 8.40 4.32 -1.58
CA ILE A 17 8.81 3.73 -2.84
C ILE A 17 8.80 4.75 -3.96
N ARG A 18 8.73 6.03 -3.59
CA ARG A 18 8.71 7.11 -4.57
C ARG A 18 7.50 6.99 -5.49
N MET A 19 6.37 6.57 -4.93
CA MET A 19 5.16 6.41 -5.71
C MET A 19 4.05 7.32 -5.17
N GLY A 20 4.36 8.05 -4.11
CA GLY A 20 3.38 8.94 -3.52
C GLY A 20 2.75 9.87 -4.54
N ARG A 21 3.43 10.05 -5.67
CA ARG A 21 2.92 10.91 -6.74
C ARG A 21 1.58 10.42 -7.25
N TYR A 22 1.33 9.12 -7.09
CA TYR A 22 0.08 8.53 -7.55
C TYR A 22 -0.97 8.56 -6.45
N ARG A 23 -0.54 8.92 -5.23
CA ARG A 23 -1.44 8.99 -4.09
C ARG A 23 -2.81 9.53 -4.52
N ASP A 24 -2.81 10.76 -5.02
CA ASP A 24 -4.05 11.40 -5.46
C ASP A 24 -4.97 10.39 -6.16
N HIS A 25 -4.37 9.49 -6.92
CA HIS A 25 -5.13 8.47 -7.65
C HIS A 25 -5.89 7.58 -6.68
N PHE A 26 -5.16 6.93 -5.77
CA PHE A 26 -5.77 6.05 -4.79
C PHE A 26 -6.98 6.70 -4.15
N ALA A 27 -6.84 7.95 -3.74
CA ALA A 27 -7.93 8.68 -3.11
C ALA A 27 -9.16 8.71 -4.01
N ALA A 28 -8.93 8.66 -5.32
CA ALA A 28 -10.03 8.68 -6.29
C ALA A 28 -10.67 7.29 -6.42
N GLY A 29 -9.85 6.25 -6.30
CA GLY A 29 -10.36 4.90 -6.41
C GLY A 29 -11.01 4.43 -5.12
N GLY A 30 -11.18 5.34 -4.17
CA GLY A 30 -11.79 4.99 -2.90
C GLY A 30 -10.78 4.52 -1.88
N TYR A 31 -9.51 4.82 -2.13
CA TYR A 31 -8.44 4.41 -1.22
C TYR A 31 -7.67 5.63 -0.73
N SER A 32 -7.96 6.06 0.50
CA SER A 32 -7.29 7.21 1.10
C SER A 32 -6.45 6.79 2.29
N SER A 33 -6.61 5.54 2.71
CA SER A 33 -5.86 5.02 3.85
C SER A 33 -5.08 3.77 3.47
N LEU A 34 -4.18 3.34 4.35
CA LEU A 34 -3.37 2.17 4.10
C LEU A 34 -4.16 0.88 4.35
N GLY A 35 -4.92 0.88 5.44
CA GLY A 35 -5.72 -0.29 5.78
C GLY A 35 -6.49 -0.83 4.58
N MET A 36 -7.11 0.07 3.82
CA MET A 36 -7.87 -0.33 2.64
C MET A 36 -6.95 -0.62 1.47
N VAL A 37 -5.74 -0.08 1.53
CA VAL A 37 -4.76 -0.28 0.47
C VAL A 37 -4.15 -1.67 0.53
N LEU A 38 -3.93 -2.16 1.75
CA LEU A 38 -3.35 -3.48 1.96
C LEU A 38 -4.26 -4.57 1.38
N ARG A 39 -5.53 -4.22 1.17
CA ARG A 39 -6.49 -5.16 0.61
C ARG A 39 -6.73 -4.90 -0.87
N MET A 40 -5.78 -4.20 -1.49
CA MET A 40 -5.89 -3.88 -2.92
C MET A 40 -5.05 -4.85 -3.75
N ASN A 41 -5.28 -4.83 -5.06
CA ASN A 41 -4.55 -5.70 -5.97
C ASN A 41 -4.43 -5.07 -7.36
N ALA A 42 -3.59 -5.66 -8.20
CA ALA A 42 -3.38 -5.16 -9.55
C ALA A 42 -4.68 -4.59 -10.13
N GLN A 43 -5.77 -5.36 -9.99
CA GLN A 43 -7.07 -4.93 -10.50
C GLN A 43 -7.44 -3.56 -9.96
N ASP A 44 -7.24 -3.36 -8.65
CA ASP A 44 -7.56 -2.09 -8.01
C ASP A 44 -6.55 -1.02 -8.41
N VAL A 45 -5.28 -1.27 -8.10
CA VAL A 45 -4.22 -0.32 -8.42
C VAL A 45 -4.32 0.15 -9.87
N ARG A 46 -4.37 -0.81 -10.80
CA ARG A 46 -4.46 -0.49 -12.21
C ARG A 46 -5.55 0.53 -12.47
N ALA A 47 -6.70 0.35 -11.82
CA ALA A 47 -7.83 1.26 -11.98
C ALA A 47 -7.43 2.68 -11.62
N LEU A 48 -6.56 2.82 -10.63
CA LEU A 48 -6.10 4.13 -10.18
C LEU A 48 -5.39 4.87 -11.32
N GLY A 49 -4.85 4.11 -12.27
CA GLY A 49 -4.16 4.71 -13.39
C GLY A 49 -2.73 4.20 -13.53
N ILE A 50 -2.14 3.78 -12.42
CA ILE A 50 -0.78 3.28 -12.42
C ILE A 50 -0.70 1.93 -13.12
N THR A 51 -0.20 1.93 -14.35
CA THR A 51 -0.07 0.70 -15.13
C THR A 51 1.39 0.42 -15.47
N LEU A 52 2.18 1.47 -15.57
CA LEU A 52 3.60 1.34 -15.88
C LEU A 52 4.26 0.30 -14.98
N MET A 53 4.73 -0.79 -15.58
CA MET A 53 5.38 -1.86 -14.83
C MET A 53 6.36 -1.28 -13.81
N GLY A 54 7.21 -0.36 -14.25
CA GLY A 54 8.18 0.26 -13.37
C GLY A 54 7.54 0.81 -12.11
N HIS A 55 6.30 1.26 -12.23
CA HIS A 55 5.57 1.82 -11.10
C HIS A 55 4.67 0.78 -10.45
N GLN A 56 3.70 0.28 -11.21
CA GLN A 56 2.77 -0.72 -10.71
C GLN A 56 3.49 -1.71 -9.78
N LYS A 57 4.64 -2.20 -10.21
CA LYS A 57 5.41 -3.14 -9.42
C LYS A 57 5.76 -2.56 -8.06
N LYS A 58 6.16 -1.29 -8.05
CA LYS A 58 6.52 -0.60 -6.81
C LYS A 58 5.33 -0.57 -5.86
N ILE A 59 4.28 0.14 -6.25
CA ILE A 59 3.08 0.25 -5.43
C ILE A 59 2.59 -1.12 -4.98
N LEU A 60 2.20 -1.95 -5.93
CA LEU A 60 1.71 -3.30 -5.63
C LEU A 60 2.75 -4.08 -4.82
N GLY A 61 3.93 -4.26 -5.41
CA GLY A 61 4.98 -4.98 -4.72
C GLY A 61 5.25 -4.46 -3.33
N SER A 62 5.06 -3.16 -3.14
CA SER A 62 5.29 -2.53 -1.85
C SER A 62 4.19 -2.92 -0.86
N ILE A 63 2.98 -3.09 -1.37
CA ILE A 63 1.84 -3.46 -0.53
C ILE A 63 1.85 -4.95 -0.23
N GLN A 64 1.90 -5.77 -1.27
CA GLN A 64 1.92 -7.22 -1.11
C GLN A 64 2.78 -7.62 0.08
N THR A 65 3.85 -6.87 0.33
CA THR A 65 4.74 -7.14 1.43
C THR A 65 4.37 -6.34 2.67
N MET A 66 3.74 -5.19 2.45
CA MET A 66 3.33 -4.32 3.55
C MET A 66 2.31 -5.04 4.44
N ARG A 67 1.48 -5.88 3.83
CA ARG A 67 0.47 -6.61 4.58
C ARG A 67 1.06 -7.88 5.19
N ALA A 68 1.95 -8.53 4.45
CA ALA A 68 2.59 -9.75 4.92
C ALA A 68 2.91 -9.67 6.41
N GLN A 69 3.55 -8.58 6.81
CA GLN A 69 3.91 -8.38 8.22
C GLN A 69 2.67 -8.36 9.10
N LEU A 70 1.59 -7.81 8.58
CA LEU A 70 0.33 -7.73 9.33
C LEU A 70 -0.32 -9.11 9.42
N THR A 71 -0.48 -9.77 8.28
CA THR A 71 -1.09 -11.09 8.24
C THR A 71 -0.48 -12.02 9.28
N SER A 72 0.85 -12.04 9.34
CA SER A 72 1.55 -12.88 10.30
C SER A 72 1.40 -12.35 11.71
N THR A 73 1.83 -13.14 12.69
CA THR A 73 1.73 -12.74 14.10
C THR A 73 2.56 -11.49 14.36
N GLN A 74 3.74 -11.42 13.77
CA GLN A 74 4.62 -10.28 13.94
C GLN A 74 3.91 -8.97 13.59
N GLY A 75 4.37 -7.87 14.18
CA GLY A 75 3.76 -6.59 13.91
C GLY A 75 4.78 -5.49 13.69
N SER A 76 5.86 -5.53 14.47
CA SER A 76 6.92 -4.54 14.37
C SER A 76 6.34 -3.13 14.43
N GLY A 77 5.41 -2.93 15.35
CA GLY A 77 4.79 -1.61 15.50
C GLY A 77 4.09 -1.46 16.84
N PRO A 78 3.93 -0.20 17.28
CA PRO A 78 3.27 0.12 18.55
C PRO A 78 1.91 -0.55 18.68
N SER A 79 1.57 -0.97 19.90
CA SER A 79 0.29 -1.62 20.15
C SER A 79 -0.87 -0.62 20.04
N SER A 80 -1.58 -0.68 18.92
CA SER A 80 -2.71 0.22 18.69
C SER A 80 -4.03 -0.47 19.04
N GLY A 81 -4.60 -0.11 20.17
CA GLY A 81 -5.86 -0.70 20.59
C GLY A 81 -7.06 0.05 20.05
N GLY A 1 2.98 10.62 18.30
CA GLY A 1 4.14 9.77 18.11
C GLY A 1 3.78 8.30 18.06
N SER A 2 4.45 7.56 17.20
CA SER A 2 4.20 6.13 17.05
C SER A 2 5.50 5.35 16.93
N SER A 3 5.67 4.36 17.80
CA SER A 3 6.88 3.54 17.79
C SER A 3 6.79 2.45 16.72
N GLY A 4 5.65 1.77 16.67
CA GLY A 4 5.45 0.71 15.70
C GLY A 4 3.99 0.48 15.39
N SER A 5 3.27 1.56 15.09
CA SER A 5 1.85 1.46 14.76
C SER A 5 1.59 1.94 13.34
N SER A 6 0.79 1.17 12.60
CA SER A 6 0.46 1.52 11.22
C SER A 6 -0.66 2.55 11.18
N GLY A 7 -0.32 3.79 10.81
CA GLY A 7 -1.30 4.85 10.74
C GLY A 7 -0.84 6.01 9.90
N LEU A 8 -0.59 5.75 8.61
CA LEU A 8 -0.14 6.79 7.69
C LEU A 8 -1.14 6.98 6.56
N THR A 9 -0.81 7.90 5.64
CA THR A 9 -1.67 8.18 4.50
C THR A 9 -1.09 7.59 3.22
N VAL A 10 -1.98 7.18 2.32
CA VAL A 10 -1.57 6.61 1.04
C VAL A 10 -0.34 7.33 0.48
N GLY A 11 -0.19 8.59 0.87
CA GLY A 11 0.94 9.38 0.40
C GLY A 11 2.23 9.00 1.09
N ASP A 12 2.21 8.99 2.42
CA ASP A 12 3.40 8.64 3.20
C ASP A 12 4.03 7.35 2.68
N TRP A 13 3.26 6.28 2.68
CA TRP A 13 3.74 4.98 2.22
C TRP A 13 4.27 5.08 0.78
N LEU A 14 3.38 5.41 -0.14
CA LEU A 14 3.76 5.53 -1.54
C LEU A 14 5.05 6.32 -1.69
N ASP A 15 5.17 7.40 -0.93
CA ASP A 15 6.36 8.25 -0.98
C ASP A 15 7.62 7.40 -0.81
N SER A 16 7.58 6.45 0.11
CA SER A 16 8.72 5.58 0.37
C SER A 16 9.21 4.94 -0.92
N ILE A 17 8.28 4.50 -1.75
CA ILE A 17 8.61 3.87 -3.02
C ILE A 17 8.58 4.87 -4.17
N ARG A 18 8.64 6.16 -3.82
CA ARG A 18 8.61 7.22 -4.83
C ARG A 18 7.37 7.10 -5.71
N MET A 19 6.27 6.64 -5.12
CA MET A 19 5.02 6.48 -5.86
C MET A 19 3.95 7.43 -5.32
N GLY A 20 4.30 8.18 -4.28
CA GLY A 20 3.36 9.11 -3.68
C GLY A 20 2.71 10.01 -4.71
N ARG A 21 3.39 10.23 -5.82
CA ARG A 21 2.88 11.08 -6.89
C ARG A 21 1.53 10.56 -7.38
N TYR A 22 1.31 9.26 -7.23
CA TYR A 22 0.07 8.64 -7.67
C TYR A 22 -0.99 8.69 -6.57
N ARG A 23 -0.56 9.07 -5.37
CA ARG A 23 -1.47 9.16 -4.23
C ARG A 23 -2.82 9.72 -4.65
N ASP A 24 -2.80 10.92 -5.22
CA ASP A 24 -4.02 11.57 -5.66
C ASP A 24 -4.96 10.57 -6.34
N HIS A 25 -4.37 9.65 -7.10
CA HIS A 25 -5.15 8.63 -7.80
C HIS A 25 -5.94 7.77 -6.82
N PHE A 26 -5.22 7.10 -5.93
CA PHE A 26 -5.85 6.24 -4.94
C PHE A 26 -7.06 6.93 -4.31
N ALA A 27 -6.89 8.19 -3.93
CA ALA A 27 -7.97 8.96 -3.33
C ALA A 27 -9.22 8.95 -4.21
N ALA A 28 -9.01 8.90 -5.52
CA ALA A 28 -10.12 8.88 -6.47
C ALA A 28 -10.79 7.52 -6.50
N GLY A 29 -9.98 6.46 -6.43
CA GLY A 29 -10.51 5.11 -6.46
C GLY A 29 -11.19 4.73 -5.15
N GLY A 30 -11.26 5.68 -4.22
CA GLY A 30 -11.89 5.42 -2.94
C GLY A 30 -10.91 4.94 -1.90
N TYR A 31 -9.62 5.15 -2.16
CA TYR A 31 -8.58 4.73 -1.24
C TYR A 31 -7.78 5.92 -0.75
N SER A 32 -7.97 6.28 0.52
CA SER A 32 -7.26 7.42 1.11
C SER A 32 -6.43 6.97 2.31
N SER A 33 -6.64 5.73 2.74
CA SER A 33 -5.92 5.18 3.87
C SER A 33 -5.16 3.92 3.48
N LEU A 34 -4.29 3.46 4.37
CA LEU A 34 -3.50 2.25 4.12
C LEU A 34 -4.31 1.00 4.42
N GLY A 35 -5.06 1.05 5.52
CA GLY A 35 -5.87 -0.10 5.91
C GLY A 35 -6.70 -0.64 4.76
N MET A 36 -7.08 0.25 3.84
CA MET A 36 -7.89 -0.15 2.70
C MET A 36 -7.00 -0.45 1.49
N VAL A 37 -5.82 0.16 1.47
CA VAL A 37 -4.88 -0.04 0.37
C VAL A 37 -4.31 -1.45 0.39
N LEU A 38 -3.97 -1.93 1.59
CA LEU A 38 -3.41 -3.27 1.75
C LEU A 38 -4.35 -4.33 1.16
N ARG A 39 -5.63 -3.98 1.04
CA ARG A 39 -6.63 -4.89 0.49
C ARG A 39 -6.71 -4.76 -1.02
N MET A 40 -6.19 -3.66 -1.55
CA MET A 40 -6.20 -3.42 -2.98
C MET A 40 -5.33 -4.44 -3.72
N ASN A 41 -5.28 -4.33 -5.04
CA ASN A 41 -4.50 -5.25 -5.86
C ASN A 41 -4.38 -4.74 -7.30
N ALA A 42 -3.44 -5.31 -8.04
CA ALA A 42 -3.24 -4.92 -9.43
C ALA A 42 -4.56 -4.52 -10.09
N GLN A 43 -5.62 -5.23 -9.74
CA GLN A 43 -6.94 -4.95 -10.29
C GLN A 43 -7.41 -3.56 -9.91
N ASP A 44 -7.31 -3.23 -8.63
CA ASP A 44 -7.73 -1.93 -8.13
C ASP A 44 -6.69 -0.86 -8.46
N VAL A 45 -5.42 -1.20 -8.25
CA VAL A 45 -4.33 -0.27 -8.52
C VAL A 45 -4.40 0.25 -9.95
N ARG A 46 -4.42 -0.66 -10.91
CA ARG A 46 -4.49 -0.29 -12.31
C ARG A 46 -5.57 0.75 -12.56
N ALA A 47 -6.74 0.55 -11.96
CA ALA A 47 -7.85 1.47 -12.10
C ALA A 47 -7.43 2.89 -11.72
N LEU A 48 -6.55 3.00 -10.74
CA LEU A 48 -6.07 4.31 -10.29
C LEU A 48 -5.30 5.01 -11.39
N GLY A 49 -4.74 4.23 -12.32
CA GLY A 49 -3.99 4.80 -13.41
C GLY A 49 -2.57 4.26 -13.49
N ILE A 50 -2.02 3.91 -12.33
CA ILE A 50 -0.66 3.38 -12.28
C ILE A 50 -0.57 2.02 -12.97
N THR A 51 -0.05 2.02 -14.19
CA THR A 51 0.09 0.79 -14.97
C THR A 51 1.55 0.53 -15.31
N LEU A 52 2.38 1.57 -15.23
CA LEU A 52 3.80 1.44 -15.53
C LEU A 52 4.42 0.26 -14.78
N MET A 53 4.72 -0.80 -15.51
CA MET A 53 5.32 -1.99 -14.92
C MET A 53 6.21 -1.61 -13.74
N GLY A 54 7.18 -0.73 -13.99
CA GLY A 54 8.09 -0.31 -12.94
C GLY A 54 7.36 0.21 -11.72
N HIS A 55 6.40 1.11 -11.93
CA HIS A 55 5.62 1.68 -10.84
C HIS A 55 4.71 0.64 -10.21
N GLN A 56 3.82 0.07 -11.02
CA GLN A 56 2.89 -0.94 -10.55
C GLN A 56 3.60 -1.98 -9.68
N LYS A 57 4.87 -2.23 -10.00
CA LYS A 57 5.66 -3.20 -9.25
C LYS A 57 5.99 -2.67 -7.86
N LYS A 58 6.19 -1.36 -7.76
CA LYS A 58 6.51 -0.72 -6.49
C LYS A 58 5.28 -0.67 -5.58
N ILE A 59 4.21 -0.06 -6.08
CA ILE A 59 2.97 0.05 -5.32
C ILE A 59 2.48 -1.31 -4.85
N LEU A 60 2.21 -2.20 -5.81
CA LEU A 60 1.73 -3.54 -5.50
C LEU A 60 2.78 -4.31 -4.69
N GLY A 61 4.00 -4.34 -5.19
CA GLY A 61 5.06 -5.05 -4.50
C GLY A 61 5.25 -4.56 -3.07
N SER A 62 5.06 -3.27 -2.86
CA SER A 62 5.21 -2.69 -1.54
C SER A 62 4.01 -3.03 -0.65
N ILE A 63 2.82 -3.07 -1.25
CA ILE A 63 1.61 -3.38 -0.51
C ILE A 63 1.59 -4.85 -0.10
N GLN A 64 1.77 -5.73 -1.07
CA GLN A 64 1.78 -7.17 -0.80
C GLN A 64 2.66 -7.50 0.39
N THR A 65 3.73 -6.72 0.56
CA THR A 65 4.67 -6.94 1.65
C THR A 65 4.22 -6.19 2.90
N MET A 66 3.70 -4.99 2.71
CA MET A 66 3.24 -4.17 3.82
C MET A 66 2.22 -4.92 4.66
N ARG A 67 1.42 -5.76 4.01
CA ARG A 67 0.40 -6.55 4.70
C ARG A 67 0.94 -7.92 5.10
N ALA A 68 1.79 -8.47 4.24
CA ALA A 68 2.39 -9.77 4.50
C ALA A 68 2.92 -9.86 5.93
N GLN A 69 3.39 -8.74 6.45
CA GLN A 69 3.94 -8.69 7.80
C GLN A 69 2.87 -9.07 8.83
N LEU A 70 1.64 -8.63 8.60
CA LEU A 70 0.53 -8.93 9.50
C LEU A 70 0.35 -10.43 9.66
N THR A 71 0.36 -11.14 8.53
CA THR A 71 0.18 -12.59 8.55
C THR A 71 1.45 -13.28 9.01
N SER A 72 2.56 -13.01 8.31
CA SER A 72 3.84 -13.61 8.66
C SER A 72 4.78 -12.58 9.28
N THR A 73 5.22 -12.87 10.50
CA THR A 73 6.12 -11.97 11.21
C THR A 73 7.50 -11.96 10.58
N GLN A 74 8.04 -10.77 10.34
CA GLN A 74 9.36 -10.64 9.73
C GLN A 74 10.46 -10.83 10.79
N GLY A 75 10.37 -10.07 11.87
CA GLY A 75 11.36 -10.17 12.92
C GLY A 75 12.78 -10.01 12.41
N SER A 76 13.02 -8.94 11.65
CA SER A 76 14.34 -8.69 11.10
C SER A 76 14.93 -7.40 11.67
N GLY A 77 14.08 -6.40 11.85
CA GLY A 77 14.54 -5.13 12.38
C GLY A 77 13.41 -4.11 12.50
N PRO A 78 12.82 -4.02 13.69
CA PRO A 78 11.72 -3.09 13.96
C PRO A 78 12.07 -1.66 13.55
N SER A 79 11.06 -0.92 13.11
CA SER A 79 11.25 0.46 12.68
C SER A 79 12.04 0.53 11.38
N SER A 80 12.46 1.74 11.00
CA SER A 80 13.23 1.93 9.78
C SER A 80 14.68 2.29 10.10
N GLY A 81 15.60 1.39 9.78
CA GLY A 81 17.00 1.64 10.03
C GLY A 81 17.78 0.35 10.23
N GLY A 1 13.84 -2.92 13.90
CA GLY A 1 13.50 -1.63 14.45
C GLY A 1 12.02 -1.31 14.32
N SER A 2 11.23 -1.80 15.27
CA SER A 2 9.79 -1.57 15.26
C SER A 2 9.45 -0.18 15.80
N SER A 3 8.91 0.67 14.93
CA SER A 3 8.54 2.02 15.32
C SER A 3 7.41 2.01 16.34
N GLY A 4 6.39 1.19 16.09
CA GLY A 4 5.27 1.09 16.99
C GLY A 4 3.95 0.89 16.26
N SER A 5 3.09 1.90 16.31
CA SER A 5 1.78 1.82 15.66
C SER A 5 1.86 2.38 14.24
N SER A 6 1.30 1.63 13.28
CA SER A 6 1.32 2.05 11.89
C SER A 6 0.05 2.84 11.55
N GLY A 7 0.24 4.06 11.05
CA GLY A 7 -0.90 4.89 10.69
C GLY A 7 -0.50 6.06 9.82
N LEU A 8 -0.17 5.78 8.57
CA LEU A 8 0.24 6.82 7.63
C LEU A 8 -0.80 6.99 6.52
N THR A 9 -0.53 7.91 5.60
CA THR A 9 -1.44 8.18 4.50
C THR A 9 -0.91 7.60 3.19
N VAL A 10 -1.82 7.15 2.34
CA VAL A 10 -1.43 6.58 1.05
C VAL A 10 -0.25 7.32 0.45
N GLY A 11 -0.13 8.59 0.79
CA GLY A 11 0.98 9.40 0.28
C GLY A 11 2.30 9.03 0.91
N ASP A 12 2.32 8.95 2.23
CA ASP A 12 3.53 8.60 2.96
C ASP A 12 4.16 7.32 2.42
N TRP A 13 3.43 6.22 2.55
CA TRP A 13 3.90 4.93 2.08
C TRP A 13 4.38 5.01 0.63
N LEU A 14 3.48 5.40 -0.26
CA LEU A 14 3.80 5.53 -1.67
C LEU A 14 5.09 6.32 -1.86
N ASP A 15 5.18 7.48 -1.21
CA ASP A 15 6.35 8.33 -1.30
C ASP A 15 7.63 7.52 -1.08
N SER A 16 7.56 6.55 -0.16
CA SER A 16 8.71 5.72 0.16
C SER A 16 9.27 5.07 -1.10
N ILE A 17 8.38 4.51 -1.92
CA ILE A 17 8.78 3.86 -3.16
C ILE A 17 8.75 4.83 -4.33
N ARG A 18 8.72 6.13 -4.02
CA ARG A 18 8.70 7.16 -5.05
C ARG A 18 7.42 7.06 -5.87
N MET A 19 6.33 6.62 -5.24
CA MET A 19 5.06 6.48 -5.93
C MET A 19 4.02 7.42 -5.32
N GLY A 20 4.43 8.18 -4.31
CA GLY A 20 3.53 9.12 -3.67
C GLY A 20 2.84 10.05 -4.66
N ARG A 21 3.37 10.08 -5.88
CA ARG A 21 2.81 10.94 -6.93
C ARG A 21 1.44 10.43 -7.37
N TYR A 22 1.22 9.13 -7.19
CA TYR A 22 -0.05 8.52 -7.58
C TYR A 22 -1.02 8.48 -6.40
N ARG A 23 -0.53 8.87 -5.23
CA ARG A 23 -1.35 8.88 -4.02
C ARG A 23 -2.72 9.46 -4.30
N ASP A 24 -2.75 10.63 -4.94
CA ASP A 24 -4.01 11.30 -5.27
C ASP A 24 -4.96 10.33 -5.98
N HIS A 25 -4.40 9.44 -6.80
CA HIS A 25 -5.20 8.47 -7.53
C HIS A 25 -5.93 7.54 -6.57
N PHE A 26 -5.19 6.87 -5.70
CA PHE A 26 -5.77 5.95 -4.73
C PHE A 26 -6.98 6.58 -4.04
N ALA A 27 -6.80 7.80 -3.56
CA ALA A 27 -7.88 8.52 -2.88
C ALA A 27 -9.11 8.62 -3.77
N ALA A 28 -8.89 8.76 -5.07
CA ALA A 28 -9.99 8.87 -6.03
C ALA A 28 -10.67 7.52 -6.24
N GLY A 29 -9.87 6.46 -6.16
CA GLY A 29 -10.42 5.12 -6.35
C GLY A 29 -11.09 4.59 -5.10
N GLY A 30 -11.19 5.43 -4.07
CA GLY A 30 -11.82 5.02 -2.84
C GLY A 30 -10.82 4.54 -1.81
N TYR A 31 -9.54 4.82 -2.05
CA TYR A 31 -8.48 4.42 -1.14
C TYR A 31 -7.69 5.62 -0.66
N SER A 32 -7.99 6.07 0.57
CA SER A 32 -7.31 7.23 1.14
C SER A 32 -6.42 6.79 2.31
N SER A 33 -6.55 5.54 2.71
CA SER A 33 -5.76 5.00 3.82
C SER A 33 -4.98 3.77 3.38
N LEU A 34 -4.05 3.32 4.22
CA LEU A 34 -3.24 2.16 3.93
C LEU A 34 -4.02 0.86 4.16
N GLY A 35 -4.74 0.80 5.28
CA GLY A 35 -5.51 -0.37 5.61
C GLY A 35 -6.30 -0.88 4.42
N MET A 36 -6.97 0.03 3.72
CA MET A 36 -7.78 -0.33 2.56
C MET A 36 -6.89 -0.61 1.36
N VAL A 37 -5.68 -0.06 1.37
CA VAL A 37 -4.73 -0.24 0.27
C VAL A 37 -4.07 -1.62 0.34
N LEU A 38 -3.94 -2.14 1.56
CA LEU A 38 -3.33 -3.45 1.77
C LEU A 38 -4.22 -4.56 1.22
N ARG A 39 -5.51 -4.28 1.09
CA ARG A 39 -6.47 -5.25 0.58
C ARG A 39 -6.73 -5.02 -0.90
N MET A 40 -5.87 -4.24 -1.54
CA MET A 40 -6.01 -3.94 -2.95
C MET A 40 -5.18 -4.90 -3.80
N ASN A 41 -5.34 -4.82 -5.11
CA ASN A 41 -4.61 -5.68 -6.03
C ASN A 41 -4.48 -5.04 -7.41
N ALA A 42 -3.61 -5.59 -8.24
CA ALA A 42 -3.40 -5.07 -9.59
C ALA A 42 -4.69 -4.52 -10.17
N GLN A 43 -5.76 -5.31 -10.07
CA GLN A 43 -7.06 -4.89 -10.60
C GLN A 43 -7.46 -3.53 -10.03
N ASP A 44 -7.28 -3.36 -8.73
CA ASP A 44 -7.63 -2.12 -8.07
C ASP A 44 -6.64 -1.01 -8.43
N VAL A 45 -5.37 -1.22 -8.09
CA VAL A 45 -4.32 -0.25 -8.38
C VAL A 45 -4.41 0.22 -9.82
N ARG A 46 -4.42 -0.72 -10.76
CA ARG A 46 -4.50 -0.39 -12.18
C ARG A 46 -5.59 0.63 -12.44
N ALA A 47 -6.76 0.41 -11.83
CA ALA A 47 -7.89 1.32 -12.00
C ALA A 47 -7.52 2.75 -11.61
N LEU A 48 -6.62 2.87 -10.64
CA LEU A 48 -6.18 4.18 -10.18
C LEU A 48 -5.46 4.94 -11.30
N GLY A 49 -4.94 4.20 -12.27
CA GLY A 49 -4.24 4.82 -13.38
C GLY A 49 -2.81 4.34 -13.49
N ILE A 50 -2.25 3.86 -12.38
CA ILE A 50 -0.88 3.37 -12.37
C ILE A 50 -0.77 2.01 -13.04
N THR A 51 -0.26 1.99 -14.26
CA THR A 51 -0.11 0.75 -15.02
C THR A 51 1.36 0.50 -15.37
N LEU A 52 2.14 1.57 -15.41
CA LEU A 52 3.56 1.46 -15.73
C LEU A 52 4.23 0.39 -14.89
N MET A 53 4.72 -0.66 -15.54
CA MET A 53 5.39 -1.75 -14.85
C MET A 53 6.36 -1.22 -13.80
N GLY A 54 7.26 -0.33 -14.22
CA GLY A 54 8.22 0.25 -13.30
C GLY A 54 7.57 0.82 -12.06
N HIS A 55 6.31 1.22 -12.18
CA HIS A 55 5.58 1.79 -11.06
C HIS A 55 4.70 0.74 -10.38
N GLN A 56 3.71 0.24 -11.12
CA GLN A 56 2.81 -0.78 -10.60
C GLN A 56 3.57 -1.79 -9.74
N LYS A 57 4.70 -2.25 -10.24
CA LYS A 57 5.52 -3.21 -9.52
C LYS A 57 5.89 -2.70 -8.13
N LYS A 58 6.18 -1.40 -8.05
CA LYS A 58 6.56 -0.79 -6.77
C LYS A 58 5.34 -0.72 -5.85
N ILE A 59 4.33 0.02 -6.27
CA ILE A 59 3.11 0.17 -5.46
C ILE A 59 2.61 -1.19 -4.97
N LEU A 60 2.40 -2.11 -5.89
CA LEU A 60 1.93 -3.45 -5.55
C LEU A 60 2.94 -4.17 -4.67
N GLY A 61 4.16 -4.29 -5.16
CA GLY A 61 5.21 -4.97 -4.41
C GLY A 61 5.45 -4.32 -3.06
N SER A 62 5.09 -3.06 -2.93
CA SER A 62 5.28 -2.31 -1.69
C SER A 62 4.15 -2.60 -0.71
N ILE A 63 3.00 -3.00 -1.24
CA ILE A 63 1.84 -3.33 -0.42
C ILE A 63 1.91 -4.76 0.11
N GLN A 64 2.04 -5.71 -0.82
CA GLN A 64 2.11 -7.11 -0.46
C GLN A 64 2.96 -7.31 0.80
N THR A 65 4.04 -6.55 0.90
CA THR A 65 4.93 -6.65 2.05
C THR A 65 4.36 -5.90 3.24
N MET A 66 3.63 -4.82 2.97
CA MET A 66 3.02 -4.02 4.03
C MET A 66 1.97 -4.83 4.79
N ARG A 67 1.27 -5.69 4.07
CA ARG A 67 0.23 -6.52 4.68
C ARG A 67 0.80 -7.88 5.10
N ALA A 68 1.72 -8.41 4.30
CA ALA A 68 2.33 -9.69 4.59
C ALA A 68 2.65 -9.82 6.07
N GLN A 69 3.11 -8.73 6.68
CA GLN A 69 3.44 -8.73 8.10
C GLN A 69 2.21 -9.03 8.95
N LEU A 70 1.10 -8.39 8.61
CA LEU A 70 -0.15 -8.58 9.35
C LEU A 70 -0.44 -10.07 9.53
N THR A 71 -0.68 -10.77 8.42
CA THR A 71 -0.97 -12.19 8.46
C THR A 71 0.19 -12.98 9.04
N SER A 72 1.41 -12.63 8.63
CA SER A 72 2.61 -13.30 9.11
C SER A 72 2.79 -13.08 10.60
N THR A 73 3.00 -14.17 11.33
CA THR A 73 3.19 -14.11 12.77
C THR A 73 4.37 -13.21 13.13
N GLN A 74 4.07 -12.11 13.80
CA GLN A 74 5.10 -11.16 14.21
C GLN A 74 4.75 -10.49 15.53
N GLY A 75 5.48 -10.82 16.58
CA GLY A 75 5.23 -10.25 17.89
C GLY A 75 6.27 -9.21 18.28
N SER A 76 5.81 -8.09 18.83
CA SER A 76 6.70 -7.02 19.24
C SER A 76 6.13 -6.25 20.42
N GLY A 77 6.84 -6.28 21.55
CA GLY A 77 6.38 -5.59 22.74
C GLY A 77 7.27 -4.42 23.10
N PRO A 78 6.87 -3.21 22.65
CA PRO A 78 7.63 -1.98 22.92
C PRO A 78 7.92 -1.79 24.40
N SER A 79 8.63 -0.72 24.73
CA SER A 79 8.98 -0.42 26.11
C SER A 79 9.06 1.08 26.35
N SER A 80 8.87 1.48 27.60
CA SER A 80 8.90 2.90 27.96
C SER A 80 10.34 3.39 28.08
N GLY A 81 10.60 4.56 27.50
CA GLY A 81 11.94 5.13 27.56
C GLY A 81 12.33 5.79 26.25
N GLY A 1 9.10 9.60 21.87
CA GLY A 1 8.57 8.25 22.04
C GLY A 1 8.31 7.57 20.71
N SER A 2 7.05 7.22 20.46
CA SER A 2 6.67 6.55 19.23
C SER A 2 7.56 5.34 18.97
N SER A 3 7.85 4.58 20.03
CA SER A 3 8.69 3.40 19.91
C SER A 3 8.27 2.53 18.73
N GLY A 4 6.97 2.29 18.62
CA GLY A 4 6.45 1.47 17.54
C GLY A 4 5.00 1.79 17.22
N SER A 5 4.77 2.95 16.61
CA SER A 5 3.42 3.37 16.26
C SER A 5 3.25 3.43 14.75
N SER A 6 2.08 3.04 14.27
CA SER A 6 1.79 3.04 12.84
C SER A 6 0.53 3.86 12.54
N GLY A 7 0.27 4.09 11.26
CA GLY A 7 -0.91 4.85 10.86
C GLY A 7 -0.55 6.05 10.00
N LEU A 8 -0.15 5.77 8.76
CA LEU A 8 0.22 6.83 7.82
C LEU A 8 -0.82 6.97 6.72
N THR A 9 -0.57 7.87 5.78
CA THR A 9 -1.49 8.11 4.68
C THR A 9 -0.93 7.55 3.37
N VAL A 10 -1.82 7.10 2.49
CA VAL A 10 -1.41 6.54 1.21
C VAL A 10 -0.25 7.33 0.61
N GLY A 11 -0.15 8.60 1.00
CA GLY A 11 0.92 9.43 0.49
C GLY A 11 2.26 9.14 1.14
N ASP A 12 2.26 9.10 2.47
CA ASP A 12 3.48 8.83 3.22
C ASP A 12 4.17 7.58 2.69
N TRP A 13 3.48 6.44 2.73
CA TRP A 13 4.03 5.18 2.26
C TRP A 13 4.51 5.31 0.81
N LEU A 14 3.56 5.56 -0.09
CA LEU A 14 3.88 5.70 -1.51
C LEU A 14 5.12 6.57 -1.70
N ASP A 15 5.16 7.69 -0.99
CA ASP A 15 6.29 8.61 -1.09
C ASP A 15 7.61 7.87 -0.91
N SER A 16 7.67 7.00 0.09
CA SER A 16 8.87 6.22 0.38
C SER A 16 9.38 5.54 -0.88
N ILE A 17 8.48 4.88 -1.59
CA ILE A 17 8.83 4.17 -2.82
C ILE A 17 8.83 5.12 -4.02
N ARG A 18 8.79 6.42 -3.74
CA ARG A 18 8.78 7.43 -4.78
C ARG A 18 7.57 7.27 -5.70
N MET A 19 6.45 6.85 -5.11
CA MET A 19 5.22 6.65 -5.86
C MET A 19 4.10 7.55 -5.31
N GLY A 20 4.44 8.36 -4.32
CA GLY A 20 3.46 9.25 -3.73
C GLY A 20 2.74 10.10 -4.77
N ARG A 21 3.36 10.24 -5.94
CA ARG A 21 2.77 11.03 -7.02
C ARG A 21 1.44 10.42 -7.47
N TYR A 22 1.27 9.13 -7.24
CA TYR A 22 0.05 8.44 -7.62
C TYR A 22 -0.98 8.49 -6.50
N ARG A 23 -0.54 8.93 -5.32
CA ARG A 23 -1.42 9.02 -4.17
C ARG A 23 -2.78 9.59 -4.56
N ASP A 24 -2.77 10.77 -5.18
CA ASP A 24 -4.00 11.41 -5.61
C ASP A 24 -4.95 10.41 -6.25
N HIS A 25 -4.37 9.42 -6.93
CA HIS A 25 -5.17 8.39 -7.60
C HIS A 25 -5.93 7.54 -6.58
N PHE A 26 -5.18 6.89 -5.69
CA PHE A 26 -5.78 6.04 -4.67
C PHE A 26 -6.94 6.74 -3.98
N ALA A 27 -6.74 8.02 -3.65
CA ALA A 27 -7.77 8.81 -2.99
C ALA A 27 -9.06 8.81 -3.80
N ALA A 28 -8.93 8.69 -5.12
CA ALA A 28 -10.08 8.67 -6.00
C ALA A 28 -10.71 7.29 -6.06
N GLY A 29 -9.88 6.25 -6.06
CA GLY A 29 -10.37 4.89 -6.12
C GLY A 29 -11.02 4.47 -4.81
N GLY A 30 -11.04 5.37 -3.83
CA GLY A 30 -11.64 5.06 -2.55
C GLY A 30 -10.62 4.57 -1.54
N TYR A 31 -9.35 4.84 -1.81
CA TYR A 31 -8.27 4.42 -0.92
C TYR A 31 -7.48 5.62 -0.41
N SER A 32 -7.77 6.03 0.82
CA SER A 32 -7.09 7.17 1.42
C SER A 32 -6.21 6.72 2.59
N SER A 33 -6.39 5.48 3.02
CA SER A 33 -5.62 4.94 4.13
C SER A 33 -4.82 3.71 3.68
N LEU A 34 -3.88 3.28 4.51
CA LEU A 34 -3.05 2.13 4.20
C LEU A 34 -3.81 0.83 4.46
N GLY A 35 -4.53 0.77 5.57
CA GLY A 35 -5.29 -0.41 5.90
C GLY A 35 -6.10 -0.94 4.74
N MET A 36 -6.75 -0.03 4.03
CA MET A 36 -7.57 -0.42 2.88
C MET A 36 -6.70 -0.70 1.66
N VAL A 37 -5.50 -0.11 1.64
CA VAL A 37 -4.57 -0.31 0.54
C VAL A 37 -3.89 -1.67 0.62
N LEU A 38 -3.72 -2.16 1.84
CA LEU A 38 -3.09 -3.45 2.06
C LEU A 38 -3.95 -4.59 1.51
N ARG A 39 -5.24 -4.31 1.35
CA ARG A 39 -6.17 -5.30 0.84
C ARG A 39 -6.45 -5.08 -0.64
N MET A 40 -5.59 -4.28 -1.28
CA MET A 40 -5.74 -3.98 -2.71
C MET A 40 -4.85 -4.90 -3.54
N ASN A 41 -5.03 -4.85 -4.86
CA ASN A 41 -4.24 -5.68 -5.77
C ASN A 41 -4.22 -5.07 -7.17
N ALA A 42 -3.30 -5.55 -8.00
CA ALA A 42 -3.17 -5.06 -9.36
C ALA A 42 -4.53 -4.66 -9.93
N GLN A 43 -5.53 -5.51 -9.72
CA GLN A 43 -6.87 -5.25 -10.21
C GLN A 43 -7.36 -3.87 -9.78
N ASP A 44 -7.26 -3.60 -8.49
CA ASP A 44 -7.69 -2.31 -7.94
C ASP A 44 -6.70 -1.21 -8.34
N VAL A 45 -5.42 -1.44 -8.07
CA VAL A 45 -4.39 -0.47 -8.40
C VAL A 45 -4.54 0.04 -9.83
N ARG A 46 -4.55 -0.89 -10.77
CA ARG A 46 -4.68 -0.54 -12.18
C ARG A 46 -5.75 0.52 -12.38
N ALA A 47 -6.91 0.32 -11.76
CA ALA A 47 -8.01 1.26 -11.86
C ALA A 47 -7.57 2.67 -11.49
N LEU A 48 -6.64 2.77 -10.55
CA LEU A 48 -6.12 4.06 -10.11
C LEU A 48 -5.42 4.78 -11.24
N GLY A 49 -4.88 4.01 -12.20
CA GLY A 49 -4.19 4.59 -13.32
C GLY A 49 -2.78 4.08 -13.46
N ILE A 50 -2.17 3.72 -12.33
CA ILE A 50 -0.80 3.21 -12.34
C ILE A 50 -0.72 1.84 -13.02
N THR A 51 -0.29 1.83 -14.28
CA THR A 51 -0.18 0.61 -15.04
C THR A 51 1.27 0.33 -15.43
N LEU A 52 2.06 1.40 -15.55
CA LEU A 52 3.46 1.27 -15.91
C LEU A 52 4.16 0.25 -15.03
N MET A 53 4.56 -0.86 -15.64
CA MET A 53 5.26 -1.93 -14.91
C MET A 53 6.29 -1.35 -13.95
N GLY A 54 7.06 -0.38 -14.44
CA GLY A 54 8.08 0.24 -13.61
C GLY A 54 7.52 0.73 -12.29
N HIS A 55 6.29 1.23 -12.31
CA HIS A 55 5.66 1.74 -11.10
C HIS A 55 4.78 0.67 -10.45
N GLN A 56 3.78 0.20 -11.20
CA GLN A 56 2.88 -0.83 -10.70
C GLN A 56 3.62 -1.83 -9.82
N LYS A 57 4.83 -2.19 -10.23
CA LYS A 57 5.64 -3.13 -9.48
C LYS A 57 5.98 -2.60 -8.10
N LYS A 58 6.35 -1.31 -8.04
CA LYS A 58 6.69 -0.68 -6.78
C LYS A 58 5.52 -0.71 -5.81
N ILE A 59 4.46 0.01 -6.14
CA ILE A 59 3.27 0.05 -5.29
C ILE A 59 2.86 -1.34 -4.84
N LEU A 60 2.53 -2.20 -5.80
CA LEU A 60 2.12 -3.56 -5.51
C LEU A 60 3.18 -4.28 -4.67
N GLY A 61 4.40 -4.33 -5.20
CA GLY A 61 5.48 -4.98 -4.49
C GLY A 61 5.62 -4.50 -3.06
N SER A 62 5.35 -3.22 -2.84
CA SER A 62 5.44 -2.64 -1.50
C SER A 62 4.21 -2.98 -0.67
N ILE A 63 3.08 -3.13 -1.34
CA ILE A 63 1.83 -3.47 -0.66
C ILE A 63 1.80 -4.94 -0.26
N GLN A 64 1.94 -5.82 -1.24
CA GLN A 64 1.93 -7.25 -1.00
C GLN A 64 2.70 -7.58 0.28
N THR A 65 3.81 -6.89 0.50
CA THR A 65 4.64 -7.12 1.68
C THR A 65 4.12 -6.33 2.87
N MET A 66 3.74 -5.07 2.62
CA MET A 66 3.22 -4.20 3.67
C MET A 66 2.04 -4.86 4.38
N ARG A 67 1.21 -5.55 3.62
CA ARG A 67 0.04 -6.23 4.17
C ARG A 67 0.43 -7.56 4.81
N ALA A 68 1.40 -8.24 4.20
CA ALA A 68 1.86 -9.52 4.71
C ALA A 68 2.05 -9.48 6.23
N GLN A 69 2.62 -8.39 6.72
CA GLN A 69 2.85 -8.23 8.14
C GLN A 69 1.63 -8.64 8.95
N LEU A 70 0.45 -8.21 8.49
CA LEU A 70 -0.80 -8.53 9.17
C LEU A 70 -0.94 -10.04 9.35
N THR A 71 -0.55 -10.79 8.33
CA THR A 71 -0.64 -12.25 8.37
C THR A 71 0.41 -12.89 7.48
N SER A 72 1.50 -13.34 8.09
CA SER A 72 2.59 -13.98 7.35
C SER A 72 2.68 -15.47 7.68
N THR A 73 3.43 -16.20 6.86
CA THR A 73 3.59 -17.63 7.07
C THR A 73 4.74 -17.92 8.03
N GLN A 74 4.62 -19.02 8.78
CA GLN A 74 5.65 -19.40 9.74
C GLN A 74 6.78 -20.16 9.06
N GLY A 75 7.95 -19.54 9.01
CA GLY A 75 9.10 -20.17 8.37
C GLY A 75 10.07 -20.74 9.38
N SER A 76 11.01 -19.93 9.84
CA SER A 76 12.01 -20.36 10.80
C SER A 76 12.32 -19.25 11.80
N GLY A 77 12.62 -19.65 13.04
CA GLY A 77 12.94 -18.67 14.07
C GLY A 77 14.19 -17.88 13.76
N PRO A 78 14.03 -16.57 13.50
CA PRO A 78 15.14 -15.68 13.18
C PRO A 78 16.26 -15.76 14.23
N SER A 79 17.42 -15.21 13.89
CA SER A 79 18.56 -15.22 14.79
C SER A 79 18.98 -13.79 15.15
N SER A 80 19.79 -13.66 16.19
CA SER A 80 20.26 -12.35 16.64
C SER A 80 21.76 -12.22 16.43
N GLY A 81 22.20 -11.01 16.09
CA GLY A 81 23.61 -10.77 15.87
C GLY A 81 24.14 -11.51 14.66
N GLY A 1 -10.06 -4.95 14.33
CA GLY A 1 -11.37 -4.45 13.94
C GLY A 1 -11.51 -4.34 12.43
N SER A 2 -12.73 -4.58 11.93
CA SER A 2 -12.99 -4.51 10.51
C SER A 2 -12.60 -3.15 9.94
N SER A 3 -13.00 -2.09 10.65
CA SER A 3 -12.69 -0.73 10.21
C SER A 3 -11.66 -0.09 11.13
N GLY A 4 -10.41 0.00 10.66
CA GLY A 4 -9.35 0.59 11.45
C GLY A 4 -8.22 1.11 10.60
N SER A 5 -7.70 2.28 10.94
CA SER A 5 -6.60 2.89 10.20
C SER A 5 -5.28 2.21 10.53
N SER A 6 -4.38 2.17 9.55
CA SER A 6 -3.07 1.55 9.74
C SER A 6 -2.16 2.45 10.56
N GLY A 7 -2.02 3.69 10.13
CA GLY A 7 -1.17 4.64 10.83
C GLY A 7 -0.80 5.84 9.98
N LEU A 8 -0.36 5.57 8.75
CA LEU A 8 0.03 6.63 7.84
C LEU A 8 -0.99 6.79 6.72
N THR A 9 -0.72 7.71 5.80
CA THR A 9 -1.61 7.97 4.68
C THR A 9 -1.02 7.42 3.38
N VAL A 10 -1.90 6.97 2.49
CA VAL A 10 -1.48 6.42 1.20
C VAL A 10 -0.28 7.18 0.65
N GLY A 11 -0.18 8.46 1.01
CA GLY A 11 0.93 9.28 0.54
C GLY A 11 2.24 8.92 1.22
N ASP A 12 2.24 8.92 2.55
CA ASP A 12 3.43 8.59 3.31
C ASP A 12 4.11 7.33 2.76
N TRP A 13 3.39 6.21 2.83
CA TRP A 13 3.92 4.95 2.33
C TRP A 13 4.42 5.08 0.90
N LEU A 14 3.49 5.38 -0.01
CA LEU A 14 3.84 5.54 -1.42
C LEU A 14 5.08 6.41 -1.58
N ASP A 15 5.21 7.41 -0.72
CA ASP A 15 6.35 8.31 -0.77
C ASP A 15 7.66 7.55 -0.56
N SER A 16 7.63 6.56 0.31
CA SER A 16 8.81 5.76 0.61
C SER A 16 9.37 5.13 -0.67
N ILE A 17 8.47 4.66 -1.52
CA ILE A 17 8.87 4.03 -2.79
C ILE A 17 8.91 5.05 -3.92
N ARG A 18 8.89 6.34 -3.55
CA ARG A 18 8.93 7.41 -4.54
C ARG A 18 7.76 7.29 -5.51
N MET A 19 6.64 6.76 -5.02
CA MET A 19 5.45 6.60 -5.85
C MET A 19 4.31 7.46 -5.34
N GLY A 20 4.58 8.25 -4.30
CA GLY A 20 3.57 9.10 -3.73
C GLY A 20 2.86 9.94 -4.77
N ARG A 21 3.49 10.09 -5.94
CA ARG A 21 2.91 10.87 -7.02
C ARG A 21 1.56 10.31 -7.44
N TYR A 22 1.37 9.01 -7.21
CA TYR A 22 0.12 8.34 -7.56
C TYR A 22 -0.86 8.36 -6.39
N ARG A 23 -0.37 8.78 -5.22
CA ARG A 23 -1.20 8.84 -4.03
C ARG A 23 -2.54 9.50 -4.32
N ASP A 24 -2.52 10.56 -5.12
CA ASP A 24 -3.74 11.27 -5.48
C ASP A 24 -4.71 10.35 -6.20
N HIS A 25 -4.17 9.37 -6.92
CA HIS A 25 -5.00 8.42 -7.66
C HIS A 25 -5.80 7.54 -6.69
N PHE A 26 -5.09 6.87 -5.79
CA PHE A 26 -5.73 5.99 -4.82
C PHE A 26 -6.96 6.66 -4.20
N ALA A 27 -6.80 7.93 -3.82
CA ALA A 27 -7.90 8.68 -3.23
C ALA A 27 -9.12 8.68 -4.13
N ALA A 28 -8.89 8.63 -5.43
CA ALA A 28 -9.99 8.62 -6.40
C ALA A 28 -10.68 7.27 -6.42
N GLY A 29 -9.89 6.20 -6.33
CA GLY A 29 -10.46 4.86 -6.34
C GLY A 29 -11.13 4.50 -5.03
N GLY A 30 -11.10 5.43 -4.08
CA GLY A 30 -11.72 5.18 -2.78
C GLY A 30 -10.73 4.69 -1.76
N TYR A 31 -9.44 4.83 -2.05
CA TYR A 31 -8.39 4.39 -1.15
C TYR A 31 -7.57 5.57 -0.64
N SER A 32 -7.75 5.92 0.62
CA SER A 32 -7.03 7.03 1.22
C SER A 32 -6.19 6.56 2.40
N SER A 33 -6.44 5.33 2.85
CA SER A 33 -5.72 4.77 3.98
C SER A 33 -4.94 3.52 3.55
N LEU A 34 -3.99 3.10 4.39
CA LEU A 34 -3.18 1.93 4.10
C LEU A 34 -3.97 0.64 4.36
N GLY A 35 -4.71 0.63 5.46
CA GLY A 35 -5.50 -0.56 5.80
C GLY A 35 -6.30 -1.07 4.61
N MET A 36 -6.93 -0.17 3.89
CA MET A 36 -7.73 -0.54 2.73
C MET A 36 -6.84 -0.81 1.51
N VAL A 37 -5.65 -0.22 1.52
CA VAL A 37 -4.71 -0.39 0.42
C VAL A 37 -4.02 -1.76 0.50
N LEU A 38 -3.90 -2.28 1.71
CA LEU A 38 -3.26 -3.58 1.93
C LEU A 38 -4.12 -4.70 1.35
N ARG A 39 -5.42 -4.43 1.22
CA ARG A 39 -6.35 -5.42 0.69
C ARG A 39 -6.59 -5.20 -0.80
N MET A 40 -5.76 -4.35 -1.40
CA MET A 40 -5.89 -4.04 -2.82
C MET A 40 -4.98 -4.94 -3.66
N ASN A 41 -5.00 -4.72 -4.97
CA ASN A 41 -4.17 -5.52 -5.89
C ASN A 41 -4.17 -4.91 -7.28
N ALA A 42 -3.21 -5.33 -8.10
CA ALA A 42 -3.10 -4.83 -9.47
C ALA A 42 -4.47 -4.51 -10.05
N GLN A 43 -5.44 -5.39 -9.78
CA GLN A 43 -6.80 -5.20 -10.28
C GLN A 43 -7.37 -3.86 -9.83
N ASP A 44 -7.23 -3.56 -8.55
CA ASP A 44 -7.73 -2.31 -7.99
C ASP A 44 -6.78 -1.16 -8.30
N VAL A 45 -5.48 -1.42 -8.16
CA VAL A 45 -4.46 -0.40 -8.43
C VAL A 45 -4.61 0.16 -9.84
N ARG A 46 -4.64 -0.74 -10.82
CA ARG A 46 -4.77 -0.33 -12.22
C ARG A 46 -5.84 0.75 -12.38
N ALA A 47 -6.99 0.54 -11.73
CA ALA A 47 -8.09 1.50 -11.79
C ALA A 47 -7.61 2.90 -11.42
N LEU A 48 -6.67 2.97 -10.49
CA LEU A 48 -6.13 4.25 -10.05
C LEU A 48 -5.39 4.96 -11.18
N GLY A 49 -4.83 4.18 -12.09
CA GLY A 49 -4.10 4.74 -13.21
C GLY A 49 -2.69 4.19 -13.33
N ILE A 50 -2.12 3.80 -12.20
CA ILE A 50 -0.76 3.24 -12.18
C ILE A 50 -0.70 1.91 -12.91
N THR A 51 -0.23 1.94 -14.15
CA THR A 51 -0.13 0.73 -14.96
C THR A 51 1.31 0.48 -15.38
N LEU A 52 2.10 1.55 -15.45
CA LEU A 52 3.50 1.44 -15.83
C LEU A 52 4.18 0.29 -15.11
N MET A 53 4.37 -0.82 -15.82
CA MET A 53 5.02 -1.99 -15.25
C MET A 53 6.05 -1.59 -14.20
N GLY A 54 6.81 -0.55 -14.50
CA GLY A 54 7.83 -0.08 -13.58
C GLY A 54 7.24 0.45 -12.29
N HIS A 55 6.21 1.28 -12.41
CA HIS A 55 5.55 1.86 -11.24
C HIS A 55 4.69 0.81 -10.52
N GLN A 56 3.74 0.23 -11.25
CA GLN A 56 2.86 -0.78 -10.69
C GLN A 56 3.63 -1.74 -9.79
N LYS A 57 4.79 -2.17 -10.25
CA LYS A 57 5.64 -3.09 -9.48
C LYS A 57 5.96 -2.50 -8.11
N LYS A 58 6.35 -1.23 -8.09
CA LYS A 58 6.69 -0.56 -6.85
C LYS A 58 5.51 -0.57 -5.88
N ILE A 59 4.42 0.08 -6.28
CA ILE A 59 3.23 0.14 -5.45
C ILE A 59 2.77 -1.26 -5.03
N LEU A 60 2.33 -2.05 -6.01
CA LEU A 60 1.87 -3.40 -5.74
C LEU A 60 2.85 -4.16 -4.87
N GLY A 61 4.11 -4.20 -5.31
CA GLY A 61 5.14 -4.88 -4.55
C GLY A 61 5.32 -4.32 -3.16
N SER A 62 5.13 -3.00 -3.03
CA SER A 62 5.28 -2.33 -1.75
C SER A 62 4.14 -2.69 -0.81
N ILE A 63 2.96 -2.92 -1.38
CA ILE A 63 1.79 -3.27 -0.59
C ILE A 63 1.87 -4.70 -0.09
N GLN A 64 2.15 -5.63 -1.00
CA GLN A 64 2.26 -7.04 -0.66
C GLN A 64 3.09 -7.23 0.60
N THR A 65 4.13 -6.40 0.76
CA THR A 65 5.00 -6.47 1.91
C THR A 65 4.39 -5.73 3.11
N MET A 66 3.55 -4.74 2.82
CA MET A 66 2.91 -3.96 3.87
C MET A 66 1.78 -4.75 4.51
N ARG A 67 1.14 -5.61 3.73
CA ARG A 67 0.04 -6.42 4.23
C ARG A 67 0.56 -7.73 4.83
N ALA A 68 1.63 -8.26 4.26
CA ALA A 68 2.22 -9.50 4.73
C ALA A 68 2.45 -9.45 6.24
N GLN A 69 2.98 -8.33 6.72
CA GLN A 69 3.25 -8.15 8.14
C GLN A 69 2.03 -8.55 8.97
N LEU A 70 0.86 -8.12 8.54
CA LEU A 70 -0.39 -8.43 9.25
C LEU A 70 -0.58 -9.93 9.36
N THR A 71 -0.53 -10.62 8.22
CA THR A 71 -0.71 -12.07 8.19
C THR A 71 0.33 -12.77 9.06
N SER A 72 1.58 -12.33 8.94
CA SER A 72 2.67 -12.92 9.71
C SER A 72 2.66 -12.40 11.15
N THR A 73 2.22 -13.25 12.07
CA THR A 73 2.15 -12.88 13.49
C THR A 73 3.54 -12.80 14.10
N GLN A 74 3.73 -11.85 15.01
CA GLN A 74 5.01 -11.66 15.67
C GLN A 74 4.88 -11.83 17.17
N GLY A 75 6.03 -11.91 17.86
CA GLY A 75 6.01 -12.08 19.30
C GLY A 75 7.29 -11.57 19.94
N SER A 76 7.14 -10.84 21.05
CA SER A 76 8.29 -10.30 21.76
C SER A 76 8.07 -10.36 23.27
N GLY A 77 9.12 -10.09 24.03
CA GLY A 77 9.04 -10.11 25.48
C GLY A 77 8.87 -8.73 26.08
N PRO A 78 8.90 -8.66 27.42
CA PRO A 78 8.74 -7.38 28.14
C PRO A 78 9.72 -6.32 27.64
N SER A 79 9.23 -5.43 26.78
CA SER A 79 10.06 -4.37 26.23
C SER A 79 10.53 -3.42 27.33
N SER A 80 11.62 -2.71 27.07
CA SER A 80 12.17 -1.77 28.04
C SER A 80 11.36 -0.48 28.08
N GLY A 81 10.89 -0.12 29.27
CA GLY A 81 10.10 1.08 29.43
C GLY A 81 8.65 0.88 29.05
N GLY A 1 -19.99 2.74 15.22
CA GLY A 1 -19.86 1.33 15.49
C GLY A 1 -18.69 0.70 14.76
N SER A 2 -18.70 0.81 13.44
CA SER A 2 -17.63 0.24 12.62
C SER A 2 -16.27 0.76 13.06
N SER A 3 -15.22 0.02 12.73
CA SER A 3 -13.86 0.39 13.09
C SER A 3 -12.84 -0.36 12.25
N GLY A 4 -11.72 0.29 11.97
CA GLY A 4 -10.68 -0.34 11.17
C GLY A 4 -9.28 -0.01 11.68
N SER A 5 -8.27 -0.50 10.97
CA SER A 5 -6.88 -0.26 11.36
C SER A 5 -6.18 0.62 10.32
N SER A 6 -5.64 1.75 10.79
CA SER A 6 -4.94 2.69 9.90
C SER A 6 -3.86 3.43 10.66
N GLY A 7 -3.04 4.19 9.92
CA GLY A 7 -1.98 4.95 10.55
C GLY A 7 -1.53 6.12 9.69
N LEU A 8 -0.76 5.84 8.66
CA LEU A 8 -0.26 6.88 7.76
C LEU A 8 -1.21 7.09 6.59
N THR A 9 -0.84 8.00 5.69
CA THR A 9 -1.67 8.29 4.53
C THR A 9 -1.08 7.69 3.26
N VAL A 10 -1.95 7.27 2.35
CA VAL A 10 -1.50 6.68 1.09
C VAL A 10 -0.25 7.37 0.56
N GLY A 11 -0.08 8.64 0.92
CA GLY A 11 1.07 9.40 0.47
C GLY A 11 2.34 9.01 1.22
N ASP A 12 2.26 8.99 2.54
CA ASP A 12 3.40 8.64 3.37
C ASP A 12 4.04 7.33 2.90
N TRP A 13 3.24 6.28 2.87
CA TRP A 13 3.72 4.97 2.44
C TRP A 13 4.27 5.03 1.02
N LEU A 14 3.41 5.41 0.08
CA LEU A 14 3.82 5.50 -1.33
C LEU A 14 5.14 6.26 -1.46
N ASP A 15 5.29 7.32 -0.67
CA ASP A 15 6.50 8.12 -0.69
C ASP A 15 7.74 7.24 -0.51
N SER A 16 7.63 6.28 0.39
CA SER A 16 8.75 5.38 0.67
C SER A 16 9.30 4.77 -0.63
N ILE A 17 8.39 4.34 -1.50
CA ILE A 17 8.78 3.76 -2.78
C ILE A 17 8.77 4.78 -3.89
N ARG A 18 8.71 6.06 -3.51
CA ARG A 18 8.71 7.15 -4.48
C ARG A 18 7.52 7.00 -5.44
N MET A 19 6.37 6.59 -4.90
CA MET A 19 5.16 6.43 -5.71
C MET A 19 4.06 7.36 -5.23
N GLY A 20 4.35 8.14 -4.20
CA GLY A 20 3.36 9.06 -3.66
C GLY A 20 2.74 9.93 -4.74
N ARG A 21 3.40 10.00 -5.89
CA ARG A 21 2.91 10.80 -7.01
C ARG A 21 1.55 10.30 -7.48
N TYR A 22 1.27 9.02 -7.24
CA TYR A 22 0.01 8.42 -7.64
C TYR A 22 -1.02 8.54 -6.53
N ARG A 23 -0.56 8.89 -5.33
CA ARG A 23 -1.45 9.03 -4.18
C ARG A 23 -2.82 9.55 -4.62
N ASP A 24 -2.86 10.78 -5.12
CA ASP A 24 -4.10 11.39 -5.58
C ASP A 24 -5.01 10.36 -6.23
N HIS A 25 -4.42 9.48 -7.04
CA HIS A 25 -5.17 8.44 -7.72
C HIS A 25 -5.93 7.58 -6.73
N PHE A 26 -5.20 6.96 -5.80
CA PHE A 26 -5.81 6.10 -4.79
C PHE A 26 -7.07 6.75 -4.21
N ALA A 27 -6.94 8.01 -3.80
CA ALA A 27 -8.05 8.75 -3.23
C ALA A 27 -9.27 8.71 -4.15
N ALA A 28 -9.01 8.65 -5.46
CA ALA A 28 -10.08 8.61 -6.45
C ALA A 28 -10.67 7.21 -6.55
N GLY A 29 -9.81 6.20 -6.46
CA GLY A 29 -10.27 4.82 -6.55
C GLY A 29 -10.99 4.36 -5.30
N GLY A 30 -11.14 5.28 -4.34
CA GLY A 30 -11.81 4.94 -3.10
C GLY A 30 -10.84 4.54 -2.01
N TYR A 31 -9.58 4.92 -2.18
CA TYR A 31 -8.54 4.58 -1.20
C TYR A 31 -7.88 5.85 -0.67
N SER A 32 -8.30 6.27 0.52
CA SER A 32 -7.74 7.48 1.14
C SER A 32 -6.92 7.11 2.37
N SER A 33 -6.64 5.83 2.53
CA SER A 33 -5.86 5.35 3.68
C SER A 33 -5.17 4.02 3.35
N LEU A 34 -4.32 3.57 4.25
CA LEU A 34 -3.60 2.31 4.07
C LEU A 34 -4.48 1.13 4.39
N GLY A 35 -5.31 1.27 5.42
CA GLY A 35 -6.20 0.19 5.81
C GLY A 35 -6.79 -0.54 4.62
N MET A 36 -7.07 0.21 3.56
CA MET A 36 -7.65 -0.38 2.35
C MET A 36 -6.56 -0.75 1.35
N VAL A 37 -5.52 0.07 1.30
CA VAL A 37 -4.41 -0.18 0.38
C VAL A 37 -3.76 -1.53 0.65
N LEU A 38 -3.67 -1.89 1.92
CA LEU A 38 -3.07 -3.16 2.32
C LEU A 38 -3.82 -4.33 1.69
N ARG A 39 -5.07 -4.10 1.32
CA ARG A 39 -5.90 -5.13 0.71
C ARG A 39 -6.12 -4.85 -0.77
N MET A 40 -5.25 -4.02 -1.34
CA MET A 40 -5.35 -3.66 -2.75
C MET A 40 -4.45 -4.56 -3.61
N ASN A 41 -4.74 -4.62 -4.90
CA ASN A 41 -3.95 -5.44 -5.82
C ASN A 41 -3.97 -4.85 -7.22
N ALA A 42 -3.15 -5.42 -8.11
CA ALA A 42 -3.06 -4.95 -9.48
C ALA A 42 -4.43 -4.48 -9.98
N GLN A 43 -5.44 -5.32 -9.80
CA GLN A 43 -6.80 -5.00 -10.24
C GLN A 43 -7.24 -3.65 -9.68
N ASP A 44 -6.94 -3.42 -8.41
CA ASP A 44 -7.30 -2.16 -7.75
C ASP A 44 -6.37 -1.03 -8.16
N VAL A 45 -5.07 -1.26 -7.99
CA VAL A 45 -4.06 -0.27 -8.33
C VAL A 45 -4.28 0.25 -9.76
N ARG A 46 -4.35 -0.68 -10.71
CA ARG A 46 -4.55 -0.30 -12.11
C ARG A 46 -5.69 0.70 -12.25
N ALA A 47 -6.80 0.43 -11.57
CA ALA A 47 -7.95 1.31 -11.62
C ALA A 47 -7.57 2.74 -11.26
N LEU A 48 -6.63 2.88 -10.32
CA LEU A 48 -6.18 4.20 -9.89
C LEU A 48 -5.49 4.95 -11.04
N GLY A 49 -4.91 4.18 -11.95
CA GLY A 49 -4.22 4.78 -13.09
C GLY A 49 -2.82 4.23 -13.27
N ILE A 50 -2.18 3.86 -12.16
CA ILE A 50 -0.83 3.30 -12.21
C ILE A 50 -0.80 1.99 -12.97
N THR A 51 -0.30 2.02 -14.20
CA THR A 51 -0.21 0.82 -15.03
C THR A 51 1.23 0.53 -15.42
N LEU A 52 2.03 1.59 -15.52
CA LEU A 52 3.44 1.45 -15.90
C LEU A 52 4.12 0.39 -15.03
N MET A 53 4.42 -0.75 -15.64
CA MET A 53 5.08 -1.84 -14.92
C MET A 53 6.11 -1.30 -13.94
N GLY A 54 7.06 -0.53 -14.45
CA GLY A 54 8.09 0.04 -13.61
C GLY A 54 7.55 0.57 -12.30
N HIS A 55 6.37 1.18 -12.35
CA HIS A 55 5.74 1.72 -11.15
C HIS A 55 4.81 0.70 -10.52
N GLN A 56 3.81 0.25 -11.28
CA GLN A 56 2.84 -0.72 -10.77
C GLN A 56 3.52 -1.74 -9.87
N LYS A 57 4.72 -2.17 -10.26
CA LYS A 57 5.47 -3.15 -9.47
C LYS A 57 5.81 -2.58 -8.09
N LYS A 58 6.24 -1.33 -8.05
CA LYS A 58 6.59 -0.67 -6.80
C LYS A 58 5.41 -0.67 -5.84
N ILE A 59 4.37 0.07 -6.20
CA ILE A 59 3.18 0.17 -5.36
C ILE A 59 2.68 -1.21 -4.95
N LEU A 60 2.24 -2.00 -5.93
CA LEU A 60 1.75 -3.35 -5.67
C LEU A 60 2.76 -4.14 -4.84
N GLY A 61 3.97 -4.29 -5.38
CA GLY A 61 5.00 -5.03 -4.67
C GLY A 61 5.26 -4.47 -3.28
N SER A 62 5.00 -3.18 -3.10
CA SER A 62 5.21 -2.53 -1.81
C SER A 62 4.08 -2.86 -0.85
N ILE A 63 2.90 -3.14 -1.39
CA ILE A 63 1.74 -3.47 -0.58
C ILE A 63 1.77 -4.93 -0.13
N GLN A 64 1.86 -5.83 -1.10
CA GLN A 64 1.90 -7.26 -0.82
C GLN A 64 2.81 -7.56 0.37
N THR A 65 3.90 -6.80 0.47
CA THR A 65 4.86 -6.98 1.56
C THR A 65 4.41 -6.23 2.81
N MET A 66 3.71 -5.11 2.60
CA MET A 66 3.23 -4.31 3.71
C MET A 66 2.15 -5.04 4.50
N ARG A 67 1.37 -5.86 3.81
CA ARG A 67 0.30 -6.63 4.43
C ARG A 67 0.82 -7.97 4.94
N ALA A 68 1.78 -8.53 4.22
CA ALA A 68 2.36 -9.82 4.59
C ALA A 68 2.67 -9.86 6.08
N GLN A 69 3.21 -8.78 6.62
CA GLN A 69 3.55 -8.70 8.03
C GLN A 69 2.30 -8.73 8.89
N LEU A 70 1.25 -8.06 8.44
CA LEU A 70 0.00 -8.01 9.16
C LEU A 70 -0.57 -9.41 9.38
N THR A 71 0.01 -10.38 8.68
CA THR A 71 -0.43 -11.77 8.79
C THR A 71 0.74 -12.73 8.68
N SER A 72 1.22 -13.21 9.82
CA SER A 72 2.34 -14.14 9.85
C SER A 72 3.64 -13.44 9.45
N THR A 73 4.69 -14.21 9.24
CA THR A 73 5.99 -13.67 8.86
C THR A 73 6.37 -12.50 9.75
N GLN A 74 5.73 -12.40 10.91
CA GLN A 74 6.01 -11.33 11.86
C GLN A 74 7.49 -11.29 12.22
N GLY A 75 7.91 -10.20 12.87
CA GLY A 75 9.29 -10.06 13.26
C GLY A 75 9.63 -8.66 13.72
N SER A 76 9.11 -7.67 13.01
CA SER A 76 9.37 -6.27 13.36
C SER A 76 8.69 -5.91 14.67
N GLY A 77 7.37 -6.06 14.71
CA GLY A 77 6.62 -5.74 15.92
C GLY A 77 6.30 -4.26 16.03
N PRO A 78 5.23 -3.84 15.34
CA PRO A 78 4.79 -2.44 15.33
C PRO A 78 4.61 -1.88 16.75
N SER A 79 4.25 -0.61 16.84
CA SER A 79 4.05 0.03 18.13
C SER A 79 2.92 1.05 18.06
N SER A 80 1.84 0.78 18.79
CA SER A 80 0.69 1.67 18.80
C SER A 80 0.59 2.41 20.14
N GLY A 81 0.34 3.71 20.07
CA GLY A 81 0.22 4.51 21.27
C GLY A 81 1.48 5.30 21.57
N GLY A 1 -13.94 -9.12 14.54
CA GLY A 1 -12.69 -8.65 14.00
C GLY A 1 -12.86 -7.46 13.09
N SER A 2 -12.06 -6.42 13.32
CA SER A 2 -12.14 -5.20 12.52
C SER A 2 -10.83 -4.41 12.61
N SER A 3 -10.54 -3.65 11.56
CA SER A 3 -9.32 -2.84 11.53
C SER A 3 -9.54 -1.57 10.73
N GLY A 4 -9.09 -0.44 11.28
CA GLY A 4 -9.25 0.83 10.61
C GLY A 4 -8.03 1.22 9.80
N SER A 5 -7.42 2.35 10.13
CA SER A 5 -6.24 2.83 9.42
C SER A 5 -4.97 2.23 10.02
N SER A 6 -3.90 2.23 9.23
CA SER A 6 -2.62 1.68 9.68
C SER A 6 -1.87 2.69 10.54
N GLY A 7 -1.82 3.94 10.07
CA GLY A 7 -1.14 4.98 10.81
C GLY A 7 -0.70 6.13 9.93
N LEU A 8 -0.29 5.82 8.70
CA LEU A 8 0.16 6.83 7.76
C LEU A 8 -0.86 7.01 6.63
N THR A 9 -0.55 7.91 5.70
CA THR A 9 -1.44 8.17 4.57
C THR A 9 -0.87 7.59 3.29
N VAL A 10 -1.76 7.22 2.37
CA VAL A 10 -1.36 6.66 1.10
C VAL A 10 -0.15 7.38 0.53
N GLY A 11 0.03 8.63 0.94
CA GLY A 11 1.16 9.41 0.47
C GLY A 11 2.46 9.04 1.16
N ASP A 12 2.42 9.00 2.49
CA ASP A 12 3.60 8.66 3.28
C ASP A 12 4.25 7.38 2.76
N TRP A 13 3.47 6.31 2.73
CA TRP A 13 3.96 5.01 2.26
C TRP A 13 4.47 5.12 0.83
N LEU A 14 3.56 5.43 -0.10
CA LEU A 14 3.93 5.55 -1.51
C LEU A 14 5.21 6.35 -1.67
N ASP A 15 5.32 7.44 -0.91
CA ASP A 15 6.51 8.29 -0.97
C ASP A 15 7.77 7.47 -0.80
N SER A 16 7.72 6.48 0.09
CA SER A 16 8.87 5.62 0.36
C SER A 16 9.42 5.03 -0.94
N ILE A 17 8.52 4.55 -1.79
CA ILE A 17 8.91 3.96 -3.06
C ILE A 17 8.87 5.00 -4.19
N ARG A 18 8.64 6.25 -3.82
CA ARG A 18 8.58 7.33 -4.79
C ARG A 18 7.36 7.18 -5.70
N MET A 19 6.28 6.64 -5.15
CA MET A 19 5.05 6.43 -5.90
C MET A 19 3.96 7.38 -5.41
N GLY A 20 4.27 8.16 -4.38
CA GLY A 20 3.30 9.10 -3.85
C GLY A 20 2.65 9.95 -4.91
N ARG A 21 3.35 10.11 -6.04
CA ARG A 21 2.84 10.91 -7.14
C ARG A 21 1.48 10.39 -7.61
N TYR A 22 1.20 9.12 -7.33
CA TYR A 22 -0.06 8.51 -7.71
C TYR A 22 -1.07 8.57 -6.57
N ARG A 23 -0.59 8.92 -5.39
CA ARG A 23 -1.45 9.01 -4.21
C ARG A 23 -2.83 9.54 -4.58
N ASP A 24 -2.87 10.76 -5.11
CA ASP A 24 -4.12 11.39 -5.50
C ASP A 24 -5.06 10.36 -6.15
N HIS A 25 -4.49 9.47 -6.96
CA HIS A 25 -5.27 8.44 -7.64
C HIS A 25 -5.99 7.56 -6.63
N PHE A 26 -5.22 6.90 -5.76
CA PHE A 26 -5.79 6.02 -4.75
C PHE A 26 -7.01 6.67 -4.10
N ALA A 27 -6.87 7.93 -3.69
CA ALA A 27 -7.95 8.67 -3.05
C ALA A 27 -9.22 8.63 -3.91
N ALA A 28 -9.04 8.62 -5.23
CA ALA A 28 -10.16 8.59 -6.15
C ALA A 28 -10.76 7.19 -6.23
N GLY A 29 -9.90 6.18 -6.21
CA GLY A 29 -10.37 4.80 -6.27
C GLY A 29 -11.01 4.35 -4.98
N GLY A 30 -11.16 5.27 -4.04
CA GLY A 30 -11.76 4.93 -2.77
C GLY A 30 -10.74 4.53 -1.72
N TYR A 31 -9.49 4.92 -1.94
CA TYR A 31 -8.41 4.59 -1.02
C TYR A 31 -7.72 5.85 -0.51
N SER A 32 -7.99 6.20 0.74
CA SER A 32 -7.39 7.39 1.35
C SER A 32 -6.47 7.01 2.49
N SER A 33 -6.56 5.76 2.94
CA SER A 33 -5.73 5.27 4.03
C SER A 33 -5.01 3.99 3.64
N LEU A 34 -4.09 3.55 4.48
CA LEU A 34 -3.32 2.33 4.22
C LEU A 34 -4.15 1.09 4.52
N GLY A 35 -4.96 1.17 5.59
CA GLY A 35 -5.79 0.05 5.97
C GLY A 35 -6.43 -0.63 4.78
N MET A 36 -6.99 0.16 3.87
CA MET A 36 -7.64 -0.37 2.67
C MET A 36 -6.61 -0.73 1.61
N VAL A 37 -5.60 0.12 1.47
CA VAL A 37 -4.54 -0.11 0.48
C VAL A 37 -3.92 -1.49 0.66
N LEU A 38 -3.63 -1.84 1.91
CA LEU A 38 -3.03 -3.13 2.22
C LEU A 38 -3.90 -4.28 1.72
N ARG A 39 -5.15 -3.97 1.41
CA ARG A 39 -6.09 -4.97 0.91
C ARG A 39 -6.37 -4.78 -0.58
N MET A 40 -5.47 -4.07 -1.25
CA MET A 40 -5.61 -3.81 -2.67
C MET A 40 -4.72 -4.76 -3.49
N ASN A 41 -4.86 -4.70 -4.81
CA ASN A 41 -4.07 -5.55 -5.70
C ASN A 41 -4.07 -5.00 -7.12
N ALA A 42 -3.20 -5.55 -7.97
CA ALA A 42 -3.11 -5.12 -9.35
C ALA A 42 -4.47 -4.69 -9.89
N GLN A 43 -5.50 -5.49 -9.59
CA GLN A 43 -6.86 -5.18 -10.05
C GLN A 43 -7.29 -3.80 -9.57
N ASP A 44 -7.11 -3.54 -8.28
CA ASP A 44 -7.49 -2.26 -7.71
C ASP A 44 -6.51 -1.16 -8.13
N VAL A 45 -5.22 -1.44 -7.99
CA VAL A 45 -4.19 -0.48 -8.35
C VAL A 45 -4.39 0.02 -9.78
N ARG A 46 -4.43 -0.90 -10.73
CA ARG A 46 -4.62 -0.55 -12.13
C ARG A 46 -5.75 0.47 -12.29
N ALA A 47 -6.87 0.22 -11.61
CA ALA A 47 -8.01 1.12 -11.67
C ALA A 47 -7.61 2.55 -11.38
N LEU A 48 -6.69 2.72 -10.44
CA LEU A 48 -6.21 4.05 -10.05
C LEU A 48 -5.51 4.73 -11.22
N GLY A 49 -4.99 3.92 -12.15
CA GLY A 49 -4.30 4.46 -13.30
C GLY A 49 -2.87 3.96 -13.40
N ILE A 50 -2.25 3.68 -12.26
CA ILE A 50 -0.89 3.21 -12.22
C ILE A 50 -0.75 1.85 -12.90
N THR A 51 -0.29 1.86 -14.14
CA THR A 51 -0.12 0.63 -14.90
C THR A 51 1.34 0.44 -15.32
N LEU A 52 2.10 1.53 -15.32
CA LEU A 52 3.51 1.47 -15.69
C LEU A 52 4.22 0.37 -14.93
N MET A 53 4.68 -0.65 -15.65
CA MET A 53 5.39 -1.78 -15.05
C MET A 53 6.40 -1.28 -14.02
N GLY A 54 7.13 -0.23 -14.37
CA GLY A 54 8.12 0.32 -13.46
C GLY A 54 7.51 0.85 -12.19
N HIS A 55 6.28 1.34 -12.28
CA HIS A 55 5.58 1.88 -11.12
C HIS A 55 4.75 0.81 -10.43
N GLN A 56 3.76 0.28 -11.13
CA GLN A 56 2.90 -0.76 -10.58
C GLN A 56 3.69 -1.70 -9.68
N LYS A 57 4.84 -2.15 -10.18
CA LYS A 57 5.69 -3.06 -9.42
C LYS A 57 6.01 -2.49 -8.03
N LYS A 58 6.41 -1.23 -8.00
CA LYS A 58 6.73 -0.56 -6.75
C LYS A 58 5.54 -0.57 -5.79
N ILE A 59 4.47 0.11 -6.18
CA ILE A 59 3.27 0.17 -5.36
C ILE A 59 2.82 -1.22 -4.94
N LEU A 60 2.49 -2.06 -5.93
CA LEU A 60 2.04 -3.42 -5.66
C LEU A 60 3.04 -4.15 -4.75
N GLY A 61 4.28 -4.24 -5.21
CA GLY A 61 5.31 -4.92 -4.44
C GLY A 61 5.48 -4.31 -3.07
N SER A 62 5.20 -3.01 -2.95
CA SER A 62 5.34 -2.32 -1.68
C SER A 62 4.18 -2.66 -0.74
N ILE A 63 3.04 -2.98 -1.32
CA ILE A 63 1.86 -3.33 -0.54
C ILE A 63 1.89 -4.80 -0.12
N GLN A 64 2.04 -5.68 -1.11
CA GLN A 64 2.08 -7.12 -0.84
C GLN A 64 2.91 -7.41 0.41
N THR A 65 4.00 -6.68 0.58
CA THR A 65 4.87 -6.87 1.73
C THR A 65 4.33 -6.14 2.95
N MET A 66 3.65 -5.02 2.72
CA MET A 66 3.08 -4.24 3.81
C MET A 66 1.88 -4.96 4.42
N ARG A 67 1.19 -5.75 3.61
CA ARG A 67 0.01 -6.49 4.08
C ARG A 67 0.42 -7.87 4.56
N ALA A 68 1.39 -8.48 3.88
CA ALA A 68 1.86 -9.80 4.25
C ALA A 68 2.19 -9.88 5.73
N GLN A 69 2.82 -8.83 6.25
CA GLN A 69 3.20 -8.78 7.65
C GLN A 69 1.97 -8.94 8.55
N LEU A 70 0.86 -8.35 8.14
CA LEU A 70 -0.38 -8.43 8.90
C LEU A 70 -0.65 -9.85 9.35
N THR A 71 -0.78 -10.76 8.38
CA THR A 71 -1.05 -12.16 8.68
C THR A 71 -0.04 -12.72 9.67
N SER A 72 1.24 -12.42 9.43
CA SER A 72 2.30 -12.90 10.31
C SER A 72 2.02 -12.52 11.76
N THR A 73 2.56 -13.31 12.68
CA THR A 73 2.37 -13.06 14.11
C THR A 73 3.32 -11.98 14.61
N GLN A 74 4.56 -12.02 14.12
CA GLN A 74 5.57 -11.04 14.53
C GLN A 74 5.33 -9.70 13.85
N GLY A 75 5.50 -8.62 14.60
CA GLY A 75 5.29 -7.29 14.04
C GLY A 75 4.14 -6.57 14.69
N SER A 76 2.94 -6.77 14.15
CA SER A 76 1.74 -6.12 14.68
C SER A 76 1.95 -4.62 14.83
N GLY A 77 2.60 -4.02 13.84
CA GLY A 77 2.86 -2.59 13.88
C GLY A 77 3.51 -2.16 15.18
N PRO A 78 3.73 -0.85 15.32
CA PRO A 78 4.34 -0.27 16.52
C PRO A 78 3.63 -0.71 17.79
N SER A 79 4.34 -0.61 18.92
CA SER A 79 3.77 -1.00 20.21
C SER A 79 2.50 -0.21 20.51
N SER A 80 2.61 1.12 20.43
CA SER A 80 1.47 1.99 20.70
C SER A 80 0.72 2.32 19.41
N GLY A 81 -0.56 1.99 19.37
CA GLY A 81 -1.37 2.26 18.20
C GLY A 81 -2.24 1.09 17.81
N GLY A 1 10.85 5.96 20.59
CA GLY A 1 10.14 5.27 19.52
C GLY A 1 8.95 4.50 20.02
N SER A 2 8.06 4.12 19.10
CA SER A 2 6.86 3.37 19.46
C SER A 2 6.81 2.04 18.73
N SER A 3 6.09 1.08 19.29
CA SER A 3 5.96 -0.24 18.69
C SER A 3 4.50 -0.63 18.51
N GLY A 4 4.05 -0.65 17.26
CA GLY A 4 2.66 -0.99 16.98
C GLY A 4 2.29 -0.77 15.52
N SER A 5 1.13 -0.16 15.30
CA SER A 5 0.67 0.11 13.94
C SER A 5 1.19 1.45 13.44
N SER A 6 1.78 1.44 12.24
CA SER A 6 2.32 2.66 11.66
C SER A 6 1.27 3.76 11.59
N GLY A 7 0.15 3.46 10.93
CA GLY A 7 -0.92 4.42 10.80
C GLY A 7 -0.52 5.63 9.97
N LEU A 8 -0.25 5.39 8.69
CA LEU A 8 0.15 6.46 7.79
C LEU A 8 -0.88 6.66 6.69
N THR A 9 -0.61 7.59 5.78
CA THR A 9 -1.52 7.88 4.68
C THR A 9 -0.98 7.36 3.35
N VAL A 10 -1.88 6.95 2.47
CA VAL A 10 -1.48 6.42 1.17
C VAL A 10 -0.30 7.20 0.60
N GLY A 11 -0.18 8.47 0.99
CA GLY A 11 0.90 9.30 0.51
C GLY A 11 2.23 8.94 1.16
N ASP A 12 2.22 8.81 2.48
CA ASP A 12 3.44 8.47 3.22
C ASP A 12 4.09 7.23 2.64
N TRP A 13 3.39 6.11 2.72
CA TRP A 13 3.92 4.85 2.20
C TRP A 13 4.40 5.00 0.76
N LEU A 14 3.47 5.34 -0.13
CA LEU A 14 3.79 5.53 -1.55
C LEU A 14 5.06 6.37 -1.70
N ASP A 15 5.11 7.49 -1.00
CA ASP A 15 6.25 8.39 -1.06
C ASP A 15 7.55 7.62 -0.85
N SER A 16 7.54 6.70 0.10
CA SER A 16 8.72 5.89 0.40
C SER A 16 9.28 5.25 -0.87
N ILE A 17 8.40 4.62 -1.64
CA ILE A 17 8.80 3.96 -2.88
C ILE A 17 8.79 4.94 -4.05
N ARG A 18 8.78 6.23 -3.73
CA ARG A 18 8.77 7.27 -4.76
C ARG A 18 7.53 7.14 -5.66
N MET A 19 6.41 6.74 -5.05
CA MET A 19 5.17 6.57 -5.79
C MET A 19 4.08 7.48 -5.24
N GLY A 20 4.42 8.23 -4.20
CA GLY A 20 3.46 9.14 -3.59
C GLY A 20 2.80 10.05 -4.61
N ARG A 21 3.44 10.21 -5.77
CA ARG A 21 2.91 11.05 -6.82
C ARG A 21 1.56 10.53 -7.32
N TYR A 22 1.37 9.22 -7.19
CA TYR A 22 0.12 8.58 -7.63
C TYR A 22 -0.93 8.63 -6.52
N ARG A 23 -0.50 9.02 -5.32
CA ARG A 23 -1.40 9.10 -4.18
C ARG A 23 -2.77 9.65 -4.60
N ASP A 24 -2.77 10.86 -5.14
CA ASP A 24 -4.00 11.49 -5.59
C ASP A 24 -4.92 10.47 -6.27
N HIS A 25 -4.32 9.55 -7.01
CA HIS A 25 -5.08 8.52 -7.71
C HIS A 25 -5.84 7.64 -6.73
N PHE A 26 -5.11 6.99 -5.83
CA PHE A 26 -5.72 6.11 -4.83
C PHE A 26 -6.91 6.79 -4.17
N ALA A 27 -6.74 8.05 -3.77
CA ALA A 27 -7.81 8.80 -3.13
C ALA A 27 -9.04 8.85 -4.02
N ALA A 28 -8.83 8.91 -5.33
CA ALA A 28 -9.93 8.97 -6.28
C ALA A 28 -10.64 7.62 -6.38
N GLY A 29 -9.87 6.54 -6.24
CA GLY A 29 -10.45 5.22 -6.32
C GLY A 29 -11.15 4.81 -5.04
N GLY A 30 -11.13 5.69 -4.05
CA GLY A 30 -11.76 5.40 -2.78
C GLY A 30 -10.80 4.88 -1.74
N TYR A 31 -9.50 5.05 -2.01
CA TYR A 31 -8.47 4.59 -1.09
C TYR A 31 -7.69 5.77 -0.53
N SER A 32 -7.87 6.03 0.77
CA SER A 32 -7.19 7.14 1.43
C SER A 32 -6.32 6.63 2.57
N SER A 33 -6.54 5.37 2.96
CA SER A 33 -5.77 4.76 4.04
C SER A 33 -5.01 3.55 3.54
N LEU A 34 -4.07 3.06 4.36
CA LEU A 34 -3.26 1.90 4.01
C LEU A 34 -4.04 0.61 4.21
N GLY A 35 -4.77 0.54 5.33
CA GLY A 35 -5.55 -0.65 5.63
C GLY A 35 -6.36 -1.13 4.44
N MET A 36 -7.02 -0.18 3.77
CA MET A 36 -7.84 -0.52 2.61
C MET A 36 -6.97 -0.76 1.38
N VAL A 37 -5.76 -0.18 1.39
CA VAL A 37 -4.83 -0.33 0.27
C VAL A 37 -4.19 -1.71 0.29
N LEU A 38 -4.01 -2.26 1.49
CA LEU A 38 -3.39 -3.58 1.63
C LEU A 38 -4.29 -4.67 1.04
N ARG A 39 -5.59 -4.41 1.03
CA ARG A 39 -6.55 -5.37 0.50
C ARG A 39 -6.82 -5.10 -0.98
N MET A 40 -5.92 -4.33 -1.61
CA MET A 40 -6.07 -4.00 -3.03
C MET A 40 -5.29 -4.98 -3.89
N ASN A 41 -5.47 -4.88 -5.21
CA ASN A 41 -4.79 -5.76 -6.14
C ASN A 41 -4.63 -5.08 -7.50
N ALA A 42 -3.79 -5.67 -8.35
CA ALA A 42 -3.55 -5.12 -9.68
C ALA A 42 -4.82 -4.56 -10.28
N GLN A 43 -5.94 -5.25 -10.05
CA GLN A 43 -7.24 -4.83 -10.57
C GLN A 43 -7.61 -3.45 -10.02
N ASP A 44 -7.45 -3.29 -8.71
CA ASP A 44 -7.78 -2.01 -8.06
C ASP A 44 -6.75 -0.94 -8.41
N VAL A 45 -5.48 -1.22 -8.11
CA VAL A 45 -4.41 -0.28 -8.39
C VAL A 45 -4.46 0.19 -9.84
N ARG A 46 -4.50 -0.76 -10.76
CA ARG A 46 -4.55 -0.45 -12.19
C ARG A 46 -5.62 0.60 -12.48
N ALA A 47 -6.77 0.47 -11.82
CA ALA A 47 -7.87 1.40 -12.00
C ALA A 47 -7.44 2.82 -11.63
N LEU A 48 -6.57 2.93 -10.64
CA LEU A 48 -6.09 4.23 -10.18
C LEU A 48 -5.34 4.95 -11.30
N GLY A 49 -4.85 4.18 -12.26
CA GLY A 49 -4.12 4.77 -13.37
C GLY A 49 -2.71 4.21 -13.49
N ILE A 50 -2.13 3.82 -12.37
CA ILE A 50 -0.78 3.26 -12.36
C ILE A 50 -0.74 1.91 -13.06
N THR A 51 -0.28 1.90 -14.30
CA THR A 51 -0.20 0.67 -15.08
C THR A 51 1.25 0.36 -15.46
N LEU A 52 2.06 1.40 -15.59
CA LEU A 52 3.47 1.24 -15.95
C LEU A 52 4.14 0.20 -15.05
N MET A 53 4.54 -0.92 -15.65
CA MET A 53 5.20 -1.98 -14.90
C MET A 53 6.22 -1.41 -13.94
N GLY A 54 7.09 -0.54 -14.44
CA GLY A 54 8.11 0.07 -13.62
C GLY A 54 7.55 0.63 -12.32
N HIS A 55 6.32 1.11 -12.37
CA HIS A 55 5.67 1.68 -11.20
C HIS A 55 4.76 0.64 -10.52
N GLN A 56 3.75 0.19 -11.27
CA GLN A 56 2.82 -0.80 -10.75
C GLN A 56 3.52 -1.80 -9.84
N LYS A 57 4.77 -2.12 -10.17
CA LYS A 57 5.55 -3.06 -9.38
C LYS A 57 5.86 -2.49 -8.00
N LYS A 58 6.29 -1.22 -7.97
CA LYS A 58 6.62 -0.56 -6.71
C LYS A 58 5.42 -0.55 -5.77
N ILE A 59 4.36 0.15 -6.18
CA ILE A 59 3.15 0.24 -5.37
C ILE A 59 2.72 -1.15 -4.88
N LEU A 60 2.26 -1.97 -5.80
CA LEU A 60 1.82 -3.33 -5.47
C LEU A 60 2.91 -4.08 -4.72
N GLY A 61 4.06 -4.23 -5.35
CA GLY A 61 5.17 -4.94 -4.73
C GLY A 61 5.45 -4.45 -3.32
N SER A 62 5.20 -3.16 -3.08
CA SER A 62 5.44 -2.58 -1.78
C SER A 62 4.30 -2.91 -0.81
N ILE A 63 3.10 -3.07 -1.37
CA ILE A 63 1.93 -3.39 -0.57
C ILE A 63 1.96 -4.84 -0.10
N GLN A 64 2.10 -5.76 -1.04
CA GLN A 64 2.15 -7.18 -0.72
C GLN A 64 2.99 -7.43 0.53
N THR A 65 4.01 -6.61 0.72
CA THR A 65 4.89 -6.74 1.88
C THR A 65 4.35 -5.97 3.07
N MET A 66 3.62 -4.89 2.80
CA MET A 66 3.04 -4.07 3.85
C MET A 66 1.98 -4.85 4.63
N ARG A 67 1.26 -5.72 3.92
CA ARG A 67 0.22 -6.53 4.55
C ARG A 67 0.80 -7.81 5.14
N ALA A 68 1.76 -8.40 4.43
CA ALA A 68 2.40 -9.63 4.88
C ALA A 68 2.66 -9.59 6.38
N GLN A 69 3.09 -8.43 6.88
CA GLN A 69 3.38 -8.26 8.29
C GLN A 69 2.21 -8.72 9.15
N LEU A 70 1.01 -8.35 8.74
CA LEU A 70 -0.20 -8.73 9.48
C LEU A 70 -0.20 -10.22 9.81
N THR A 71 0.37 -11.01 8.91
CA THR A 71 0.44 -12.46 9.09
C THR A 71 -0.81 -12.98 9.78
N SER A 72 -1.93 -12.30 9.56
CA SER A 72 -3.20 -12.70 10.16
C SER A 72 -3.94 -13.67 9.26
N THR A 73 -4.91 -14.38 9.82
CA THR A 73 -5.70 -15.35 9.08
C THR A 73 -6.45 -14.68 7.93
N GLN A 74 -6.27 -15.20 6.72
CA GLN A 74 -6.94 -14.65 5.55
C GLN A 74 -8.00 -15.61 5.03
N GLY A 75 -8.72 -15.18 3.98
CA GLY A 75 -9.76 -16.02 3.41
C GLY A 75 -9.32 -16.68 2.13
N SER A 76 -9.29 -15.92 1.04
CA SER A 76 -8.89 -16.45 -0.25
C SER A 76 -7.47 -17.03 -0.19
N GLY A 77 -7.20 -17.99 -1.07
CA GLY A 77 -5.88 -18.61 -1.10
C GLY A 77 -4.92 -17.90 -2.03
N PRO A 78 -3.62 -17.97 -1.71
CA PRO A 78 -2.57 -17.32 -2.51
C PRO A 78 -2.67 -17.69 -3.98
N SER A 79 -3.26 -18.85 -4.26
CA SER A 79 -3.39 -19.33 -5.64
C SER A 79 -3.65 -18.16 -6.59
N SER A 80 -4.77 -17.48 -6.39
CA SER A 80 -5.13 -16.34 -7.23
C SER A 80 -4.69 -15.03 -6.60
N GLY A 81 -3.70 -14.39 -7.21
CA GLY A 81 -3.19 -13.13 -6.68
C GLY A 81 -3.13 -12.05 -7.74
N GLY A 1 7.91 5.75 14.31
CA GLY A 1 7.87 5.29 15.68
C GLY A 1 9.11 4.48 16.06
N SER A 2 9.23 4.14 17.34
CA SER A 2 10.36 3.37 17.83
C SER A 2 10.00 1.90 17.96
N SER A 3 8.74 1.62 18.26
CA SER A 3 8.27 0.26 18.41
C SER A 3 7.62 -0.25 17.13
N GLY A 4 6.57 0.45 16.70
CA GLY A 4 5.87 0.07 15.48
C GLY A 4 4.50 0.70 15.38
N SER A 5 4.47 2.02 15.23
CA SER A 5 3.21 2.75 15.12
C SER A 5 2.68 2.71 13.70
N SER A 6 1.41 2.36 13.56
CA SER A 6 0.79 2.28 12.23
C SER A 6 -0.32 3.31 12.10
N GLY A 7 -0.76 3.56 10.87
CA GLY A 7 -1.80 4.54 10.62
C GLY A 7 -1.31 5.74 9.83
N LEU A 8 -0.84 5.49 8.62
CA LEU A 8 -0.34 6.56 7.77
C LEU A 8 -1.28 6.81 6.60
N THR A 9 -0.90 7.74 5.73
CA THR A 9 -1.70 8.07 4.56
C THR A 9 -1.12 7.48 3.29
N VAL A 10 -1.99 7.13 2.35
CA VAL A 10 -1.56 6.55 1.08
C VAL A 10 -0.31 7.25 0.55
N GLY A 11 -0.21 8.54 0.82
CA GLY A 11 0.94 9.31 0.37
C GLY A 11 2.21 8.93 1.09
N ASP A 12 2.15 8.89 2.41
CA ASP A 12 3.32 8.54 3.22
C ASP A 12 3.95 7.26 2.72
N TRP A 13 3.20 6.16 2.79
CA TRP A 13 3.69 4.86 2.35
C TRP A 13 4.26 4.95 0.94
N LEU A 14 3.41 5.30 -0.03
CA LEU A 14 3.84 5.42 -1.41
C LEU A 14 5.13 6.21 -1.52
N ASP A 15 5.21 7.32 -0.80
CA ASP A 15 6.40 8.15 -0.82
C ASP A 15 7.66 7.32 -0.63
N SER A 16 7.60 6.38 0.31
CA SER A 16 8.74 5.52 0.59
C SER A 16 9.28 4.89 -0.69
N ILE A 17 8.37 4.41 -1.52
CA ILE A 17 8.75 3.77 -2.79
C ILE A 17 8.73 4.78 -3.94
N ARG A 18 8.72 6.07 -3.58
CA ARG A 18 8.70 7.13 -4.58
C ARG A 18 7.47 7.00 -5.48
N MET A 19 6.37 6.54 -4.91
CA MET A 19 5.13 6.39 -5.66
C MET A 19 4.06 7.34 -5.15
N GLY A 20 4.39 8.11 -4.12
CA GLY A 20 3.45 9.06 -3.56
C GLY A 20 2.79 9.92 -4.62
N ARG A 21 3.47 10.08 -5.75
CA ARG A 21 2.94 10.89 -6.84
C ARG A 21 1.59 10.35 -7.31
N TYR A 22 1.41 9.04 -7.20
CA TYR A 22 0.16 8.41 -7.61
C TYR A 22 -0.86 8.43 -6.48
N ARG A 23 -0.41 8.80 -5.29
CA ARG A 23 -1.28 8.86 -4.12
C ARG A 23 -2.60 9.56 -4.46
N ASP A 24 -2.51 10.64 -5.21
CA ASP A 24 -3.70 11.39 -5.60
C ASP A 24 -4.70 10.48 -6.31
N HIS A 25 -4.19 9.49 -7.04
CA HIS A 25 -5.05 8.55 -7.76
C HIS A 25 -5.86 7.71 -6.79
N PHE A 26 -5.17 7.02 -5.88
CA PHE A 26 -5.83 6.17 -4.90
C PHE A 26 -7.03 6.87 -4.29
N ALA A 27 -6.85 8.14 -3.93
CA ALA A 27 -7.91 8.93 -3.33
C ALA A 27 -9.15 8.95 -4.22
N ALA A 28 -8.92 8.91 -5.53
CA ALA A 28 -10.01 8.92 -6.49
C ALA A 28 -10.71 7.58 -6.56
N GLY A 29 -9.94 6.50 -6.40
CA GLY A 29 -10.51 5.16 -6.44
C GLY A 29 -11.20 4.79 -5.15
N GLY A 30 -11.25 5.73 -4.21
CA GLY A 30 -11.88 5.47 -2.93
C GLY A 30 -10.90 5.00 -1.88
N TYR A 31 -9.63 5.31 -2.08
CA TYR A 31 -8.58 4.91 -1.14
C TYR A 31 -7.85 6.13 -0.59
N SER A 32 -8.16 6.49 0.65
CA SER A 32 -7.53 7.64 1.28
C SER A 32 -6.58 7.19 2.40
N SER A 33 -6.68 5.93 2.78
CA SER A 33 -5.84 5.37 3.83
C SER A 33 -5.22 4.04 3.40
N LEU A 34 -4.32 3.53 4.22
CA LEU A 34 -3.64 2.27 3.92
C LEU A 34 -4.55 1.08 4.19
N GLY A 35 -5.35 1.19 5.25
CA GLY A 35 -6.27 0.12 5.62
C GLY A 35 -6.93 -0.50 4.40
N MET A 36 -7.31 0.32 3.45
CA MET A 36 -7.97 -0.15 2.23
C MET A 36 -6.93 -0.53 1.17
N VAL A 37 -5.79 0.15 1.20
CA VAL A 37 -4.72 -0.12 0.24
C VAL A 37 -4.14 -1.51 0.44
N LEU A 38 -4.05 -1.93 1.70
CA LEU A 38 -3.50 -3.24 2.03
C LEU A 38 -4.38 -4.35 1.46
N ARG A 39 -5.65 -4.03 1.24
CA ARG A 39 -6.60 -5.00 0.70
C ARG A 39 -6.84 -4.77 -0.79
N MET A 40 -5.92 -4.05 -1.42
CA MET A 40 -6.03 -3.76 -2.85
C MET A 40 -5.19 -4.72 -3.67
N ASN A 41 -5.32 -4.62 -4.99
CA ASN A 41 -4.56 -5.49 -5.90
C ASN A 41 -4.44 -4.86 -7.28
N ALA A 42 -3.56 -5.41 -8.11
CA ALA A 42 -3.36 -4.91 -9.46
C ALA A 42 -4.67 -4.45 -10.07
N GLN A 43 -5.74 -5.18 -9.79
CA GLN A 43 -7.06 -4.85 -10.32
C GLN A 43 -7.49 -3.45 -9.88
N ASP A 44 -7.38 -3.19 -8.58
CA ASP A 44 -7.76 -1.90 -8.03
C ASP A 44 -6.74 -0.82 -8.40
N VAL A 45 -5.46 -1.13 -8.19
CA VAL A 45 -4.38 -0.20 -8.50
C VAL A 45 -4.45 0.23 -9.96
N ARG A 46 -4.46 -0.74 -10.87
CA ARG A 46 -4.52 -0.47 -12.30
C ARG A 46 -5.62 0.55 -12.61
N ALA A 47 -6.74 0.42 -11.92
CA ALA A 47 -7.87 1.33 -12.12
C ALA A 47 -7.49 2.77 -11.77
N LEU A 48 -6.64 2.92 -10.75
CA LEU A 48 -6.20 4.24 -10.31
C LEU A 48 -5.48 4.97 -11.43
N GLY A 49 -4.90 4.20 -12.35
CA GLY A 49 -4.18 4.80 -13.47
C GLY A 49 -2.77 4.26 -13.59
N ILE A 50 -2.18 3.87 -12.47
CA ILE A 50 -0.82 3.34 -12.45
C ILE A 50 -0.75 2.01 -13.20
N THR A 51 -0.26 2.07 -14.44
CA THR A 51 -0.13 0.87 -15.26
C THR A 51 1.33 0.57 -15.57
N LEU A 52 2.15 1.62 -15.59
CA LEU A 52 3.58 1.47 -15.87
C LEU A 52 4.19 0.36 -15.02
N MET A 53 4.56 -0.73 -15.66
CA MET A 53 5.16 -1.87 -14.97
C MET A 53 6.16 -1.39 -13.92
N GLY A 54 7.04 -0.48 -14.31
CA GLY A 54 8.04 0.05 -13.39
C GLY A 54 7.43 0.52 -12.09
N HIS A 55 6.26 1.13 -12.18
CA HIS A 55 5.56 1.63 -10.99
C HIS A 55 4.61 0.58 -10.44
N GLN A 56 3.65 0.16 -11.25
CA GLN A 56 2.68 -0.84 -10.83
C GLN A 56 3.34 -1.91 -9.96
N LYS A 57 4.63 -2.12 -10.17
CA LYS A 57 5.38 -3.11 -9.40
C LYS A 57 5.70 -2.59 -8.00
N LYS A 58 6.16 -1.34 -7.94
CA LYS A 58 6.51 -0.71 -6.67
C LYS A 58 5.30 -0.66 -5.75
N ILE A 59 4.26 0.06 -6.18
CA ILE A 59 3.04 0.19 -5.39
C ILE A 59 2.58 -1.16 -4.86
N LEU A 60 2.24 -2.06 -5.78
CA LEU A 60 1.79 -3.40 -5.40
C LEU A 60 2.83 -4.11 -4.54
N GLY A 61 4.04 -4.26 -5.09
CA GLY A 61 5.10 -4.93 -4.36
C GLY A 61 5.33 -4.33 -3.00
N SER A 62 5.01 -3.05 -2.85
CA SER A 62 5.18 -2.35 -1.58
C SER A 62 4.03 -2.65 -0.63
N ILE A 63 2.88 -3.01 -1.19
CA ILE A 63 1.71 -3.32 -0.39
C ILE A 63 1.74 -4.78 0.08
N GLN A 64 1.97 -5.69 -0.85
CA GLN A 64 2.02 -7.11 -0.54
C GLN A 64 2.91 -7.36 0.68
N THR A 65 4.00 -6.61 0.78
CA THR A 65 4.94 -6.74 1.88
C THR A 65 4.42 -6.02 3.12
N MET A 66 3.69 -4.94 2.91
CA MET A 66 3.13 -4.17 4.02
C MET A 66 2.07 -4.97 4.76
N ARG A 67 1.35 -5.81 4.03
CA ARG A 67 0.30 -6.62 4.62
C ARG A 67 0.83 -7.99 5.02
N ALA A 68 1.77 -8.51 4.22
CA ALA A 68 2.36 -9.82 4.50
C ALA A 68 2.82 -9.91 5.95
N GLN A 69 3.40 -8.82 6.46
CA GLN A 69 3.89 -8.80 7.83
C GLN A 69 2.76 -9.07 8.82
N LEU A 70 1.58 -8.54 8.51
CA LEU A 70 0.42 -8.73 9.38
C LEU A 70 0.34 -10.15 9.89
N THR A 71 0.64 -11.11 9.01
CA THR A 71 0.60 -12.53 9.39
C THR A 71 1.58 -13.33 8.53
N SER A 72 2.74 -13.63 9.10
CA SER A 72 3.76 -14.40 8.40
C SER A 72 4.50 -15.34 9.35
N THR A 73 4.85 -16.52 8.86
CA THR A 73 5.55 -17.51 9.67
C THR A 73 7.03 -17.19 9.77
N GLN A 74 7.44 -16.65 10.92
CA GLN A 74 8.84 -16.29 11.15
C GLN A 74 9.28 -16.66 12.56
N GLY A 75 10.59 -16.82 12.74
CA GLY A 75 11.11 -17.18 14.04
C GLY A 75 12.51 -17.77 13.97
N SER A 76 12.73 -18.63 12.98
CA SER A 76 14.03 -19.28 12.81
C SER A 76 15.16 -18.26 12.98
N GLY A 77 15.02 -17.11 12.33
CA GLY A 77 16.03 -16.08 12.42
C GLY A 77 15.93 -15.06 11.30
N PRO A 78 15.19 -13.96 11.56
CA PRO A 78 14.99 -12.89 10.58
C PRO A 78 16.31 -12.39 10.00
N SER A 79 17.40 -12.67 10.71
CA SER A 79 18.72 -12.23 10.28
C SER A 79 18.82 -10.71 10.23
N SER A 80 18.25 -10.07 11.25
CA SER A 80 18.27 -8.61 11.32
C SER A 80 19.24 -8.12 12.38
N GLY A 81 20.25 -7.38 11.95
CA GLY A 81 21.25 -6.86 12.88
C GLY A 81 22.37 -6.14 12.17
N GLY A 1 15.76 10.98 12.10
CA GLY A 1 15.88 9.67 11.49
C GLY A 1 15.08 8.61 12.24
N SER A 2 14.53 7.65 11.50
CA SER A 2 13.74 6.58 12.10
C SER A 2 12.49 7.14 12.77
N SER A 3 11.84 8.10 12.10
CA SER A 3 10.64 8.72 12.63
C SER A 3 9.41 8.30 11.84
N GLY A 4 8.64 7.36 12.39
CA GLY A 4 7.44 6.88 11.72
C GLY A 4 6.39 6.40 12.69
N SER A 5 5.22 7.02 12.65
CA SER A 5 4.12 6.66 13.54
C SER A 5 3.10 5.77 12.81
N SER A 6 2.19 5.18 13.57
CA SER A 6 1.17 4.31 13.00
C SER A 6 0.01 5.12 12.45
N GLY A 7 -0.62 4.61 11.40
CA GLY A 7 -1.74 5.30 10.80
C GLY A 7 -1.31 6.43 9.90
N LEU A 8 -0.82 6.09 8.71
CA LEU A 8 -0.38 7.08 7.74
C LEU A 8 -1.35 7.20 6.58
N THR A 9 -1.03 8.07 5.63
CA THR A 9 -1.88 8.28 4.47
C THR A 9 -1.26 7.68 3.21
N VAL A 10 -2.12 7.21 2.30
CA VAL A 10 -1.66 6.61 1.05
C VAL A 10 -0.43 7.34 0.52
N GLY A 11 -0.31 8.62 0.85
CA GLY A 11 0.82 9.41 0.39
C GLY A 11 2.10 9.06 1.12
N ASP A 12 2.05 9.12 2.45
CA ASP A 12 3.21 8.81 3.27
C ASP A 12 3.89 7.52 2.81
N TRP A 13 3.16 6.42 2.89
CA TRP A 13 3.68 5.13 2.47
C TRP A 13 4.23 5.19 1.05
N LEU A 14 3.36 5.47 0.10
CA LEU A 14 3.76 5.56 -1.30
C LEU A 14 5.03 6.40 -1.45
N ASP A 15 5.16 7.41 -0.62
CA ASP A 15 6.32 8.29 -0.66
C ASP A 15 7.60 7.50 -0.42
N SER A 16 7.52 6.50 0.44
CA SER A 16 8.68 5.67 0.76
C SER A 16 9.24 5.01 -0.50
N ILE A 17 8.34 4.53 -1.36
CA ILE A 17 8.73 3.88 -2.59
C ILE A 17 8.80 4.88 -3.74
N ARG A 18 8.84 6.16 -3.40
CA ARG A 18 8.90 7.22 -4.41
C ARG A 18 7.75 7.10 -5.40
N MET A 19 6.59 6.67 -4.89
CA MET A 19 5.41 6.51 -5.74
C MET A 19 4.27 7.41 -5.25
N GLY A 20 4.54 8.18 -4.21
CA GLY A 20 3.53 9.07 -3.66
C GLY A 20 2.88 9.92 -4.72
N ARG A 21 3.52 10.03 -5.87
CA ARG A 21 3.01 10.83 -6.97
C ARG A 21 1.65 10.30 -7.44
N TYR A 22 1.43 9.01 -7.24
CA TYR A 22 0.17 8.37 -7.63
C TYR A 22 -0.83 8.39 -6.48
N ARG A 23 -0.36 8.80 -5.31
CA ARG A 23 -1.22 8.86 -4.13
C ARG A 23 -2.57 9.51 -4.47
N ASP A 24 -2.51 10.61 -5.21
CA ASP A 24 -3.71 11.33 -5.60
C ASP A 24 -4.69 10.40 -6.31
N HIS A 25 -4.16 9.42 -7.04
CA HIS A 25 -4.98 8.46 -7.76
C HIS A 25 -5.79 7.60 -6.79
N PHE A 26 -5.10 7.01 -5.82
CA PHE A 26 -5.75 6.15 -4.84
C PHE A 26 -7.00 6.82 -4.28
N ALA A 27 -6.88 8.09 -3.91
CA ALA A 27 -8.00 8.84 -3.36
C ALA A 27 -9.17 8.86 -4.34
N ALA A 28 -8.87 8.75 -5.62
CA ALA A 28 -9.90 8.75 -6.65
C ALA A 28 -10.54 7.37 -6.79
N GLY A 29 -9.73 6.33 -6.60
CA GLY A 29 -10.23 4.97 -6.71
C GLY A 29 -10.97 4.52 -5.47
N GLY A 30 -11.17 5.45 -4.53
CA GLY A 30 -11.87 5.13 -3.30
C GLY A 30 -10.93 4.71 -2.19
N TYR A 31 -9.65 5.00 -2.37
CA TYR A 31 -8.64 4.65 -1.38
C TYR A 31 -7.89 5.89 -0.88
N SER A 32 -8.28 6.36 0.29
CA SER A 32 -7.66 7.54 0.88
C SER A 32 -6.92 7.18 2.17
N SER A 33 -6.79 5.89 2.43
CA SER A 33 -6.10 5.41 3.62
C SER A 33 -5.37 4.10 3.35
N LEU A 34 -4.52 3.71 4.28
CA LEU A 34 -3.75 2.47 4.14
C LEU A 34 -4.62 1.25 4.45
N GLY A 35 -5.38 1.33 5.53
CA GLY A 35 -6.25 0.23 5.91
C GLY A 35 -6.97 -0.37 4.73
N MET A 36 -7.26 0.46 3.72
CA MET A 36 -7.95 -0.01 2.53
C MET A 36 -6.96 -0.36 1.43
N VAL A 37 -5.75 0.17 1.53
CA VAL A 37 -4.71 -0.10 0.54
C VAL A 37 -4.10 -1.48 0.74
N LEU A 38 -3.96 -1.89 2.00
CA LEU A 38 -3.40 -3.19 2.34
C LEU A 38 -4.24 -4.32 1.74
N ARG A 39 -5.49 -4.01 1.43
CA ARG A 39 -6.40 -4.99 0.86
C ARG A 39 -6.60 -4.74 -0.64
N MET A 40 -5.72 -3.94 -1.23
CA MET A 40 -5.80 -3.62 -2.65
C MET A 40 -4.92 -4.56 -3.47
N ASN A 41 -5.12 -4.56 -4.78
CA ASN A 41 -4.35 -5.41 -5.67
C ASN A 41 -4.29 -4.82 -7.08
N ALA A 42 -3.51 -5.44 -7.94
CA ALA A 42 -3.37 -4.99 -9.32
C ALA A 42 -4.72 -4.54 -9.89
N GLN A 43 -5.74 -5.36 -9.65
CA GLN A 43 -7.09 -5.04 -10.15
C GLN A 43 -7.50 -3.64 -9.75
N ASP A 44 -7.39 -3.33 -8.46
CA ASP A 44 -7.74 -2.01 -7.94
C ASP A 44 -6.73 -0.96 -8.37
N VAL A 45 -5.46 -1.23 -8.10
CA VAL A 45 -4.38 -0.31 -8.46
C VAL A 45 -4.52 0.16 -9.90
N ARG A 46 -4.58 -0.80 -10.82
CA ARG A 46 -4.70 -0.50 -12.24
C ARG A 46 -5.72 0.61 -12.47
N ALA A 47 -6.88 0.48 -11.82
CA ALA A 47 -7.93 1.48 -11.94
C ALA A 47 -7.43 2.88 -11.60
N LEU A 48 -6.52 2.95 -10.63
CA LEU A 48 -5.96 4.23 -10.21
C LEU A 48 -5.27 4.93 -11.38
N GLY A 49 -4.76 4.14 -12.32
CA GLY A 49 -4.08 4.69 -13.47
C GLY A 49 -2.66 4.19 -13.60
N ILE A 50 -2.09 3.74 -12.49
CA ILE A 50 -0.71 3.24 -12.49
C ILE A 50 -0.63 1.87 -13.17
N THR A 51 -0.13 1.87 -14.41
CA THR A 51 0.00 0.63 -15.17
C THR A 51 1.46 0.35 -15.51
N LEU A 52 2.27 1.40 -15.50
CA LEU A 52 3.70 1.26 -15.80
C LEU A 52 4.33 0.13 -14.98
N MET A 53 4.65 -0.97 -15.66
CA MET A 53 5.26 -2.11 -15.00
C MET A 53 6.18 -1.67 -13.87
N GLY A 54 7.06 -0.71 -14.18
CA GLY A 54 7.98 -0.21 -13.18
C GLY A 54 7.28 0.33 -11.95
N HIS A 55 6.32 1.22 -12.15
CA HIS A 55 5.57 1.80 -11.06
C HIS A 55 4.65 0.77 -10.42
N GLN A 56 3.76 0.20 -11.21
CA GLN A 56 2.82 -0.80 -10.72
C GLN A 56 3.51 -1.78 -9.78
N LYS A 57 4.76 -2.12 -10.10
CA LYS A 57 5.52 -3.05 -9.28
C LYS A 57 5.85 -2.43 -7.92
N LYS A 58 6.23 -1.16 -7.93
CA LYS A 58 6.56 -0.44 -6.70
C LYS A 58 5.38 -0.44 -5.73
N ILE A 59 4.26 0.14 -6.18
CA ILE A 59 3.06 0.21 -5.35
C ILE A 59 2.63 -1.18 -4.89
N LEU A 60 2.29 -2.03 -5.85
CA LEU A 60 1.85 -3.39 -5.54
C LEU A 60 2.90 -4.12 -4.70
N GLY A 61 4.11 -4.25 -5.24
CA GLY A 61 5.18 -4.92 -4.53
C GLY A 61 5.33 -4.41 -3.11
N SER A 62 5.11 -3.11 -2.91
CA SER A 62 5.23 -2.51 -1.59
C SER A 62 4.10 -2.97 -0.67
N ILE A 63 2.90 -3.09 -1.24
CA ILE A 63 1.74 -3.53 -0.47
C ILE A 63 1.83 -5.01 -0.14
N GLN A 64 1.93 -5.84 -1.18
CA GLN A 64 2.03 -7.28 -0.99
C GLN A 64 2.90 -7.63 0.21
N THR A 65 3.90 -6.79 0.46
CA THR A 65 4.81 -7.00 1.58
C THR A 65 4.32 -6.31 2.84
N MET A 66 3.79 -5.10 2.68
CA MET A 66 3.28 -4.34 3.80
C MET A 66 2.18 -5.11 4.52
N ARG A 67 1.41 -5.89 3.77
CA ARG A 67 0.33 -6.68 4.33
C ARG A 67 0.79 -8.09 4.68
N ALA A 68 1.68 -8.64 3.84
CA ALA A 68 2.21 -9.98 4.06
C ALA A 68 2.79 -10.11 5.46
N GLN A 69 3.21 -8.99 6.04
CA GLN A 69 3.79 -8.98 7.38
C GLN A 69 2.70 -9.03 8.44
N LEU A 70 1.54 -8.45 8.13
CA LEU A 70 0.43 -8.42 9.06
C LEU A 70 0.35 -9.72 9.85
N THR A 71 0.46 -10.84 9.15
CA THR A 71 0.41 -12.16 9.79
C THR A 71 1.29 -13.16 9.07
N SER A 72 2.48 -13.40 9.62
CA SER A 72 3.43 -14.33 9.02
C SER A 72 3.50 -15.62 9.84
N THR A 73 4.03 -16.67 9.23
CA THR A 73 4.16 -17.97 9.88
C THR A 73 5.45 -18.05 10.68
N GLN A 74 5.45 -18.88 11.72
CA GLN A 74 6.64 -19.06 12.56
C GLN A 74 7.01 -17.75 13.25
N GLY A 75 8.18 -17.73 13.87
CA GLY A 75 8.64 -16.54 14.56
C GLY A 75 9.56 -15.69 13.70
N SER A 76 10.82 -16.13 13.59
CA SER A 76 11.81 -15.41 12.81
C SER A 76 11.88 -15.95 11.38
N GLY A 77 10.82 -16.65 10.97
CA GLY A 77 10.78 -17.22 9.64
C GLY A 77 10.88 -16.16 8.56
N PRO A 78 10.45 -16.51 7.34
CA PRO A 78 10.47 -15.59 6.20
C PRO A 78 9.80 -14.26 6.51
N SER A 79 10.59 -13.28 6.92
CA SER A 79 10.07 -11.96 7.26
C SER A 79 10.51 -10.93 6.22
N SER A 80 9.64 -9.97 5.95
CA SER A 80 9.93 -8.92 4.98
C SER A 80 10.28 -7.61 5.68
N GLY A 81 11.43 -7.05 5.34
CA GLY A 81 11.86 -5.80 5.94
C GLY A 81 11.03 -4.62 5.47
N GLY A 1 6.18 5.28 8.43
CA GLY A 1 7.37 4.50 8.74
C GLY A 1 7.07 3.03 8.97
N SER A 2 7.93 2.17 8.45
CA SER A 2 7.75 0.73 8.59
C SER A 2 8.67 0.16 9.68
N SER A 3 8.40 -1.07 10.08
CA SER A 3 9.20 -1.73 11.11
C SER A 3 8.99 -1.05 12.46
N GLY A 4 7.75 -0.70 12.77
CA GLY A 4 7.44 -0.06 14.03
C GLY A 4 5.96 0.22 14.20
N SER A 5 5.59 1.49 14.28
CA SER A 5 4.20 1.88 14.44
C SER A 5 3.53 2.08 13.09
N SER A 6 2.23 1.78 13.04
CA SER A 6 1.46 1.92 11.80
C SER A 6 0.44 3.04 11.93
N GLY A 7 -0.01 3.56 10.79
CA GLY A 7 -0.98 4.63 10.78
C GLY A 7 -0.54 5.81 9.95
N LEU A 8 -0.31 5.59 8.66
CA LEU A 8 0.12 6.64 7.76
C LEU A 8 -0.88 6.85 6.63
N THR A 9 -0.57 7.77 5.73
CA THR A 9 -1.46 8.05 4.60
C THR A 9 -0.91 7.46 3.30
N VAL A 10 -1.80 7.08 2.41
CA VAL A 10 -1.41 6.50 1.12
C VAL A 10 -0.21 7.23 0.54
N GLY A 11 -0.02 8.48 0.95
CA GLY A 11 1.09 9.27 0.45
C GLY A 11 2.40 8.90 1.13
N ASP A 12 2.37 8.82 2.45
CA ASP A 12 3.57 8.49 3.22
C ASP A 12 4.19 7.20 2.70
N TRP A 13 3.43 6.13 2.70
CA TRP A 13 3.91 4.83 2.23
C TRP A 13 4.41 4.93 0.79
N LEU A 14 3.51 5.27 -0.12
CA LEU A 14 3.86 5.40 -1.53
C LEU A 14 5.15 6.21 -1.70
N ASP A 15 5.22 7.34 -1.01
CA ASP A 15 6.39 8.20 -1.09
C ASP A 15 7.68 7.40 -0.87
N SER A 16 7.64 6.50 0.11
CA SER A 16 8.79 5.67 0.43
C SER A 16 9.33 4.98 -0.82
N ILE A 17 8.42 4.48 -1.64
CA ILE A 17 8.80 3.79 -2.87
C ILE A 17 8.78 4.75 -4.06
N ARG A 18 8.73 6.05 -3.77
CA ARG A 18 8.71 7.07 -4.81
C ARG A 18 7.46 6.92 -5.69
N MET A 19 6.35 6.54 -5.08
CA MET A 19 5.09 6.36 -5.80
C MET A 19 4.01 7.29 -5.25
N GLY A 20 4.36 8.03 -4.20
CA GLY A 20 3.40 8.96 -3.60
C GLY A 20 2.73 9.84 -4.63
N ARG A 21 3.42 10.07 -5.75
CA ARG A 21 2.89 10.91 -6.81
C ARG A 21 1.53 10.40 -7.29
N TYR A 22 1.33 9.09 -7.19
CA TYR A 22 0.08 8.47 -7.61
C TYR A 22 -0.96 8.52 -6.48
N ARG A 23 -0.51 8.87 -5.29
CA ARG A 23 -1.38 8.95 -4.13
C ARG A 23 -2.74 9.55 -4.52
N ASP A 24 -2.71 10.77 -5.05
CA ASP A 24 -3.94 11.44 -5.46
C ASP A 24 -4.89 10.46 -6.15
N HIS A 25 -4.33 9.54 -6.92
CA HIS A 25 -5.13 8.55 -7.63
C HIS A 25 -5.91 7.67 -6.65
N PHE A 26 -5.18 6.98 -5.78
CA PHE A 26 -5.80 6.10 -4.80
C PHE A 26 -6.98 6.80 -4.11
N ALA A 27 -6.77 8.04 -3.73
CA ALA A 27 -7.82 8.82 -3.07
C ALA A 27 -9.09 8.85 -3.90
N ALA A 28 -8.94 8.79 -5.22
CA ALA A 28 -10.08 8.80 -6.12
C ALA A 28 -10.76 7.44 -6.17
N GLY A 29 -9.95 6.38 -6.20
CA GLY A 29 -10.48 5.03 -6.24
C GLY A 29 -11.17 4.64 -4.95
N GLY A 30 -11.19 5.56 -4.00
CA GLY A 30 -11.82 5.28 -2.72
C GLY A 30 -10.83 4.80 -1.67
N TYR A 31 -9.55 5.04 -1.92
CA TYR A 31 -8.50 4.63 -1.00
C TYR A 31 -7.72 5.83 -0.47
N SER A 32 -7.89 6.12 0.80
CA SER A 32 -7.20 7.26 1.42
C SER A 32 -6.31 6.78 2.57
N SER A 33 -6.45 5.52 2.94
CA SER A 33 -5.66 4.95 4.02
C SER A 33 -4.90 3.71 3.55
N LEU A 34 -4.01 3.21 4.40
CA LEU A 34 -3.22 2.04 4.07
C LEU A 34 -4.01 0.75 4.32
N GLY A 35 -4.73 0.72 5.43
CA GLY A 35 -5.52 -0.45 5.77
C GLY A 35 -6.34 -0.95 4.60
N MET A 36 -7.01 -0.03 3.90
CA MET A 36 -7.83 -0.39 2.75
C MET A 36 -6.97 -0.66 1.53
N VAL A 37 -5.76 -0.09 1.53
CA VAL A 37 -4.83 -0.27 0.42
C VAL A 37 -4.18 -1.65 0.45
N LEU A 38 -3.94 -2.15 1.66
CA LEU A 38 -3.33 -3.47 1.84
C LEU A 38 -4.20 -4.56 1.24
N ARG A 39 -5.51 -4.30 1.17
CA ARG A 39 -6.45 -5.26 0.63
C ARG A 39 -6.58 -5.10 -0.89
N MET A 40 -6.12 -3.96 -1.40
CA MET A 40 -6.19 -3.69 -2.83
C MET A 40 -5.33 -4.68 -3.61
N ASN A 41 -5.36 -4.55 -4.94
CA ASN A 41 -4.58 -5.44 -5.80
C ASN A 41 -4.47 -4.87 -7.21
N ALA A 42 -3.59 -5.46 -8.01
CA ALA A 42 -3.38 -5.00 -9.38
C ALA A 42 -4.70 -4.58 -10.03
N GLN A 43 -5.72 -5.41 -9.86
CA GLN A 43 -7.04 -5.14 -10.42
C GLN A 43 -7.52 -3.76 -10.00
N ASP A 44 -7.36 -3.43 -8.72
CA ASP A 44 -7.78 -2.15 -8.18
C ASP A 44 -6.79 -1.05 -8.55
N VAL A 45 -5.52 -1.28 -8.25
CA VAL A 45 -4.46 -0.31 -8.55
C VAL A 45 -4.55 0.14 -10.01
N ARG A 46 -4.56 -0.82 -10.92
CA ARG A 46 -4.63 -0.51 -12.35
C ARG A 46 -5.68 0.57 -12.62
N ALA A 47 -6.85 0.41 -12.02
CA ALA A 47 -7.94 1.37 -12.19
C ALA A 47 -7.48 2.79 -11.85
N LEU A 48 -6.62 2.90 -10.85
CA LEU A 48 -6.10 4.20 -10.44
C LEU A 48 -5.38 4.89 -11.59
N GLY A 49 -4.83 4.10 -12.50
CA GLY A 49 -4.13 4.66 -13.64
C GLY A 49 -2.70 4.16 -13.74
N ILE A 50 -2.14 3.75 -12.60
CA ILE A 50 -0.78 3.24 -12.57
C ILE A 50 -0.67 1.87 -13.23
N THR A 51 -0.20 1.86 -14.48
CA THR A 51 -0.06 0.62 -15.23
C THR A 51 1.41 0.35 -15.57
N LEU A 52 2.20 1.42 -15.66
CA LEU A 52 3.62 1.29 -15.97
C LEU A 52 4.29 0.28 -15.06
N MET A 53 4.72 -0.85 -15.64
CA MET A 53 5.38 -1.90 -14.89
C MET A 53 6.37 -1.30 -13.88
N GLY A 54 7.20 -0.38 -14.35
CA GLY A 54 8.17 0.25 -13.48
C GLY A 54 7.56 0.78 -12.20
N HIS A 55 6.33 1.27 -12.31
CA HIS A 55 5.63 1.82 -11.14
C HIS A 55 4.74 0.76 -10.50
N GLN A 56 3.77 0.27 -11.27
CA GLN A 56 2.85 -0.76 -10.77
C GLN A 56 3.57 -1.74 -9.86
N LYS A 57 4.79 -2.10 -10.23
CA LYS A 57 5.59 -3.03 -9.44
C LYS A 57 5.88 -2.47 -8.05
N LYS A 58 6.34 -1.21 -8.02
CA LYS A 58 6.66 -0.56 -6.75
C LYS A 58 5.44 -0.54 -5.82
N ILE A 59 4.40 0.17 -6.24
CA ILE A 59 3.18 0.27 -5.45
C ILE A 59 2.73 -1.11 -4.97
N LEU A 60 2.30 -1.95 -5.90
CA LEU A 60 1.85 -3.30 -5.57
C LEU A 60 2.89 -4.03 -4.74
N GLY A 61 4.10 -4.17 -5.30
CA GLY A 61 5.16 -4.86 -4.60
C GLY A 61 5.35 -4.35 -3.18
N SER A 62 5.07 -3.07 -2.98
CA SER A 62 5.21 -2.45 -1.66
C SER A 62 4.05 -2.84 -0.75
N ILE A 63 2.87 -3.03 -1.34
CA ILE A 63 1.68 -3.41 -0.59
C ILE A 63 1.75 -4.86 -0.15
N GLN A 64 1.96 -5.76 -1.11
CA GLN A 64 2.04 -7.19 -0.82
C GLN A 64 2.87 -7.44 0.45
N THR A 65 3.86 -6.58 0.67
CA THR A 65 4.73 -6.72 1.84
C THR A 65 4.14 -5.97 3.03
N MET A 66 3.52 -4.83 2.77
CA MET A 66 2.93 -4.02 3.83
C MET A 66 1.86 -4.81 4.57
N ARG A 67 1.12 -5.63 3.83
CA ARG A 67 0.05 -6.44 4.42
C ARG A 67 0.62 -7.72 5.04
N ALA A 68 1.68 -8.24 4.43
CA ALA A 68 2.32 -9.45 4.91
C ALA A 68 2.57 -9.39 6.41
N GLN A 69 2.96 -8.22 6.90
CA GLN A 69 3.23 -8.02 8.32
C GLN A 69 2.07 -8.55 9.16
N LEU A 70 0.85 -8.35 8.67
CA LEU A 70 -0.34 -8.81 9.38
C LEU A 70 -0.26 -10.30 9.67
N THR A 71 -0.04 -11.09 8.63
CA THR A 71 0.06 -12.54 8.77
C THR A 71 1.35 -12.94 9.46
N SER A 72 2.41 -12.18 9.20
CA SER A 72 3.72 -12.46 9.80
C SER A 72 4.24 -13.81 9.34
N THR A 73 5.31 -14.28 9.98
CA THR A 73 5.93 -15.55 9.64
C THR A 73 6.16 -15.66 8.13
N GLN A 74 6.60 -14.57 7.52
CA GLN A 74 6.86 -14.55 6.09
C GLN A 74 8.32 -14.92 5.80
N GLY A 75 9.24 -14.12 6.32
CA GLY A 75 10.65 -14.39 6.10
C GLY A 75 11.23 -15.32 7.15
N SER A 76 12.55 -15.47 7.13
CA SER A 76 13.24 -16.34 8.08
C SER A 76 12.81 -16.02 9.51
N GLY A 77 13.24 -16.86 10.45
CA GLY A 77 12.89 -16.66 11.84
C GLY A 77 13.12 -15.23 12.28
N PRO A 78 12.02 -14.48 12.44
CA PRO A 78 12.07 -13.07 12.87
C PRO A 78 12.88 -12.89 14.14
N SER A 79 13.17 -13.98 14.82
CA SER A 79 13.94 -13.94 16.06
C SER A 79 14.72 -15.24 16.26
N SER A 80 15.98 -15.12 16.67
CA SER A 80 16.83 -16.28 16.89
C SER A 80 16.74 -16.74 18.34
N GLY A 81 16.80 -18.06 18.54
CA GLY A 81 16.72 -18.61 19.88
C GLY A 81 18.06 -19.13 20.37
N GLY A 1 10.60 6.32 15.71
CA GLY A 1 11.02 7.66 16.08
C GLY A 1 10.53 8.71 15.11
N SER A 2 10.63 8.41 13.82
CA SER A 2 10.19 9.35 12.78
C SER A 2 8.69 9.24 12.55
N SER A 3 8.22 8.02 12.30
CA SER A 3 6.80 7.79 12.07
C SER A 3 6.42 6.36 12.42
N GLY A 4 5.35 6.21 13.20
CA GLY A 4 4.89 4.89 13.60
C GLY A 4 4.42 4.06 12.43
N SER A 5 4.29 2.76 12.65
CA SER A 5 3.84 1.84 11.59
C SER A 5 2.33 1.66 11.64
N SER A 6 1.74 1.41 10.48
CA SER A 6 0.30 1.20 10.38
C SER A 6 -0.46 2.44 10.87
N GLY A 7 0.03 3.62 10.48
CA GLY A 7 -0.60 4.85 10.88
C GLY A 7 -0.21 6.01 9.99
N LEU A 8 -0.09 5.76 8.69
CA LEU A 8 0.28 6.80 7.73
C LEU A 8 -0.77 6.93 6.64
N THR A 9 -0.52 7.84 5.70
CA THR A 9 -1.45 8.06 4.60
C THR A 9 -0.89 7.50 3.29
N VAL A 10 -1.79 7.02 2.43
CA VAL A 10 -1.39 6.46 1.15
C VAL A 10 -0.18 7.20 0.58
N GLY A 11 -0.07 8.48 0.91
CA GLY A 11 1.04 9.28 0.42
C GLY A 11 2.36 8.91 1.08
N ASP A 12 2.35 8.78 2.40
CA ASP A 12 3.54 8.43 3.16
C ASP A 12 4.17 7.15 2.60
N TRP A 13 3.46 6.04 2.72
CA TRP A 13 3.94 4.75 2.24
C TRP A 13 4.44 4.87 0.80
N LEU A 14 3.55 5.28 -0.10
CA LEU A 14 3.91 5.44 -1.50
C LEU A 14 5.18 6.25 -1.66
N ASP A 15 5.28 7.35 -0.92
CA ASP A 15 6.46 8.20 -0.98
C ASP A 15 7.74 7.39 -0.79
N SER A 16 7.70 6.44 0.14
CA SER A 16 8.85 5.60 0.41
C SER A 16 9.39 4.98 -0.88
N ILE A 17 8.49 4.48 -1.71
CA ILE A 17 8.88 3.86 -2.98
C ILE A 17 8.83 4.87 -4.11
N ARG A 18 8.78 6.16 -3.76
CA ARG A 18 8.73 7.22 -4.76
C ARG A 18 7.51 7.08 -5.65
N MET A 19 6.40 6.64 -5.06
CA MET A 19 5.15 6.46 -5.80
C MET A 19 4.06 7.37 -5.26
N GLY A 20 4.39 8.13 -4.22
CA GLY A 20 3.42 9.03 -3.62
C GLY A 20 2.72 9.90 -4.64
N ARG A 21 3.36 10.10 -5.79
CA ARG A 21 2.79 10.91 -6.86
C ARG A 21 1.44 10.37 -7.29
N TYR A 22 1.24 9.06 -7.14
CA TYR A 22 -0.01 8.42 -7.52
C TYR A 22 -0.98 8.39 -6.34
N ARG A 23 -0.48 8.76 -5.16
CA ARG A 23 -1.30 8.78 -3.96
C ARG A 23 -2.68 9.37 -4.25
N ASP A 24 -2.69 10.52 -4.92
CA ASP A 24 -3.94 11.20 -5.26
C ASP A 24 -4.89 10.24 -5.96
N HIS A 25 -4.35 9.34 -6.76
CA HIS A 25 -5.15 8.37 -7.50
C HIS A 25 -5.91 7.45 -6.53
N PHE A 26 -5.17 6.77 -5.66
CA PHE A 26 -5.77 5.86 -4.69
C PHE A 26 -6.98 6.51 -4.02
N ALA A 27 -6.81 7.75 -3.58
CA ALA A 27 -7.88 8.48 -2.92
C ALA A 27 -9.11 8.58 -3.82
N ALA A 28 -8.87 8.70 -5.12
CA ALA A 28 -9.96 8.80 -6.09
C ALA A 28 -10.70 7.48 -6.22
N GLY A 29 -9.97 6.38 -6.10
CA GLY A 29 -10.58 5.07 -6.20
C GLY A 29 -11.22 4.62 -4.91
N GLY A 30 -11.27 5.51 -3.93
CA GLY A 30 -11.86 5.19 -2.65
C GLY A 30 -10.84 4.68 -1.65
N TYR A 31 -9.57 4.94 -1.92
CA TYR A 31 -8.50 4.50 -1.04
C TYR A 31 -7.67 5.68 -0.56
N SER A 32 -7.82 6.03 0.71
CA SER A 32 -7.09 7.16 1.29
C SER A 32 -6.22 6.69 2.46
N SER A 33 -6.46 5.46 2.91
CA SER A 33 -5.72 4.89 4.03
C SER A 33 -4.92 3.68 3.59
N LEU A 34 -4.01 3.23 4.44
CA LEU A 34 -3.17 2.07 4.13
C LEU A 34 -3.94 0.77 4.37
N GLY A 35 -4.69 0.72 5.47
CA GLY A 35 -5.46 -0.47 5.80
C GLY A 35 -6.27 -0.96 4.61
N MET A 36 -6.91 -0.04 3.91
CA MET A 36 -7.72 -0.39 2.75
C MET A 36 -6.85 -0.64 1.53
N VAL A 37 -5.68 -0.02 1.51
CA VAL A 37 -4.75 -0.17 0.39
C VAL A 37 -4.13 -1.57 0.38
N LEU A 38 -3.89 -2.11 1.56
CA LEU A 38 -3.30 -3.43 1.69
C LEU A 38 -4.17 -4.49 1.02
N ARG A 39 -5.45 -4.16 0.85
CA ARG A 39 -6.40 -5.08 0.22
C ARG A 39 -6.42 -4.89 -1.29
N MET A 40 -5.90 -3.76 -1.74
CA MET A 40 -5.86 -3.45 -3.17
C MET A 40 -5.13 -4.55 -3.94
N ASN A 41 -5.10 -4.42 -5.26
CA ASN A 41 -4.43 -5.40 -6.10
C ASN A 41 -4.33 -4.90 -7.54
N ALA A 42 -3.40 -5.46 -8.31
CA ALA A 42 -3.20 -5.08 -9.69
C ALA A 42 -4.52 -4.67 -10.34
N GLN A 43 -5.54 -5.50 -10.17
CA GLN A 43 -6.86 -5.21 -10.73
C GLN A 43 -7.37 -3.86 -10.27
N ASP A 44 -7.32 -3.62 -8.97
CA ASP A 44 -7.78 -2.35 -8.39
C ASP A 44 -6.79 -1.23 -8.72
N VAL A 45 -5.54 -1.42 -8.32
CA VAL A 45 -4.50 -0.42 -8.56
C VAL A 45 -4.61 0.15 -9.97
N ARG A 46 -4.62 -0.74 -10.96
CA ARG A 46 -4.71 -0.33 -12.36
C ARG A 46 -5.76 0.77 -12.53
N ALA A 47 -6.93 0.56 -11.92
CA ALA A 47 -8.02 1.53 -12.01
C ALA A 47 -7.55 2.91 -11.58
N LEU A 48 -6.72 2.95 -10.55
CA LEU A 48 -6.20 4.21 -10.02
C LEU A 48 -5.46 4.98 -11.11
N GLY A 49 -4.93 4.26 -12.09
CA GLY A 49 -4.20 4.89 -13.17
C GLY A 49 -2.79 4.36 -13.31
N ILE A 50 -2.23 3.87 -12.20
CA ILE A 50 -0.87 3.33 -12.20
C ILE A 50 -0.81 2.02 -12.96
N THR A 51 -0.33 2.07 -14.19
CA THR A 51 -0.21 0.88 -15.02
C THR A 51 1.24 0.61 -15.41
N LEU A 52 2.03 1.67 -15.46
CA LEU A 52 3.45 1.56 -15.82
C LEU A 52 4.13 0.49 -14.99
N MET A 53 4.60 -0.56 -15.65
CA MET A 53 5.28 -1.65 -14.97
C MET A 53 6.27 -1.12 -13.93
N GLY A 54 7.09 -0.16 -14.34
CA GLY A 54 8.07 0.42 -13.43
C GLY A 54 7.44 0.91 -12.14
N HIS A 55 6.19 1.33 -12.22
CA HIS A 55 5.47 1.83 -11.05
C HIS A 55 4.60 0.73 -10.44
N GLN A 56 3.62 0.26 -11.20
CA GLN A 56 2.72 -0.78 -10.73
C GLN A 56 3.47 -1.80 -9.88
N LYS A 57 4.62 -2.23 -10.36
CA LYS A 57 5.44 -3.21 -9.64
C LYS A 57 5.84 -2.67 -8.26
N LYS A 58 6.22 -1.40 -8.21
CA LYS A 58 6.62 -0.77 -6.96
C LYS A 58 5.44 -0.68 -6.00
N ILE A 59 4.40 0.02 -6.42
CA ILE A 59 3.21 0.19 -5.58
C ILE A 59 2.70 -1.16 -5.09
N LEU A 60 2.52 -2.10 -6.01
CA LEU A 60 2.04 -3.43 -5.67
C LEU A 60 3.04 -4.15 -4.77
N GLY A 61 4.27 -4.30 -5.25
CA GLY A 61 5.30 -4.97 -4.48
C GLY A 61 5.49 -4.36 -3.11
N SER A 62 5.23 -3.06 -3.00
CA SER A 62 5.38 -2.36 -1.73
C SER A 62 4.24 -2.71 -0.78
N ILE A 63 3.09 -3.03 -1.35
CA ILE A 63 1.92 -3.39 -0.55
C ILE A 63 1.98 -4.84 -0.10
N GLN A 64 2.27 -5.73 -1.05
CA GLN A 64 2.35 -7.16 -0.74
C GLN A 64 3.16 -7.39 0.53
N THR A 65 4.13 -6.51 0.79
CA THR A 65 4.97 -6.62 1.97
C THR A 65 4.36 -5.87 3.15
N MET A 66 3.56 -4.86 2.86
CA MET A 66 2.92 -4.06 3.89
C MET A 66 1.84 -4.88 4.60
N ARG A 67 1.16 -5.73 3.85
CA ARG A 67 0.09 -6.56 4.39
C ARG A 67 0.66 -7.87 4.96
N ALA A 68 1.79 -8.31 4.40
CA ALA A 68 2.42 -9.53 4.86
C ALA A 68 2.61 -9.53 6.37
N GLN A 69 3.08 -8.41 6.90
CA GLN A 69 3.29 -8.28 8.33
C GLN A 69 1.99 -8.42 9.11
N LEU A 70 0.94 -7.79 8.61
CA LEU A 70 -0.37 -7.84 9.25
C LEU A 70 -0.80 -9.29 9.50
N THR A 71 -0.76 -10.09 8.44
CA THR A 71 -1.15 -11.49 8.53
C THR A 71 0.01 -12.34 9.03
N SER A 72 1.00 -11.70 9.63
CA SER A 72 2.18 -12.39 10.15
C SER A 72 2.82 -13.25 9.07
N THR A 73 3.77 -14.09 9.47
CA THR A 73 4.47 -14.96 8.53
C THR A 73 3.74 -16.29 8.37
N GLN A 74 2.54 -16.37 8.93
CA GLN A 74 1.74 -17.59 8.85
C GLN A 74 1.68 -18.10 7.42
N GLY A 75 1.20 -17.24 6.51
CA GLY A 75 1.09 -17.62 5.11
C GLY A 75 2.40 -18.16 4.55
N SER A 76 2.50 -19.48 4.46
CA SER A 76 3.71 -20.12 3.94
C SER A 76 3.67 -20.20 2.41
N GLY A 77 2.57 -20.73 1.89
CA GLY A 77 2.43 -20.86 0.45
C GLY A 77 1.92 -22.23 0.04
N PRO A 78 1.35 -22.31 -1.17
CA PRO A 78 0.81 -23.57 -1.71
C PRO A 78 1.83 -24.71 -1.65
N SER A 79 3.09 -24.38 -1.94
CA SER A 79 4.16 -25.36 -1.94
C SER A 79 5.05 -25.18 -0.71
N SER A 80 5.55 -26.30 -0.18
CA SER A 80 6.41 -26.27 1.00
C SER A 80 7.88 -26.14 0.59
N GLY A 81 8.46 -24.97 0.82
CA GLY A 81 9.85 -24.74 0.47
C GLY A 81 10.05 -23.47 -0.33
N GLY A 1 10.20 3.63 13.23
CA GLY A 1 11.37 4.46 13.45
C GLY A 1 11.69 5.35 12.26
N SER A 2 12.85 5.12 11.64
CA SER A 2 13.27 5.91 10.49
C SER A 2 12.45 5.55 9.27
N SER A 3 12.33 4.25 8.99
CA SER A 3 11.57 3.78 7.84
C SER A 3 10.41 2.89 8.28
N GLY A 4 9.19 3.42 8.16
CA GLY A 4 8.02 2.67 8.55
C GLY A 4 7.33 3.25 9.75
N SER A 5 6.45 4.22 9.53
CA SER A 5 5.73 4.88 10.62
C SER A 5 4.35 4.24 10.81
N SER A 6 3.99 4.01 12.07
CA SER A 6 2.70 3.40 12.39
C SER A 6 1.54 4.27 11.87
N GLY A 7 0.46 3.61 11.49
CA GLY A 7 -0.69 4.33 10.98
C GLY A 7 -0.31 5.52 10.12
N LEU A 8 -0.13 5.28 8.83
CA LEU A 8 0.26 6.35 7.91
C LEU A 8 -0.80 6.52 6.81
N THR A 9 -0.55 7.46 5.91
CA THR A 9 -1.48 7.73 4.81
C THR A 9 -0.93 7.20 3.49
N VAL A 10 -1.84 6.77 2.61
CA VAL A 10 -1.44 6.24 1.31
C VAL A 10 -0.27 7.03 0.73
N GLY A 11 -0.16 8.30 1.13
CA GLY A 11 0.92 9.14 0.63
C GLY A 11 2.25 8.79 1.26
N ASP A 12 2.27 8.67 2.58
CA ASP A 12 3.49 8.34 3.30
C ASP A 12 4.15 7.10 2.71
N TRP A 13 3.46 5.96 2.80
CA TRP A 13 3.98 4.71 2.28
C TRP A 13 4.44 4.87 0.84
N LEU A 14 3.51 5.21 -0.04
CA LEU A 14 3.82 5.40 -1.45
C LEU A 14 5.08 6.24 -1.63
N ASP A 15 5.14 7.35 -0.90
CA ASP A 15 6.29 8.25 -0.98
C ASP A 15 7.60 7.48 -0.77
N SER A 16 7.57 6.51 0.14
CA SER A 16 8.75 5.70 0.44
C SER A 16 9.32 5.09 -0.84
N ILE A 17 8.44 4.56 -1.68
CA ILE A 17 8.86 3.95 -2.93
C ILE A 17 8.84 4.95 -4.08
N ARG A 18 8.75 6.23 -3.72
CA ARG A 18 8.72 7.30 -4.72
C ARG A 18 7.46 7.20 -5.58
N MET A 19 6.39 6.70 -4.99
CA MET A 19 5.12 6.56 -5.70
C MET A 19 4.04 7.43 -5.08
N GLY A 20 4.41 8.17 -4.03
CA GLY A 20 3.46 9.04 -3.37
C GLY A 20 2.76 9.98 -4.33
N ARG A 21 3.29 10.08 -5.54
CA ARG A 21 2.71 10.96 -6.56
C ARG A 21 1.35 10.43 -7.02
N TYR A 22 1.17 9.12 -6.91
CA TYR A 22 -0.08 8.49 -7.31
C TYR A 22 -1.05 8.41 -6.15
N ARG A 23 -0.57 8.75 -4.96
CA ARG A 23 -1.40 8.73 -3.76
C ARG A 23 -2.79 9.32 -4.04
N ASP A 24 -2.81 10.48 -4.68
CA ASP A 24 -4.07 11.14 -5.01
C ASP A 24 -5.01 10.19 -5.75
N HIS A 25 -4.43 9.31 -6.55
CA HIS A 25 -5.22 8.34 -7.32
C HIS A 25 -5.95 7.38 -6.39
N PHE A 26 -5.20 6.75 -5.49
CA PHE A 26 -5.79 5.80 -4.55
C PHE A 26 -7.02 6.40 -3.87
N ALA A 27 -6.88 7.62 -3.36
CA ALA A 27 -7.98 8.30 -2.70
C ALA A 27 -9.21 8.39 -3.60
N ALA A 28 -8.96 8.39 -4.91
CA ALA A 28 -10.05 8.47 -5.89
C ALA A 28 -10.69 7.10 -6.09
N GLY A 29 -9.89 6.04 -6.01
CA GLY A 29 -10.41 4.70 -6.19
C GLY A 29 -11.02 4.14 -4.93
N GLY A 30 -11.22 5.00 -3.93
CA GLY A 30 -11.80 4.56 -2.68
C GLY A 30 -10.76 4.11 -1.68
N TYR A 31 -9.50 4.46 -1.94
CA TYR A 31 -8.41 4.09 -1.06
C TYR A 31 -7.66 5.33 -0.56
N SER A 32 -7.96 5.74 0.66
CA SER A 32 -7.31 6.91 1.24
C SER A 32 -6.42 6.51 2.40
N SER A 33 -6.56 5.27 2.86
CA SER A 33 -5.77 4.76 3.96
C SER A 33 -4.97 3.53 3.55
N LEU A 34 -4.10 3.08 4.44
CA LEU A 34 -3.27 1.90 4.16
C LEU A 34 -4.07 0.62 4.38
N GLY A 35 -4.87 0.59 5.45
CA GLY A 35 -5.66 -0.58 5.75
C GLY A 35 -6.36 -1.13 4.52
N MET A 36 -6.93 -0.25 3.72
CA MET A 36 -7.64 -0.65 2.50
C MET A 36 -6.66 -0.89 1.36
N VAL A 37 -5.43 -0.42 1.53
CA VAL A 37 -4.39 -0.57 0.51
C VAL A 37 -3.72 -1.94 0.63
N LEU A 38 -3.55 -2.41 1.86
CA LEU A 38 -2.92 -3.70 2.11
C LEU A 38 -3.77 -4.83 1.56
N ARG A 39 -5.04 -4.55 1.32
CA ARG A 39 -5.97 -5.55 0.80
C ARG A 39 -6.24 -5.32 -0.69
N MET A 40 -5.55 -4.34 -1.26
CA MET A 40 -5.72 -4.03 -2.68
C MET A 40 -4.95 -5.02 -3.56
N ASN A 41 -5.00 -4.81 -4.86
CA ASN A 41 -4.31 -5.69 -5.80
C ASN A 41 -4.26 -5.06 -7.19
N ALA A 42 -3.39 -5.59 -8.04
CA ALA A 42 -3.24 -5.08 -9.40
C ALA A 42 -4.58 -4.64 -9.97
N GLN A 43 -5.60 -5.47 -9.79
CA GLN A 43 -6.93 -5.16 -10.29
C GLN A 43 -7.40 -3.81 -9.78
N ASP A 44 -7.18 -3.55 -8.49
CA ASP A 44 -7.58 -2.30 -7.88
C ASP A 44 -6.61 -1.17 -8.24
N VAL A 45 -5.32 -1.43 -8.04
CA VAL A 45 -4.28 -0.45 -8.35
C VAL A 45 -4.42 0.07 -9.77
N ARG A 46 -4.45 -0.85 -10.72
CA ARG A 46 -4.59 -0.48 -12.13
C ARG A 46 -5.69 0.56 -12.32
N ALA A 47 -6.82 0.34 -11.66
CA ALA A 47 -7.95 1.26 -11.75
C ALA A 47 -7.53 2.68 -11.38
N LEU A 48 -6.58 2.80 -10.46
CA LEU A 48 -6.09 4.10 -10.02
C LEU A 48 -5.40 4.83 -11.16
N GLY A 49 -4.90 4.07 -12.13
CA GLY A 49 -4.22 4.67 -13.27
C GLY A 49 -2.78 4.18 -13.41
N ILE A 50 -2.18 3.80 -12.28
CA ILE A 50 -0.80 3.32 -12.28
C ILE A 50 -0.70 1.98 -13.00
N THR A 51 -0.26 2.00 -14.25
CA THR A 51 -0.11 0.79 -15.04
C THR A 51 1.33 0.58 -15.46
N LEU A 52 2.09 1.66 -15.52
CA LEU A 52 3.50 1.59 -15.90
C LEU A 52 4.24 0.52 -15.11
N MET A 53 4.57 -0.57 -15.79
CA MET A 53 5.27 -1.68 -15.15
C MET A 53 6.34 -1.16 -14.19
N GLY A 54 7.13 -0.20 -14.65
CA GLY A 54 8.18 0.37 -13.82
C GLY A 54 7.65 0.87 -12.49
N HIS A 55 6.45 1.42 -12.50
CA HIS A 55 5.84 1.95 -11.28
C HIS A 55 4.97 0.88 -10.61
N GLN A 56 3.97 0.39 -11.34
CA GLN A 56 3.07 -0.62 -10.82
C GLN A 56 3.82 -1.60 -9.92
N LYS A 57 5.01 -1.99 -10.34
CA LYS A 57 5.83 -2.92 -9.57
C LYS A 57 6.12 -2.37 -8.18
N LYS A 58 6.48 -1.09 -8.11
CA LYS A 58 6.78 -0.45 -6.84
C LYS A 58 5.57 -0.50 -5.90
N ILE A 59 4.49 0.15 -6.30
CA ILE A 59 3.27 0.17 -5.49
C ILE A 59 2.85 -1.25 -5.11
N LEU A 60 2.48 -2.04 -6.11
CA LEU A 60 2.06 -3.42 -5.88
C LEU A 60 3.12 -4.20 -5.13
N GLY A 61 4.32 -4.24 -5.68
CA GLY A 61 5.41 -4.96 -5.05
C GLY A 61 5.54 -4.63 -3.57
N SER A 62 5.48 -3.34 -3.25
CA SER A 62 5.60 -2.91 -1.86
C SER A 62 4.43 -3.43 -1.02
N ILE A 63 3.22 -3.24 -1.52
CA ILE A 63 2.03 -3.70 -0.82
C ILE A 63 2.08 -5.20 -0.58
N GLN A 64 2.17 -5.98 -1.66
CA GLN A 64 2.22 -7.43 -1.56
C GLN A 64 2.95 -7.86 -0.29
N THR A 65 3.98 -7.12 0.08
CA THR A 65 4.76 -7.41 1.27
C THR A 65 4.32 -6.56 2.45
N MET A 66 3.85 -5.35 2.14
CA MET A 66 3.40 -4.43 3.18
C MET A 66 2.20 -5.00 3.93
N ARG A 67 1.52 -5.95 3.31
CA ARG A 67 0.34 -6.58 3.91
C ARG A 67 0.74 -7.85 4.65
N ALA A 68 1.67 -8.60 4.07
CA ALA A 68 2.14 -9.84 4.68
C ALA A 68 2.37 -9.68 6.17
N GLN A 69 3.06 -8.61 6.54
CA GLN A 69 3.36 -8.33 7.94
C GLN A 69 2.11 -7.86 8.68
N LEU A 70 1.29 -7.08 8.00
CA LEU A 70 0.05 -6.58 8.59
C LEU A 70 -0.92 -7.71 8.90
N THR A 71 -2.08 -7.36 9.47
CA THR A 71 -3.09 -8.35 9.81
C THR A 71 -2.48 -9.49 10.62
N SER A 72 -1.44 -9.18 11.38
CA SER A 72 -0.76 -10.19 12.20
C SER A 72 -1.24 -10.12 13.64
N THR A 73 -1.13 -11.24 14.34
CA THR A 73 -1.55 -11.31 15.74
C THR A 73 -0.69 -10.43 16.63
N GLN A 74 0.62 -10.46 16.39
CA GLN A 74 1.55 -9.66 17.17
C GLN A 74 1.80 -8.30 16.51
N GLY A 75 1.93 -7.26 17.32
CA GLY A 75 2.16 -5.94 16.79
C GLY A 75 1.53 -4.85 17.65
N SER A 76 2.05 -4.68 18.87
CA SER A 76 1.53 -3.68 19.79
C SER A 76 2.16 -2.32 19.53
N GLY A 77 3.47 -2.32 19.28
CA GLY A 77 4.18 -1.09 19.02
C GLY A 77 4.90 -0.55 20.25
N PRO A 78 6.03 -1.17 20.59
CA PRO A 78 6.84 -0.78 21.75
C PRO A 78 7.16 0.71 21.75
N SER A 79 6.73 1.40 22.81
CA SER A 79 6.96 2.83 22.93
C SER A 79 6.48 3.57 21.69
N SER A 80 5.27 3.26 21.25
CA SER A 80 4.70 3.88 20.06
C SER A 80 3.72 4.98 20.45
N GLY A 81 3.98 6.19 19.94
CA GLY A 81 3.11 7.32 20.25
C GLY A 81 3.64 8.15 21.41
N GLY A 1 2.25 4.59 21.98
CA GLY A 1 3.31 3.60 22.13
C GLY A 1 2.93 2.27 21.51
N SER A 2 2.50 2.29 20.25
CA SER A 2 2.11 1.08 19.55
C SER A 2 3.27 0.51 18.75
N SER A 3 3.05 -0.64 18.13
CA SER A 3 4.08 -1.29 17.34
C SER A 3 3.48 -1.93 16.08
N GLY A 4 4.07 -1.64 14.93
CA GLY A 4 3.58 -2.19 13.68
C GLY A 4 2.74 -1.21 12.90
N SER A 5 1.65 -0.75 13.51
CA SER A 5 0.75 0.20 12.86
C SER A 5 1.08 1.63 13.29
N SER A 6 1.13 2.53 12.31
CA SER A 6 1.44 3.93 12.58
C SER A 6 0.24 4.82 12.24
N GLY A 7 -0.42 4.51 11.13
CA GLY A 7 -1.58 5.29 10.72
C GLY A 7 -1.21 6.42 9.78
N LEU A 8 -0.43 6.10 8.75
CA LEU A 8 -0.01 7.10 7.78
C LEU A 8 -1.02 7.26 6.66
N THR A 9 -0.73 8.14 5.71
CA THR A 9 -1.62 8.37 4.57
C THR A 9 -1.06 7.76 3.29
N VAL A 10 -1.95 7.30 2.43
CA VAL A 10 -1.55 6.69 1.16
C VAL A 10 -0.32 7.40 0.59
N GLY A 11 -0.21 8.69 0.86
CA GLY A 11 0.92 9.46 0.37
C GLY A 11 2.23 9.08 1.05
N ASP A 12 2.22 9.11 2.37
CA ASP A 12 3.42 8.77 3.14
C ASP A 12 4.04 7.47 2.64
N TRP A 13 3.32 6.37 2.79
CA TRP A 13 3.80 5.07 2.35
C TRP A 13 4.27 5.13 0.89
N LEU A 14 3.36 5.49 -0.01
CA LEU A 14 3.68 5.59 -1.42
C LEU A 14 4.95 6.40 -1.65
N ASP A 15 5.13 7.42 -0.81
CA ASP A 15 6.31 8.29 -0.91
C ASP A 15 7.59 7.48 -0.73
N SER A 16 7.56 6.53 0.19
CA SER A 16 8.72 5.69 0.47
C SER A 16 9.21 5.00 -0.81
N ILE A 17 8.27 4.51 -1.60
CA ILE A 17 8.59 3.83 -2.85
C ILE A 17 8.66 4.82 -4.01
N ARG A 18 8.72 6.10 -3.69
CA ARG A 18 8.78 7.15 -4.70
C ARG A 18 7.58 7.07 -5.65
N MET A 19 6.46 6.59 -5.12
CA MET A 19 5.24 6.45 -5.92
C MET A 19 4.15 7.38 -5.40
N GLY A 20 4.49 8.19 -4.40
CA GLY A 20 3.52 9.11 -3.83
C GLY A 20 2.84 9.96 -4.88
N ARG A 21 3.43 10.02 -6.07
CA ARG A 21 2.87 10.80 -7.16
C ARG A 21 1.50 10.26 -7.57
N TYR A 22 1.27 8.98 -7.30
CA TYR A 22 0.01 8.34 -7.64
C TYR A 22 -0.96 8.39 -6.46
N ARG A 23 -0.45 8.79 -5.30
CA ARG A 23 -1.27 8.88 -4.09
C ARG A 23 -2.62 9.50 -4.41
N ASP A 24 -2.61 10.62 -5.11
CA ASP A 24 -3.84 11.31 -5.47
C ASP A 24 -4.82 10.36 -6.16
N HIS A 25 -4.28 9.42 -6.93
CA HIS A 25 -5.10 8.45 -7.64
C HIS A 25 -5.89 7.59 -6.66
N PHE A 26 -5.18 6.94 -5.75
CA PHE A 26 -5.82 6.07 -4.75
C PHE A 26 -7.04 6.76 -4.15
N ALA A 27 -6.88 8.02 -3.76
CA ALA A 27 -7.97 8.78 -3.17
C ALA A 27 -9.19 8.80 -4.09
N ALA A 28 -8.94 8.77 -5.39
CA ALA A 28 -10.03 8.78 -6.37
C ALA A 28 -10.70 7.41 -6.46
N GLY A 29 -9.91 6.35 -6.32
CA GLY A 29 -10.44 5.01 -6.37
C GLY A 29 -11.12 4.59 -5.08
N GLY A 30 -11.26 5.54 -4.15
CA GLY A 30 -11.89 5.25 -2.89
C GLY A 30 -10.89 4.81 -1.83
N TYR A 31 -9.62 5.15 -2.04
CA TYR A 31 -8.57 4.79 -1.10
C TYR A 31 -7.83 6.03 -0.61
N SER A 32 -8.19 6.48 0.60
CA SER A 32 -7.56 7.65 1.19
C SER A 32 -6.79 7.28 2.45
N SER A 33 -6.66 5.99 2.70
CA SER A 33 -5.95 5.50 3.87
C SER A 33 -5.23 4.19 3.56
N LEU A 34 -4.35 3.78 4.48
CA LEU A 34 -3.60 2.54 4.31
C LEU A 34 -4.46 1.33 4.63
N GLY A 35 -5.19 1.40 5.74
CA GLY A 35 -6.05 0.30 6.15
C GLY A 35 -6.82 -0.28 4.98
N MET A 36 -7.16 0.56 4.01
CA MET A 36 -7.90 0.11 2.84
C MET A 36 -6.97 -0.22 1.70
N VAL A 37 -5.78 0.37 1.71
CA VAL A 37 -4.78 0.12 0.66
C VAL A 37 -4.19 -1.28 0.79
N LEU A 38 -3.94 -1.70 2.02
CA LEU A 38 -3.37 -3.02 2.27
C LEU A 38 -4.19 -4.11 1.59
N ARG A 39 -5.47 -3.81 1.37
CA ARG A 39 -6.37 -4.76 0.72
C ARG A 39 -6.47 -4.49 -0.78
N MET A 40 -5.48 -3.78 -1.31
CA MET A 40 -5.46 -3.47 -2.73
C MET A 40 -4.81 -4.58 -3.54
N ASN A 41 -4.92 -4.50 -4.85
CA ASN A 41 -4.34 -5.50 -5.73
C ASN A 41 -4.23 -4.98 -7.17
N ALA A 42 -3.40 -5.65 -7.97
CA ALA A 42 -3.21 -5.25 -9.36
C ALA A 42 -4.50 -4.73 -9.97
N GLN A 43 -5.60 -5.44 -9.69
CA GLN A 43 -6.91 -5.05 -10.22
C GLN A 43 -7.29 -3.65 -9.76
N ASP A 44 -7.21 -3.41 -8.45
CA ASP A 44 -7.55 -2.12 -7.89
C ASP A 44 -6.51 -1.06 -8.29
N VAL A 45 -5.25 -1.34 -7.99
CA VAL A 45 -4.16 -0.42 -8.32
C VAL A 45 -4.26 0.04 -9.77
N ARG A 46 -4.27 -0.91 -10.69
CA ARG A 46 -4.37 -0.59 -12.12
C ARG A 46 -5.48 0.42 -12.37
N ALA A 47 -6.64 0.19 -11.76
CA ALA A 47 -7.79 1.07 -11.93
C ALA A 47 -7.41 2.52 -11.61
N LEU A 48 -6.54 2.70 -10.62
CA LEU A 48 -6.10 4.02 -10.21
C LEU A 48 -5.39 4.74 -11.36
N GLY A 49 -4.87 3.96 -12.30
CA GLY A 49 -4.18 4.52 -13.43
C GLY A 49 -2.76 4.01 -13.56
N ILE A 50 -2.15 3.68 -12.44
CA ILE A 50 -0.79 3.16 -12.42
C ILE A 50 -0.69 1.83 -13.15
N THR A 51 -0.20 1.86 -14.39
CA THR A 51 -0.06 0.65 -15.18
C THR A 51 1.40 0.38 -15.52
N LEU A 52 2.21 1.43 -15.54
CA LEU A 52 3.63 1.31 -15.84
C LEU A 52 4.28 0.21 -15.00
N MET A 53 4.64 -0.89 -15.64
CA MET A 53 5.27 -2.00 -14.95
C MET A 53 6.26 -1.51 -13.90
N GLY A 54 7.17 -0.64 -14.32
CA GLY A 54 8.16 -0.11 -13.41
C GLY A 54 7.54 0.48 -12.15
N HIS A 55 6.36 1.07 -12.30
CA HIS A 55 5.67 1.67 -11.17
C HIS A 55 4.74 0.66 -10.50
N GLN A 56 3.76 0.17 -11.26
CA GLN A 56 2.80 -0.81 -10.75
C GLN A 56 3.48 -1.78 -9.79
N LYS A 57 4.74 -2.09 -10.07
CA LYS A 57 5.50 -3.01 -9.23
C LYS A 57 5.80 -2.39 -7.87
N LYS A 58 6.21 -1.12 -7.88
CA LYS A 58 6.53 -0.41 -6.65
C LYS A 58 5.33 -0.42 -5.70
N ILE A 59 4.25 0.21 -6.11
CA ILE A 59 3.03 0.28 -5.30
C ILE A 59 2.61 -1.11 -4.85
N LEU A 60 2.27 -1.96 -5.81
CA LEU A 60 1.83 -3.32 -5.51
C LEU A 60 2.85 -4.03 -4.64
N GLY A 61 4.08 -4.17 -5.14
CA GLY A 61 5.13 -4.83 -4.39
C GLY A 61 5.30 -4.24 -3.00
N SER A 62 5.03 -2.95 -2.87
CA SER A 62 5.16 -2.27 -1.59
C SER A 62 4.05 -2.66 -0.64
N ILE A 63 2.87 -2.99 -1.20
CA ILE A 63 1.73 -3.39 -0.40
C ILE A 63 1.81 -4.86 0.00
N GLN A 64 1.98 -5.72 -1.00
CA GLN A 64 2.08 -7.15 -0.75
C GLN A 64 2.96 -7.43 0.46
N THR A 65 4.07 -6.71 0.56
CA THR A 65 5.00 -6.89 1.67
C THR A 65 4.50 -6.19 2.92
N MET A 66 3.79 -5.08 2.73
CA MET A 66 3.25 -4.31 3.85
C MET A 66 2.14 -5.08 4.55
N ARG A 67 1.38 -5.87 3.77
CA ARG A 67 0.29 -6.66 4.31
C ARG A 67 0.74 -8.07 4.64
N ALA A 68 1.73 -8.56 3.89
CA ALA A 68 2.25 -9.91 4.10
C ALA A 68 2.67 -10.10 5.55
N GLN A 69 3.31 -9.09 6.12
CA GLN A 69 3.77 -9.15 7.50
C GLN A 69 2.60 -9.34 8.45
N LEU A 70 1.53 -8.58 8.23
CA LEU A 70 0.34 -8.67 9.07
C LEU A 70 -0.11 -10.12 9.22
N THR A 71 -0.44 -10.75 8.10
CA THR A 71 -0.89 -12.13 8.10
C THR A 71 0.18 -13.06 8.64
N SER A 72 1.43 -12.81 8.25
CA SER A 72 2.56 -13.63 8.68
C SER A 72 2.54 -13.79 10.20
N THR A 73 3.28 -14.79 10.69
CA THR A 73 3.36 -15.05 12.11
C THR A 73 1.98 -15.09 12.74
N GLN A 74 0.95 -15.26 11.91
CA GLN A 74 -0.42 -15.30 12.38
C GLN A 74 -1.29 -16.17 11.46
N GLY A 75 -2.26 -16.85 12.05
CA GLY A 75 -3.15 -17.70 11.27
C GLY A 75 -2.44 -18.94 10.75
N SER A 76 -3.22 -19.96 10.40
CA SER A 76 -2.66 -21.20 9.89
C SER A 76 -3.72 -22.02 9.16
N GLY A 77 -3.64 -22.04 7.84
CA GLY A 77 -4.61 -22.78 7.04
C GLY A 77 -3.96 -23.56 5.92
N PRO A 78 -4.74 -23.86 4.88
CA PRO A 78 -4.25 -24.60 3.70
C PRO A 78 -2.99 -23.99 3.12
N SER A 79 -2.09 -24.85 2.64
CA SER A 79 -0.84 -24.40 2.05
C SER A 79 -1.06 -23.88 0.62
N SER A 80 -0.86 -22.59 0.45
CA SER A 80 -1.04 -21.96 -0.87
C SER A 80 0.27 -21.34 -1.35
N GLY A 81 0.85 -21.93 -2.39
CA GLY A 81 2.09 -21.40 -2.93
C GLY A 81 1.89 -20.17 -3.78
N GLY A 1 -9.25 -8.41 13.52
CA GLY A 1 -9.97 -7.80 14.64
C GLY A 1 -9.86 -6.29 14.63
N SER A 2 -10.63 -5.64 13.76
CA SER A 2 -10.62 -4.19 13.65
C SER A 2 -9.19 -3.67 13.52
N SER A 3 -8.39 -4.35 12.73
CA SER A 3 -7.00 -3.97 12.52
C SER A 3 -6.90 -2.48 12.19
N GLY A 4 -7.79 -2.01 11.33
CA GLY A 4 -7.78 -0.61 10.94
C GLY A 4 -6.74 -0.29 9.90
N SER A 5 -6.21 0.92 9.93
CA SER A 5 -5.20 1.35 8.97
C SER A 5 -3.80 1.18 9.55
N SER A 6 -2.81 0.99 8.67
CA SER A 6 -1.43 0.81 9.09
C SER A 6 -1.02 1.89 10.10
N GLY A 7 -0.90 3.13 9.61
CA GLY A 7 -0.52 4.22 10.48
C GLY A 7 -0.30 5.51 9.71
N LEU A 8 0.52 5.45 8.67
CA LEU A 8 0.81 6.63 7.86
C LEU A 8 -0.23 6.81 6.76
N THR A 9 -0.08 7.86 5.97
CA THR A 9 -1.02 8.14 4.88
C THR A 9 -0.52 7.55 3.57
N VAL A 10 -1.45 7.19 2.70
CA VAL A 10 -1.11 6.61 1.40
C VAL A 10 0.05 7.37 0.75
N GLY A 11 0.05 8.69 0.91
CA GLY A 11 1.10 9.51 0.33
C GLY A 11 2.45 9.23 0.96
N ASP A 12 2.48 9.10 2.28
CA ASP A 12 3.72 8.83 2.99
C ASP A 12 4.37 7.54 2.50
N TRP A 13 3.65 6.44 2.61
CA TRP A 13 4.15 5.14 2.18
C TRP A 13 4.60 5.20 0.72
N LEU A 14 3.71 5.66 -0.15
CA LEU A 14 4.00 5.76 -1.57
C LEU A 14 5.27 6.58 -1.81
N ASP A 15 5.30 7.79 -1.24
CA ASP A 15 6.46 8.67 -1.38
C ASP A 15 7.76 7.89 -1.19
N SER A 16 7.79 7.03 -0.17
CA SER A 16 8.97 6.24 0.13
C SER A 16 9.47 5.52 -1.12
N ILE A 17 8.55 4.91 -1.85
CA ILE A 17 8.89 4.18 -3.07
C ILE A 17 8.83 5.10 -4.28
N ARG A 18 8.78 6.40 -4.04
CA ARG A 18 8.71 7.38 -5.12
C ARG A 18 7.43 7.21 -5.93
N MET A 19 6.35 6.83 -5.24
CA MET A 19 5.06 6.63 -5.90
C MET A 19 4.00 7.57 -5.31
N GLY A 20 4.42 8.38 -4.33
CA GLY A 20 3.49 9.30 -3.71
C GLY A 20 2.76 10.16 -4.71
N ARG A 21 3.29 10.23 -5.93
CA ARG A 21 2.70 11.04 -6.98
C ARG A 21 1.34 10.48 -7.39
N TYR A 22 1.12 9.20 -7.09
CA TYR A 22 -0.14 8.54 -7.43
C TYR A 22 -1.13 8.63 -6.27
N ARG A 23 -0.62 9.03 -5.10
CA ARG A 23 -1.46 9.15 -3.91
C ARG A 23 -2.87 9.62 -4.28
N ASP A 24 -2.96 10.81 -4.87
CA ASP A 24 -4.24 11.36 -5.27
C ASP A 24 -5.12 10.30 -5.90
N HIS A 25 -4.51 9.44 -6.72
CA HIS A 25 -5.25 8.38 -7.39
C HIS A 25 -5.95 7.48 -6.37
N PHE A 26 -5.16 6.85 -5.51
CA PHE A 26 -5.71 5.97 -4.48
C PHE A 26 -6.92 6.59 -3.81
N ALA A 27 -6.77 7.83 -3.37
CA ALA A 27 -7.86 8.55 -2.70
C ALA A 27 -9.10 8.58 -3.57
N ALA A 28 -8.90 8.60 -4.89
CA ALA A 28 -10.01 8.63 -5.83
C ALA A 28 -10.66 7.26 -5.96
N GLY A 29 -9.84 6.22 -5.89
CA GLY A 29 -10.35 4.86 -6.01
C GLY A 29 -10.97 4.37 -4.72
N GLY A 30 -11.06 5.25 -3.73
CA GLY A 30 -11.63 4.88 -2.45
C GLY A 30 -10.59 4.40 -1.46
N TYR A 31 -9.34 4.77 -1.70
CA TYR A 31 -8.24 4.37 -0.83
C TYR A 31 -7.51 5.60 -0.29
N SER A 32 -7.72 5.89 1.00
CA SER A 32 -7.08 7.03 1.63
C SER A 32 -6.14 6.57 2.74
N SER A 33 -6.23 5.30 3.10
CA SER A 33 -5.38 4.74 4.15
C SER A 33 -4.68 3.48 3.67
N LEU A 34 -3.78 2.95 4.49
CA LEU A 34 -3.04 1.74 4.14
C LEU A 34 -3.92 0.51 4.26
N GLY A 35 -4.71 0.45 5.33
CA GLY A 35 -5.61 -0.68 5.54
C GLY A 35 -6.30 -1.11 4.26
N MET A 36 -6.91 -0.15 3.58
CA MET A 36 -7.62 -0.45 2.33
C MET A 36 -6.63 -0.73 1.20
N VAL A 37 -5.47 -0.09 1.26
CA VAL A 37 -4.45 -0.28 0.24
C VAL A 37 -3.79 -1.65 0.36
N LEU A 38 -3.81 -2.21 1.56
CA LEU A 38 -3.23 -3.53 1.81
C LEU A 38 -4.11 -4.63 1.25
N ARG A 39 -5.40 -4.33 1.11
CA ARG A 39 -6.36 -5.31 0.58
C ARG A 39 -6.59 -5.08 -0.91
N MET A 40 -5.68 -4.36 -1.54
CA MET A 40 -5.78 -4.07 -2.97
C MET A 40 -4.97 -5.07 -3.79
N ASN A 41 -4.98 -4.91 -5.11
CA ASN A 41 -4.25 -5.80 -6.00
C ASN A 41 -4.20 -5.23 -7.42
N ALA A 42 -3.29 -5.76 -8.23
CA ALA A 42 -3.15 -5.30 -9.61
C ALA A 42 -4.49 -4.87 -10.19
N GLN A 43 -5.55 -5.55 -9.79
CA GLN A 43 -6.90 -5.24 -10.27
C GLN A 43 -7.32 -3.84 -9.82
N ASP A 44 -7.24 -3.60 -8.51
CA ASP A 44 -7.61 -2.31 -7.96
C ASP A 44 -6.62 -1.23 -8.37
N VAL A 45 -5.35 -1.43 -8.02
CA VAL A 45 -4.30 -0.48 -8.34
C VAL A 45 -4.42 -0.01 -9.79
N ARG A 46 -4.47 -0.97 -10.72
CA ARG A 46 -4.59 -0.65 -12.13
C ARG A 46 -5.67 0.39 -12.37
N ALA A 47 -6.77 0.28 -11.63
CA ALA A 47 -7.88 1.22 -11.77
C ALA A 47 -7.46 2.63 -11.39
N LEU A 48 -6.57 2.74 -10.41
CA LEU A 48 -6.08 4.04 -9.95
C LEU A 48 -5.41 4.78 -11.09
N GLY A 49 -4.92 4.05 -12.07
CA GLY A 49 -4.26 4.67 -13.21
C GLY A 49 -2.83 4.18 -13.39
N ILE A 50 -2.23 3.71 -12.30
CA ILE A 50 -0.87 3.21 -12.34
C ILE A 50 -0.79 1.85 -13.02
N THR A 51 -0.38 1.86 -14.28
CA THR A 51 -0.27 0.63 -15.05
C THR A 51 1.18 0.37 -15.45
N LEU A 52 1.97 1.42 -15.52
CA LEU A 52 3.38 1.31 -15.90
C LEU A 52 4.08 0.24 -15.06
N MET A 53 4.42 -0.87 -15.70
CA MET A 53 5.10 -1.97 -15.03
C MET A 53 6.17 -1.45 -14.07
N GLY A 54 6.96 -0.49 -14.55
CA GLY A 54 8.01 0.08 -13.72
C GLY A 54 7.49 0.60 -12.40
N HIS A 55 6.28 1.15 -12.41
CA HIS A 55 5.67 1.69 -11.20
C HIS A 55 4.78 0.65 -10.53
N GLN A 56 3.77 0.19 -11.27
CA GLN A 56 2.84 -0.81 -10.74
C GLN A 56 3.57 -1.82 -9.85
N LYS A 57 4.81 -2.12 -10.20
CA LYS A 57 5.61 -3.06 -9.43
C LYS A 57 5.96 -2.50 -8.06
N LYS A 58 6.37 -1.23 -8.04
CA LYS A 58 6.73 -0.57 -6.79
C LYS A 58 5.55 -0.56 -5.82
N ILE A 59 4.46 0.08 -6.23
CA ILE A 59 3.27 0.16 -5.40
C ILE A 59 2.85 -1.22 -4.90
N LEU A 60 2.49 -2.10 -5.84
CA LEU A 60 2.07 -3.45 -5.50
C LEU A 60 3.14 -4.16 -4.66
N GLY A 61 4.34 -4.28 -5.22
CA GLY A 61 5.42 -4.94 -4.52
C GLY A 61 5.57 -4.44 -3.10
N SER A 62 5.42 -3.13 -2.91
CA SER A 62 5.55 -2.52 -1.59
C SER A 62 4.36 -2.88 -0.71
N ILE A 63 3.19 -3.03 -1.33
CA ILE A 63 1.98 -3.38 -0.61
C ILE A 63 2.00 -4.83 -0.15
N GLN A 64 2.21 -5.73 -1.10
CA GLN A 64 2.26 -7.16 -0.80
C GLN A 64 3.04 -7.42 0.48
N THR A 65 4.08 -6.62 0.71
CA THR A 65 4.91 -6.76 1.91
C THR A 65 4.33 -5.98 3.07
N MET A 66 3.56 -4.94 2.77
CA MET A 66 2.94 -4.11 3.80
C MET A 66 1.73 -4.81 4.39
N ARG A 67 1.04 -5.60 3.58
CA ARG A 67 -0.15 -6.32 4.03
C ARG A 67 0.24 -7.65 4.67
N ALA A 68 1.33 -8.24 4.21
CA ALA A 68 1.81 -9.50 4.73
C ALA A 68 2.01 -9.42 6.24
N GLN A 69 2.46 -8.27 6.72
CA GLN A 69 2.69 -8.08 8.15
C GLN A 69 1.46 -8.48 8.96
N LEU A 70 0.28 -8.24 8.39
CA LEU A 70 -0.97 -8.57 9.06
C LEU A 70 -1.06 -10.07 9.33
N THR A 71 -1.21 -10.85 8.27
CA THR A 71 -1.31 -12.29 8.38
C THR A 71 -0.09 -12.88 9.10
N SER A 72 1.09 -12.42 8.70
CA SER A 72 2.34 -12.90 9.30
C SER A 72 2.27 -12.82 10.82
N THR A 73 3.03 -13.67 11.49
CA THR A 73 3.06 -13.71 12.94
C THR A 73 3.48 -12.35 13.50
N GLN A 74 4.64 -11.87 13.09
CA GLN A 74 5.15 -10.58 13.56
C GLN A 74 4.74 -9.46 12.61
N GLY A 75 4.35 -8.33 13.18
CA GLY A 75 3.93 -7.19 12.38
C GLY A 75 2.53 -6.74 12.69
N SER A 76 2.17 -6.76 13.98
CA SER A 76 0.84 -6.35 14.40
C SER A 76 0.85 -4.91 14.93
N GLY A 77 1.66 -4.67 15.95
CA GLY A 77 1.75 -3.34 16.52
C GLY A 77 1.49 -3.33 18.01
N PRO A 78 2.09 -2.37 18.72
CA PRO A 78 1.94 -2.23 20.17
C PRO A 78 0.48 -2.19 20.60
N SER A 79 -0.35 -1.50 19.81
CA SER A 79 -1.77 -1.39 20.10
C SER A 79 -2.56 -1.10 18.83
N SER A 80 -3.88 -1.09 18.96
CA SER A 80 -4.76 -0.84 17.82
C SER A 80 -4.94 0.66 17.60
N GLY A 81 -4.69 1.10 16.37
CA GLY A 81 -4.84 2.51 16.05
C GLY A 81 -4.34 3.41 17.16
N GLY A 1 14.36 -1.63 14.10
CA GLY A 1 13.74 -0.31 14.11
C GLY A 1 12.61 -0.22 15.11
N SER A 2 12.30 1.01 15.54
CA SER A 2 11.24 1.24 16.51
C SER A 2 10.00 1.81 15.83
N SER A 3 8.85 1.63 16.47
CA SER A 3 7.58 2.11 15.93
C SER A 3 6.99 3.20 16.82
N GLY A 4 6.99 4.43 16.33
CA GLY A 4 6.45 5.53 17.10
C GLY A 4 4.96 5.74 16.85
N SER A 5 4.61 6.03 15.60
CA SER A 5 3.21 6.25 15.24
C SER A 5 2.69 5.13 14.34
N SER A 6 1.58 4.53 14.73
CA SER A 6 0.98 3.44 13.97
C SER A 6 -0.21 3.95 13.15
N GLY A 7 -0.06 3.91 11.83
CA GLY A 7 -1.12 4.36 10.95
C GLY A 7 -0.73 5.58 10.14
N LEU A 8 -0.33 5.35 8.89
CA LEU A 8 0.07 6.44 8.00
C LEU A 8 -0.94 6.62 6.87
N THR A 9 -0.66 7.57 5.99
CA THR A 9 -1.54 7.86 4.86
C THR A 9 -0.96 7.31 3.56
N VAL A 10 -1.85 6.92 2.65
CA VAL A 10 -1.42 6.37 1.36
C VAL A 10 -0.24 7.16 0.80
N GLY A 11 -0.10 8.41 1.23
CA GLY A 11 0.99 9.24 0.76
C GLY A 11 2.31 8.90 1.44
N ASP A 12 2.28 8.80 2.76
CA ASP A 12 3.48 8.48 3.52
C ASP A 12 4.16 7.22 2.97
N TRP A 13 3.42 6.13 2.95
CA TRP A 13 3.94 4.87 2.45
C TRP A 13 4.43 5.00 1.01
N LEU A 14 3.52 5.35 0.11
CA LEU A 14 3.85 5.53 -1.29
C LEU A 14 5.12 6.35 -1.46
N ASP A 15 5.20 7.45 -0.70
CA ASP A 15 6.37 8.33 -0.75
C ASP A 15 7.66 7.53 -0.62
N SER A 16 7.68 6.60 0.31
CA SER A 16 8.86 5.77 0.54
C SER A 16 9.34 5.14 -0.77
N ILE A 17 8.40 4.60 -1.53
CA ILE A 17 8.72 3.97 -2.80
C ILE A 17 8.68 4.98 -3.95
N ARG A 18 8.63 6.26 -3.59
CA ARG A 18 8.59 7.32 -4.59
C ARG A 18 7.36 7.18 -5.48
N MET A 19 6.25 6.75 -4.89
CA MET A 19 5.00 6.58 -5.64
C MET A 19 3.91 7.48 -5.09
N GLY A 20 4.24 8.22 -4.03
CA GLY A 20 3.27 9.11 -3.42
C GLY A 20 2.59 10.02 -4.44
N ARG A 21 3.23 10.18 -5.60
CA ARG A 21 2.70 11.02 -6.66
C ARG A 21 1.33 10.51 -7.12
N TYR A 22 1.11 9.21 -6.97
CA TYR A 22 -0.14 8.59 -7.38
C TYR A 22 -1.15 8.60 -6.24
N ARG A 23 -0.68 8.94 -5.05
CA ARG A 23 -1.54 8.98 -3.86
C ARG A 23 -2.93 9.49 -4.22
N ASP A 24 -2.99 10.70 -4.75
CA ASP A 24 -4.27 11.30 -5.14
C ASP A 24 -5.15 10.28 -5.85
N HIS A 25 -4.54 9.46 -6.68
CA HIS A 25 -5.27 8.43 -7.42
C HIS A 25 -6.00 7.49 -6.47
N PHE A 26 -5.23 6.81 -5.63
CA PHE A 26 -5.80 5.87 -4.66
C PHE A 26 -7.00 6.48 -3.96
N ALA A 27 -6.84 7.70 -3.47
CA ALA A 27 -7.90 8.41 -2.77
C ALA A 27 -9.18 8.46 -3.61
N ALA A 28 -9.00 8.57 -4.92
CA ALA A 28 -10.13 8.61 -5.85
C ALA A 28 -10.80 7.25 -5.98
N GLY A 29 -9.98 6.20 -6.03
CA GLY A 29 -10.49 4.86 -6.16
C GLY A 29 -11.15 4.36 -4.88
N GLY A 30 -11.18 5.21 -3.87
CA GLY A 30 -11.77 4.83 -2.60
C GLY A 30 -10.75 4.33 -1.60
N TYR A 31 -9.48 4.65 -1.85
CA TYR A 31 -8.40 4.22 -0.97
C TYR A 31 -7.63 5.43 -0.43
N SER A 32 -7.91 5.79 0.82
CA SER A 32 -7.24 6.92 1.46
C SER A 32 -6.36 6.45 2.60
N SER A 33 -6.51 5.18 3.00
CA SER A 33 -5.74 4.62 4.09
C SER A 33 -4.92 3.42 3.61
N LEU A 34 -3.99 2.98 4.45
CA LEU A 34 -3.14 1.84 4.11
C LEU A 34 -3.89 0.53 4.28
N GLY A 35 -4.60 0.41 5.40
CA GLY A 35 -5.36 -0.80 5.68
C GLY A 35 -6.13 -1.29 4.46
N MET A 36 -6.80 -0.37 3.79
CA MET A 36 -7.58 -0.72 2.60
C MET A 36 -6.67 -0.94 1.40
N VAL A 37 -5.54 -0.25 1.38
CA VAL A 37 -4.58 -0.37 0.29
C VAL A 37 -3.90 -1.74 0.31
N LEU A 38 -3.76 -2.30 1.50
CA LEU A 38 -3.12 -3.62 1.65
C LEU A 38 -4.00 -4.71 1.05
N ARG A 39 -5.30 -4.43 0.94
CA ARG A 39 -6.24 -5.39 0.38
C ARG A 39 -6.48 -5.12 -1.11
N MET A 40 -5.61 -4.31 -1.70
CA MET A 40 -5.74 -3.97 -3.11
C MET A 40 -4.82 -4.85 -3.97
N ASN A 41 -5.07 -4.85 -5.27
CA ASN A 41 -4.27 -5.64 -6.20
C ASN A 41 -4.19 -4.98 -7.57
N ALA A 42 -3.29 -5.47 -8.42
CA ALA A 42 -3.13 -4.92 -9.76
C ALA A 42 -4.47 -4.49 -10.34
N GLN A 43 -5.46 -5.36 -10.23
CA GLN A 43 -6.79 -5.08 -10.76
C GLN A 43 -7.29 -3.71 -10.27
N ASP A 44 -7.17 -3.48 -8.97
CA ASP A 44 -7.59 -2.22 -8.38
C ASP A 44 -6.63 -1.09 -8.74
N VAL A 45 -5.36 -1.29 -8.41
CA VAL A 45 -4.32 -0.29 -8.69
C VAL A 45 -4.44 0.23 -10.12
N ARG A 46 -4.43 -0.70 -11.08
CA ARG A 46 -4.54 -0.33 -12.49
C ARG A 46 -5.60 0.74 -12.69
N ALA A 47 -6.75 0.54 -12.09
CA ALA A 47 -7.86 1.48 -12.21
C ALA A 47 -7.43 2.88 -11.79
N LEU A 48 -6.54 2.95 -10.79
CA LEU A 48 -6.05 4.23 -10.29
C LEU A 48 -5.34 5.01 -11.40
N GLY A 49 -4.82 4.28 -12.38
CA GLY A 49 -4.12 4.93 -13.48
C GLY A 49 -2.70 4.44 -13.63
N ILE A 50 -2.11 4.00 -12.52
CA ILE A 50 -0.73 3.51 -12.54
C ILE A 50 -0.64 2.16 -13.25
N THR A 51 -0.12 2.17 -14.48
CA THR A 51 0.02 0.95 -15.26
C THR A 51 1.48 0.69 -15.61
N LEU A 52 2.29 1.73 -15.49
CA LEU A 52 3.72 1.61 -15.81
C LEU A 52 4.34 0.41 -15.10
N MET A 53 4.49 -0.68 -15.85
CA MET A 53 5.08 -1.90 -15.29
C MET A 53 6.02 -1.58 -14.13
N GLY A 54 6.99 -0.72 -14.39
CA GLY A 54 7.95 -0.34 -13.37
C GLY A 54 7.27 0.12 -12.08
N HIS A 55 6.51 1.20 -12.16
CA HIS A 55 5.81 1.74 -11.01
C HIS A 55 4.82 0.71 -10.46
N GLN A 56 3.95 0.21 -11.34
CA GLN A 56 2.95 -0.77 -10.93
C GLN A 56 3.56 -1.83 -10.02
N LYS A 57 4.83 -2.11 -10.22
CA LYS A 57 5.54 -3.10 -9.41
C LYS A 57 5.94 -2.52 -8.06
N LYS A 58 6.22 -1.22 -8.04
CA LYS A 58 6.61 -0.53 -6.81
C LYS A 58 5.46 -0.49 -5.82
N ILE A 59 4.33 0.04 -6.26
CA ILE A 59 3.14 0.14 -5.40
C ILE A 59 2.71 -1.24 -4.91
N LEU A 60 2.36 -2.11 -5.84
CA LEU A 60 1.93 -3.47 -5.51
C LEU A 60 3.01 -4.22 -4.74
N GLY A 61 4.17 -4.38 -5.37
CA GLY A 61 5.28 -5.07 -4.74
C GLY A 61 5.43 -4.69 -3.27
N SER A 62 5.21 -3.42 -2.97
CA SER A 62 5.34 -2.92 -1.61
C SER A 62 4.10 -3.28 -0.79
N ILE A 63 2.96 -3.40 -1.46
CA ILE A 63 1.71 -3.74 -0.80
C ILE A 63 1.67 -5.21 -0.41
N GLN A 64 1.98 -6.08 -1.37
CA GLN A 64 1.98 -7.52 -1.13
C GLN A 64 2.77 -7.85 0.13
N THR A 65 3.91 -7.20 0.30
CA THR A 65 4.76 -7.42 1.47
C THR A 65 4.27 -6.63 2.67
N MET A 66 3.77 -5.42 2.42
CA MET A 66 3.27 -4.56 3.48
C MET A 66 2.21 -5.29 4.31
N ARG A 67 1.37 -6.05 3.63
CA ARG A 67 0.30 -6.80 4.30
C ARG A 67 0.82 -8.13 4.83
N ALA A 68 1.73 -8.74 4.07
CA ALA A 68 2.30 -10.03 4.47
C ALA A 68 2.86 -9.97 5.89
N GLN A 69 3.53 -8.87 6.20
CA GLN A 69 4.12 -8.68 7.53
C GLN A 69 3.06 -8.27 8.54
N LEU A 70 2.15 -7.41 8.11
CA LEU A 70 1.08 -6.93 8.98
C LEU A 70 -0.03 -7.97 9.11
N THR A 71 -1.06 -7.64 9.87
CA THR A 71 -2.19 -8.54 10.07
C THR A 71 -3.49 -7.92 9.58
N SER A 72 -3.64 -6.62 9.81
CA SER A 72 -4.84 -5.90 9.39
C SER A 72 -6.08 -6.48 10.07
N THR A 73 -5.96 -6.78 11.36
CA THR A 73 -7.07 -7.33 12.12
C THR A 73 -7.86 -6.24 12.82
N GLN A 74 -9.06 -5.96 12.30
CA GLN A 74 -9.91 -4.93 12.87
C GLN A 74 -10.84 -5.52 13.94
N GLY A 75 -11.52 -6.61 13.58
CA GLY A 75 -12.42 -7.25 14.52
C GLY A 75 -13.77 -7.54 13.91
N SER A 76 -14.34 -6.56 13.22
CA SER A 76 -15.65 -6.72 12.59
C SER A 76 -15.52 -7.46 11.26
N GLY A 77 -16.56 -8.21 10.91
CA GLY A 77 -16.55 -8.96 9.67
C GLY A 77 -17.82 -8.79 8.88
N PRO A 78 -18.01 -9.64 7.86
CA PRO A 78 -19.19 -9.60 7.00
C PRO A 78 -20.49 -9.62 7.79
N SER A 79 -21.62 -9.64 7.09
CA SER A 79 -22.93 -9.66 7.73
C SER A 79 -23.95 -10.39 6.87
N SER A 80 -24.24 -11.63 7.23
CA SER A 80 -25.19 -12.45 6.49
C SER A 80 -26.37 -12.86 7.37
N GLY A 81 -27.54 -12.27 7.12
CA GLY A 81 -28.71 -12.59 7.91
C GLY A 81 -29.84 -11.61 7.69
N GLY A 1 13.55 5.79 9.54
CA GLY A 1 13.96 5.31 8.23
C GLY A 1 14.12 3.80 8.20
N SER A 2 13.68 3.19 7.10
CA SER A 2 13.78 1.74 6.94
C SER A 2 12.98 1.03 8.03
N SER A 3 11.80 1.56 8.34
CA SER A 3 10.95 0.97 9.36
C SER A 3 9.50 0.92 8.90
N GLY A 4 8.89 -0.26 8.98
CA GLY A 4 7.51 -0.42 8.57
C GLY A 4 6.54 0.19 9.55
N SER A 5 6.60 1.51 9.73
CA SER A 5 5.72 2.21 10.65
C SER A 5 4.28 2.12 10.20
N SER A 6 3.38 1.85 11.14
CA SER A 6 1.95 1.73 10.83
C SER A 6 1.21 3.00 11.24
N GLY A 7 0.10 3.27 10.55
CA GLY A 7 -0.69 4.46 10.87
C GLY A 7 -0.29 5.65 10.03
N LEU A 8 -0.09 5.43 8.74
CA LEU A 8 0.30 6.51 7.83
C LEU A 8 -0.75 6.72 6.75
N THR A 9 -0.46 7.62 5.82
CA THR A 9 -1.38 7.93 4.73
C THR A 9 -0.84 7.43 3.39
N VAL A 10 -1.74 7.05 2.51
CA VAL A 10 -1.35 6.55 1.18
C VAL A 10 -0.13 7.31 0.66
N GLY A 11 0.03 8.55 1.09
CA GLY A 11 1.15 9.35 0.65
C GLY A 11 2.45 8.93 1.30
N ASP A 12 2.43 8.79 2.63
CA ASP A 12 3.62 8.39 3.38
C ASP A 12 4.25 7.15 2.76
N TRP A 13 3.53 6.04 2.80
CA TRP A 13 4.03 4.78 2.25
C TRP A 13 4.53 4.98 0.83
N LEU A 14 3.63 5.37 -0.07
CA LEU A 14 3.98 5.60 -1.47
C LEU A 14 5.24 6.44 -1.58
N ASP A 15 5.36 7.44 -0.72
CA ASP A 15 6.53 8.32 -0.73
C ASP A 15 7.82 7.51 -0.64
N SER A 16 7.81 6.46 0.17
CA SER A 16 8.97 5.61 0.35
C SER A 16 9.44 5.05 -0.99
N ILE A 17 8.48 4.71 -1.85
CA ILE A 17 8.79 4.16 -3.17
C ILE A 17 8.77 5.25 -4.24
N ARG A 18 8.78 6.51 -3.80
CA ARG A 18 8.76 7.64 -4.72
C ARG A 18 7.57 7.54 -5.67
N MET A 19 6.50 6.90 -5.21
CA MET A 19 5.30 6.75 -6.02
C MET A 19 4.15 7.60 -5.48
N GLY A 20 4.45 8.40 -4.46
CA GLY A 20 3.44 9.25 -3.86
C GLY A 20 2.70 10.09 -4.89
N ARG A 21 3.30 10.24 -6.07
CA ARG A 21 2.70 11.01 -7.14
C ARG A 21 1.37 10.42 -7.57
N TYR A 22 1.17 9.13 -7.26
CA TYR A 22 -0.06 8.44 -7.62
C TYR A 22 -1.06 8.47 -6.47
N ARG A 23 -0.59 8.90 -5.29
CA ARG A 23 -1.45 8.97 -4.11
C ARG A 23 -2.81 9.52 -4.47
N ASP A 24 -2.84 10.70 -5.10
CA ASP A 24 -4.09 11.33 -5.49
C ASP A 24 -5.03 10.31 -6.13
N HIS A 25 -4.47 9.37 -6.87
CA HIS A 25 -5.25 8.34 -7.54
C HIS A 25 -5.97 7.46 -6.52
N PHE A 26 -5.21 6.79 -5.66
CA PHE A 26 -5.77 5.92 -4.65
C PHE A 26 -6.94 6.60 -3.94
N ALA A 27 -6.77 7.87 -3.61
CA ALA A 27 -7.80 8.64 -2.93
C ALA A 27 -9.09 8.67 -3.74
N ALA A 28 -8.95 8.61 -5.06
CA ALA A 28 -10.10 8.61 -5.95
C ALA A 28 -10.80 7.26 -5.96
N GLY A 29 -10.01 6.19 -5.96
CA GLY A 29 -10.57 4.85 -5.98
C GLY A 29 -11.21 4.48 -4.65
N GLY A 30 -11.19 5.41 -3.71
CA GLY A 30 -11.77 5.15 -2.40
C GLY A 30 -10.73 4.71 -1.39
N TYR A 31 -9.47 5.04 -1.64
CA TYR A 31 -8.38 4.67 -0.75
C TYR A 31 -7.67 5.90 -0.21
N SER A 32 -7.92 6.23 1.05
CA SER A 32 -7.31 7.38 1.69
C SER A 32 -6.33 6.96 2.78
N SER A 33 -6.37 5.67 3.13
CA SER A 33 -5.49 5.13 4.16
C SER A 33 -4.84 3.83 3.69
N LEU A 34 -3.90 3.34 4.49
CA LEU A 34 -3.20 2.10 4.16
C LEU A 34 -4.08 0.88 4.46
N GLY A 35 -4.88 0.98 5.50
CA GLY A 35 -5.76 -0.11 5.88
C GLY A 35 -6.48 -0.71 4.68
N MET A 36 -7.04 0.14 3.84
CA MET A 36 -7.76 -0.31 2.65
C MET A 36 -6.79 -0.66 1.54
N VAL A 37 -5.67 0.06 1.47
CA VAL A 37 -4.66 -0.17 0.45
C VAL A 37 -4.18 -1.62 0.48
N LEU A 38 -4.12 -2.18 1.68
CA LEU A 38 -3.66 -3.56 1.85
C LEU A 38 -4.75 -4.55 1.43
N ARG A 39 -5.89 -4.01 1.01
CA ARG A 39 -7.01 -4.85 0.60
C ARG A 39 -7.13 -4.87 -0.92
N MET A 40 -6.50 -3.90 -1.58
CA MET A 40 -6.54 -3.82 -3.03
C MET A 40 -5.32 -4.50 -3.64
N ASN A 41 -5.31 -4.58 -4.97
CA ASN A 41 -4.19 -5.21 -5.68
C ASN A 41 -4.16 -4.78 -7.14
N ALA A 42 -3.19 -5.29 -7.89
CA ALA A 42 -3.05 -4.95 -9.29
C ALA A 42 -4.41 -4.71 -9.94
N GLN A 43 -5.40 -5.52 -9.56
CA GLN A 43 -6.74 -5.39 -10.10
C GLN A 43 -7.31 -4.00 -9.83
N ASP A 44 -7.30 -3.60 -8.57
CA ASP A 44 -7.81 -2.29 -8.18
C ASP A 44 -6.83 -1.18 -8.58
N VAL A 45 -5.55 -1.40 -8.30
CA VAL A 45 -4.52 -0.43 -8.63
C VAL A 45 -4.63 0.02 -10.08
N ARG A 46 -4.63 -0.94 -11.00
CA ARG A 46 -4.73 -0.63 -12.42
C ARG A 46 -5.78 0.45 -12.67
N ALA A 47 -6.91 0.35 -11.97
CA ALA A 47 -7.99 1.32 -12.12
C ALA A 47 -7.52 2.71 -11.73
N LEU A 48 -6.65 2.78 -10.74
CA LEU A 48 -6.13 4.06 -10.26
C LEU A 48 -5.44 4.82 -11.40
N GLY A 49 -4.87 4.07 -12.34
CA GLY A 49 -4.18 4.68 -13.46
C GLY A 49 -2.74 4.23 -13.57
N ILE A 50 -2.22 3.66 -12.48
CA ILE A 50 -0.84 3.19 -12.46
C ILE A 50 -0.71 1.82 -13.15
N THR A 51 -0.21 1.84 -14.38
CA THR A 51 -0.04 0.60 -15.13
C THR A 51 1.43 0.37 -15.50
N LEU A 52 2.20 1.46 -15.50
CA LEU A 52 3.62 1.37 -15.83
C LEU A 52 4.30 0.27 -15.03
N MET A 53 4.57 -0.85 -15.68
CA MET A 53 5.22 -1.98 -15.03
C MET A 53 6.22 -1.50 -13.97
N GLY A 54 7.13 -0.62 -14.38
CA GLY A 54 8.12 -0.10 -13.46
C GLY A 54 7.50 0.43 -12.19
N HIS A 55 6.40 1.17 -12.32
CA HIS A 55 5.70 1.74 -11.17
C HIS A 55 4.80 0.70 -10.51
N GLN A 56 3.84 0.19 -11.27
CA GLN A 56 2.91 -0.81 -10.76
C GLN A 56 3.60 -1.76 -9.80
N LYS A 57 4.87 -2.05 -10.09
CA LYS A 57 5.66 -2.96 -9.26
C LYS A 57 5.96 -2.33 -7.90
N LYS A 58 6.39 -1.08 -7.93
CA LYS A 58 6.72 -0.36 -6.69
C LYS A 58 5.52 -0.32 -5.75
N ILE A 59 4.45 0.32 -6.20
CA ILE A 59 3.23 0.42 -5.39
C ILE A 59 2.81 -0.94 -4.86
N LEU A 60 2.33 -1.80 -5.76
CA LEU A 60 1.90 -3.15 -5.37
C LEU A 60 2.99 -3.87 -4.60
N GLY A 61 4.14 -4.05 -5.23
CA GLY A 61 5.25 -4.73 -4.56
C GLY A 61 5.39 -4.33 -3.11
N SER A 62 5.14 -3.06 -2.82
CA SER A 62 5.25 -2.56 -1.45
C SER A 62 4.02 -2.96 -0.63
N ILE A 63 2.86 -2.97 -1.27
CA ILE A 63 1.63 -3.33 -0.59
C ILE A 63 1.64 -4.79 -0.17
N GLN A 64 1.94 -5.68 -1.12
CA GLN A 64 1.99 -7.11 -0.85
C GLN A 64 2.84 -7.39 0.39
N THR A 65 3.95 -6.67 0.52
CA THR A 65 4.84 -6.85 1.66
C THR A 65 4.35 -6.07 2.88
N MET A 66 3.56 -5.03 2.64
CA MET A 66 3.02 -4.21 3.71
C MET A 66 1.92 -4.96 4.46
N ARG A 67 1.23 -5.84 3.75
CA ARG A 67 0.14 -6.62 4.35
C ARG A 67 0.68 -7.93 4.94
N ALA A 68 1.66 -8.52 4.26
CA ALA A 68 2.25 -9.77 4.72
C ALA A 68 2.61 -9.69 6.20
N GLN A 69 3.22 -8.57 6.61
CA GLN A 69 3.62 -8.38 7.99
C GLN A 69 2.43 -8.53 8.92
N LEU A 70 1.24 -8.19 8.43
CA LEU A 70 0.03 -8.29 9.23
C LEU A 70 -0.55 -9.70 9.18
N THR A 71 -0.81 -10.18 7.97
CA THR A 71 -1.37 -11.52 7.78
C THR A 71 -0.61 -12.54 8.62
N SER A 72 0.72 -12.45 8.61
CA SER A 72 1.56 -13.37 9.36
C SER A 72 1.39 -13.16 10.86
N THR A 73 0.77 -14.12 11.53
CA THR A 73 0.54 -14.04 12.96
C THR A 73 1.39 -15.05 13.71
N GLN A 74 1.46 -14.91 15.03
CA GLN A 74 2.23 -15.82 15.86
C GLN A 74 2.11 -17.25 15.35
N GLY A 75 0.90 -17.65 15.01
CA GLY A 75 0.67 -19.00 14.51
C GLY A 75 -0.58 -19.62 15.08
N SER A 76 -0.42 -20.55 16.03
CA SER A 76 -1.55 -21.22 16.65
C SER A 76 -2.40 -21.93 15.60
N GLY A 77 -1.73 -22.59 14.66
CA GLY A 77 -2.45 -23.30 13.61
C GLY A 77 -2.73 -22.42 12.40
N PRO A 78 -1.85 -22.49 11.40
CA PRO A 78 -1.98 -21.70 10.17
C PRO A 78 -3.36 -21.85 9.53
N SER A 79 -4.08 -20.74 9.42
CA SER A 79 -5.41 -20.76 8.83
C SER A 79 -5.47 -19.90 7.58
N SER A 80 -5.61 -20.55 6.42
CA SER A 80 -5.67 -19.83 5.14
C SER A 80 -7.09 -19.85 4.58
N GLY A 81 -7.71 -18.68 4.54
CA GLY A 81 -9.06 -18.58 4.02
C GLY A 81 -9.13 -17.72 2.76
#